data_9MDF
#
_entry.id   9MDF
#
_cell.length_a   84.822
_cell.length_b   94.720
_cell.length_c   87.332
_cell.angle_alpha   90.00
_cell.angle_beta   94.88
_cell.angle_gamma   90.00
#
_symmetry.space_group_name_H-M   'P 1 21 1'
#
loop_
_entity.id
_entity.type
_entity.pdbx_description
1 polymer 'Prostaglandin reductase 1'
2 non-polymer 'ACETATE ION'
3 non-polymer INDOMETHACIN
4 non-polymer 'NADP NICOTINAMIDE-ADENINE-DINUCLEOTIDE PHOSPHATE'
5 non-polymer GLYCEROL
6 water water
#
_entity_poly.entity_id   1
_entity_poly.type   'polypeptide(L)'
_entity_poly.pdbx_seq_one_letter_code
;GPGSMTKTWTLKKHFVGYPTNSDFELKTSELPPLKNGEVLLEALFLTVDPYMRVAAKRLKEGDTMMGQQVAKVVESKNVA
LPKGTIVLASPGWTTHSISDGKDLEKLLTEWPDTIPLSLALGTVGMPGLTAYFGLLEICGVKGGETVMVNAAAGAVGSVV
GQIAKLKGCKVVGAVGSDEKVAYLQKLGFDVVFNYKTVESLEETLKKASPDGYDCYFDNVGGEFSNTVIGQMKKFGRIAI
CGAISTYNRTGPLPPGPPPEIVIYQELRMEAFVVYRWQGDARQKALKDLLKWVLEGKIQYKEYIIEGFENMPAAFMGMLK
GDNLGKTIVKA
;
_entity_poly.pdbx_strand_id   A,B,C,D
#
loop_
_chem_comp.id
_chem_comp.type
_chem_comp.name
_chem_comp.formula
ACT non-polymer 'ACETATE ION' 'C2 H3 O2 -1'
GOL non-polymer GLYCEROL 'C3 H8 O3'
IMN non-polymer INDOMETHACIN 'C19 H16 Cl N O4'
NAP non-polymer 'NADP NICOTINAMIDE-ADENINE-DINUCLEOTIDE PHOSPHATE' 'C21 H28 N7 O17 P3'
#
# COMPACT_ATOMS: atom_id res chain seq x y z
N GLY A 3 30.92 -8.49 -42.75
CA GLY A 3 30.57 -7.42 -43.72
C GLY A 3 30.21 -6.11 -43.05
N SER A 4 28.91 -5.82 -42.98
CA SER A 4 28.43 -4.57 -42.42
C SER A 4 28.46 -4.60 -40.90
N MET A 5 28.68 -3.43 -40.30
CA MET A 5 28.73 -3.28 -38.85
C MET A 5 27.47 -2.58 -38.36
N THR A 6 27.13 -2.84 -37.09
CA THR A 6 25.92 -2.30 -36.49
C THR A 6 26.17 -2.03 -35.02
N LYS A 7 25.30 -1.18 -34.45
CA LYS A 7 25.31 -0.88 -33.02
C LYS A 7 23.92 -1.15 -32.46
N THR A 8 23.88 -1.71 -31.25
CA THR A 8 22.63 -2.14 -30.64
C THR A 8 22.63 -1.79 -29.17
N TRP A 9 21.55 -1.18 -28.70
CA TRP A 9 21.35 -0.91 -27.29
C TRP A 9 20.63 -2.12 -26.67
N THR A 10 21.23 -2.69 -25.64
CA THR A 10 20.67 -3.83 -24.94
C THR A 10 20.35 -3.44 -23.50
N LEU A 11 19.42 -4.17 -22.91
CA LEU A 11 19.07 -4.01 -21.49
C LEU A 11 20.06 -4.81 -20.66
N LYS A 12 21.03 -4.13 -20.05
CA LYS A 12 21.99 -4.85 -19.21
C LYS A 12 21.35 -5.29 -17.89
N LYS A 13 20.52 -4.44 -17.29
CA LYS A 13 19.89 -4.75 -16.02
C LYS A 13 18.45 -4.28 -16.02
N HIS A 14 17.57 -5.08 -15.42
CA HIS A 14 16.18 -4.70 -15.29
C HIS A 14 16.05 -3.41 -14.49
N PHE A 15 15.14 -2.55 -14.92
CA PHE A 15 14.98 -1.24 -14.29
C PHE A 15 14.47 -1.38 -12.86
N VAL A 16 15.02 -0.57 -11.97
CA VAL A 16 14.51 -0.40 -10.62
C VAL A 16 14.21 1.09 -10.48
N GLY A 17 12.92 1.43 -10.39
CA GLY A 17 12.55 2.83 -10.49
C GLY A 17 12.82 3.33 -11.90
N TYR A 18 13.24 4.59 -12.00
CA TYR A 18 13.53 5.15 -13.31
C TYR A 18 14.74 4.45 -13.94
N PRO A 19 14.76 4.29 -15.27
CA PRO A 19 15.96 3.78 -15.92
C PRO A 19 17.14 4.72 -15.72
N THR A 20 18.34 4.14 -15.75
CA THR A 20 19.58 4.89 -15.65
C THR A 20 20.54 4.42 -16.75
N ASN A 21 21.63 5.17 -16.93
CA ASN A 21 22.61 4.81 -17.95
C ASN A 21 23.15 3.40 -17.70
N SER A 22 23.35 3.03 -16.43
CA SER A 22 23.94 1.74 -16.12
C SER A 22 23.06 0.58 -16.53
N ASP A 23 21.77 0.82 -16.80
CA ASP A 23 20.86 -0.25 -17.20
C ASP A 23 20.94 -0.57 -18.68
N PHE A 24 21.71 0.18 -19.47
CA PHE A 24 21.85 -0.06 -20.89
C PHE A 24 23.32 -0.32 -21.23
N GLU A 25 23.54 -1.03 -22.34
CA GLU A 25 24.89 -1.29 -22.83
C GLU A 25 24.89 -1.28 -24.35
N LEU A 26 25.74 -0.43 -24.92
CA LEU A 26 25.91 -0.39 -26.36
C LEU A 26 26.85 -1.51 -26.80
N LYS A 27 26.44 -2.26 -27.82
CA LYS A 27 27.20 -3.40 -28.33
C LYS A 27 27.35 -3.28 -29.84
N THR A 28 28.56 -3.48 -30.33
CA THR A 28 28.85 -3.43 -31.76
C THR A 28 29.11 -4.84 -32.27
N SER A 29 28.37 -5.23 -33.31
CA SER A 29 28.50 -6.55 -33.92
C SER A 29 28.64 -6.38 -35.42
N GLU A 30 29.03 -7.47 -36.09
CA GLU A 30 29.14 -7.51 -37.54
C GLU A 30 28.04 -8.38 -38.10
N LEU A 31 27.13 -7.77 -38.87
CA LEU A 31 26.04 -8.51 -39.48
C LEU A 31 26.58 -9.37 -40.63
N PRO A 32 25.96 -10.51 -40.90
CA PRO A 32 26.42 -11.37 -42.00
C PRO A 32 26.15 -10.72 -43.34
N PRO A 33 26.81 -11.18 -44.40
CA PRO A 33 26.49 -10.67 -45.74
C PRO A 33 25.03 -10.95 -46.08
N LEU A 34 24.51 -10.18 -47.03
CA LEU A 34 23.13 -10.37 -47.45
C LEU A 34 23.00 -11.65 -48.27
N LYS A 35 21.91 -12.37 -48.04
CA LYS A 35 21.53 -13.51 -48.86
C LYS A 35 20.46 -13.07 -49.86
N ASN A 36 20.08 -13.98 -50.73
CA ASN A 36 19.04 -13.67 -51.70
C ASN A 36 17.75 -13.28 -50.99
N GLY A 37 17.11 -12.22 -51.50
CA GLY A 37 15.87 -11.74 -50.92
C GLY A 37 16.02 -10.89 -49.69
N GLU A 38 17.24 -10.64 -49.22
CA GLU A 38 17.47 -9.85 -48.02
C GLU A 38 17.91 -8.43 -48.39
N VAL A 39 17.69 -7.51 -47.46
CA VAL A 39 18.06 -6.11 -47.62
C VAL A 39 18.67 -5.61 -46.32
N LEU A 40 19.52 -4.59 -46.44
CA LEU A 40 20.16 -3.95 -45.30
C LEU A 40 19.47 -2.61 -45.05
N LEU A 41 19.02 -2.40 -43.81
CA LEU A 41 18.25 -1.23 -43.43
C LEU A 41 19.09 -0.36 -42.51
N GLU A 42 19.11 0.94 -42.80
CA GLU A 42 19.81 1.92 -41.99
C GLU A 42 18.78 2.82 -41.32
N ALA A 43 18.78 2.84 -39.99
CA ALA A 43 17.84 3.67 -39.26
C ALA A 43 18.10 5.14 -39.54
N LEU A 44 17.04 5.86 -39.93
CA LEU A 44 17.04 7.31 -40.07
C LEU A 44 16.50 7.99 -38.82
N PHE A 45 15.36 7.53 -38.32
CA PHE A 45 14.79 8.01 -37.07
C PHE A 45 14.30 6.82 -36.26
N LEU A 46 14.55 6.84 -34.96
CA LEU A 46 14.08 5.81 -34.06
C LEU A 46 13.20 6.45 -32.99
N THR A 47 12.20 5.71 -32.53
CA THR A 47 11.30 6.20 -31.50
C THR A 47 11.58 5.53 -30.16
N VAL A 48 11.37 6.30 -29.10
CA VAL A 48 11.30 5.77 -27.73
C VAL A 48 9.90 6.07 -27.22
N ASP A 49 9.32 5.10 -26.50
CA ASP A 49 7.93 5.20 -26.09
C ASP A 49 7.77 4.67 -24.67
N PRO A 50 6.78 5.18 -23.93
CA PRO A 50 6.61 4.74 -22.53
C PRO A 50 6.42 3.24 -22.39
N TYR A 51 5.78 2.57 -23.34
CA TYR A 51 5.52 1.14 -23.17
C TYR A 51 6.82 0.36 -22.98
N MET A 52 7.94 0.88 -23.50
CA MET A 52 9.21 0.17 -23.36
C MET A 52 9.63 0.02 -21.91
N ARG A 53 9.23 0.97 -21.05
CA ARG A 53 9.53 0.84 -19.63
C ARG A 53 8.87 -0.38 -19.02
N VAL A 54 7.70 -0.76 -19.52
CA VAL A 54 6.95 -1.88 -18.94
C VAL A 54 7.29 -3.19 -19.65
N ALA A 55 7.35 -3.18 -20.98
CA ALA A 55 7.64 -4.39 -21.73
C ALA A 55 9.06 -4.89 -21.49
N ALA A 56 9.96 -4.02 -21.05
CA ALA A 56 11.33 -4.44 -20.78
C ALA A 56 11.40 -5.47 -19.66
N LYS A 57 10.40 -5.50 -18.77
CA LYS A 57 10.40 -6.48 -17.69
C LYS A 57 10.28 -7.91 -18.21
N ARG A 58 9.72 -8.09 -19.40
CA ARG A 58 9.60 -9.40 -20.02
C ARG A 58 10.81 -9.76 -20.89
N LEU A 59 11.76 -8.85 -21.02
CA LEU A 59 13.03 -9.16 -21.68
C LEU A 59 13.96 -9.91 -20.73
N LYS A 60 14.91 -10.63 -21.30
CA LYS A 60 16.04 -11.16 -20.56
C LYS A 60 17.18 -10.16 -20.60
N GLU A 61 17.96 -10.12 -19.52
CA GLU A 61 19.15 -9.29 -19.52
C GLU A 61 20.07 -9.69 -20.67
N GLY A 62 20.47 -8.72 -21.48
CA GLY A 62 21.25 -8.94 -22.67
C GLY A 62 20.47 -8.76 -23.95
N ASP A 63 19.14 -8.72 -23.88
CA ASP A 63 18.32 -8.60 -25.06
C ASP A 63 18.37 -7.18 -25.63
N THR A 64 17.98 -7.07 -26.89
CA THR A 64 17.86 -5.77 -27.52
C THR A 64 16.59 -5.08 -27.05
N MET A 65 16.69 -3.79 -26.76
CA MET A 65 15.51 -3.00 -26.47
C MET A 65 14.59 -2.99 -27.69
N MET A 66 13.29 -3.13 -27.44
CA MET A 66 12.30 -3.13 -28.52
C MET A 66 12.00 -1.71 -28.97
N GLY A 67 11.56 -1.58 -30.21
CA GLY A 67 11.19 -0.28 -30.74
C GLY A 67 11.10 -0.28 -32.24
N GLN A 68 10.43 0.74 -32.75
CA GLN A 68 10.22 0.96 -34.18
C GLN A 68 11.16 2.05 -34.69
N GLN A 69 11.32 2.09 -36.01
CA GLN A 69 12.19 3.06 -36.65
C GLN A 69 11.75 3.27 -38.08
N VAL A 70 12.05 4.46 -38.60
CA VAL A 70 12.04 4.72 -40.04
C VAL A 70 13.43 4.39 -40.56
N ALA A 71 13.50 3.58 -41.63
CA ALA A 71 14.78 3.14 -42.17
C ALA A 71 14.74 3.24 -43.69
N LYS A 72 15.93 3.17 -44.29
CA LYS A 72 16.07 3.15 -45.74
C LYS A 72 16.96 1.98 -46.14
N VAL A 73 16.65 1.39 -47.30
CA VAL A 73 17.48 0.31 -47.85
C VAL A 73 18.77 0.92 -48.36
N VAL A 74 19.91 0.44 -47.85
CA VAL A 74 21.22 0.88 -48.31
C VAL A 74 21.97 -0.19 -49.08
N GLU A 75 21.50 -1.44 -49.06
CA GLU A 75 22.07 -2.50 -49.88
C GLU A 75 20.96 -3.53 -50.09
N SER A 76 20.79 -4.00 -51.32
CA SER A 76 19.64 -4.81 -51.66
C SER A 76 20.02 -5.97 -52.55
N LYS A 77 19.60 -7.18 -52.15
CA LYS A 77 19.53 -8.34 -53.02
C LYS A 77 18.08 -8.75 -53.23
N ASN A 78 17.16 -7.78 -53.13
CA ASN A 78 15.73 -8.00 -53.28
C ASN A 78 15.20 -6.89 -54.17
N VAL A 79 14.80 -7.23 -55.39
CA VAL A 79 14.41 -6.20 -56.37
C VAL A 79 13.15 -5.47 -55.91
N ALA A 80 12.28 -6.14 -55.16
CA ALA A 80 11.05 -5.50 -54.70
C ALA A 80 11.31 -4.41 -53.67
N LEU A 81 12.50 -4.40 -53.05
CA LEU A 81 12.89 -3.40 -52.07
C LEU A 81 14.20 -2.76 -52.55
N PRO A 82 14.14 -1.88 -53.54
CA PRO A 82 15.36 -1.31 -54.09
C PRO A 82 16.03 -0.36 -53.11
N LYS A 83 17.31 -0.09 -53.35
CA LYS A 83 18.04 0.90 -52.57
C LYS A 83 17.30 2.23 -52.59
N GLY A 84 17.22 2.87 -51.43
CA GLY A 84 16.51 4.11 -51.27
C GLY A 84 15.10 3.97 -50.73
N THR A 85 14.57 2.76 -50.69
CA THR A 85 13.20 2.55 -50.23
C THR A 85 13.09 2.86 -48.74
N ILE A 86 12.05 3.62 -48.38
CA ILE A 86 11.77 3.96 -46.99
C ILE A 86 10.74 2.98 -46.45
N VAL A 87 10.98 2.47 -45.24
CA VAL A 87 10.07 1.52 -44.61
C VAL A 87 10.07 1.75 -43.10
N LEU A 88 8.98 1.31 -42.47
CA LEU A 88 8.91 1.20 -41.02
C LEU A 88 9.30 -0.21 -40.62
N ALA A 89 10.13 -0.33 -39.59
CA ALA A 89 10.56 -1.63 -39.11
C ALA A 89 10.77 -1.56 -37.60
N SER A 90 10.69 -2.70 -36.94
CA SER A 90 10.82 -2.79 -35.49
C SER A 90 11.90 -3.80 -35.11
N PRO A 91 13.15 -3.56 -35.52
CA PRO A 91 14.24 -4.45 -35.11
C PRO A 91 14.79 -4.17 -33.73
N GLY A 92 14.27 -3.17 -33.04
CA GLY A 92 14.80 -2.76 -31.75
C GLY A 92 15.75 -1.58 -31.90
N TRP A 93 16.42 -1.27 -30.79
CA TRP A 93 17.36 -0.15 -30.75
C TRP A 93 18.65 -0.60 -31.46
N THR A 94 18.65 -0.46 -32.78
CA THR A 94 19.81 -0.84 -33.58
C THR A 94 19.92 0.08 -34.77
N THR A 95 21.17 0.35 -35.18
CA THR A 95 21.41 1.27 -36.28
C THR A 95 21.25 0.59 -37.64
N HIS A 96 21.58 -0.70 -37.74
CA HIS A 96 21.47 -1.44 -38.99
C HIS A 96 20.87 -2.80 -38.72
N SER A 97 20.11 -3.31 -39.69
CA SER A 97 19.43 -4.59 -39.53
C SER A 97 19.11 -5.15 -40.90
N ILE A 98 18.96 -6.48 -40.95
CA ILE A 98 18.62 -7.18 -42.18
C ILE A 98 17.16 -7.60 -42.14
N SER A 99 16.48 -7.50 -43.28
CA SER A 99 15.08 -7.87 -43.39
C SER A 99 14.85 -8.57 -44.72
N ASP A 100 13.78 -9.35 -44.78
CA ASP A 100 13.36 -10.01 -46.01
C ASP A 100 12.12 -9.40 -46.63
N GLY A 101 11.42 -8.51 -45.92
CA GLY A 101 10.32 -7.72 -46.48
C GLY A 101 8.99 -7.96 -45.82
N LYS A 102 8.80 -9.14 -45.22
CA LYS A 102 7.48 -9.51 -44.71
C LYS A 102 7.01 -8.55 -43.62
N ASP A 103 7.90 -8.19 -42.70
CA ASP A 103 7.56 -7.36 -41.55
C ASP A 103 7.75 -5.87 -41.79
N LEU A 104 7.90 -5.45 -43.05
CA LEU A 104 8.14 -4.05 -43.38
C LEU A 104 6.86 -3.39 -43.86
N GLU A 105 6.69 -2.12 -43.48
CA GLU A 105 5.50 -1.34 -43.81
C GLU A 105 5.93 -0.06 -44.51
N LYS A 106 5.50 0.10 -45.76
CA LYS A 106 5.77 1.35 -46.46
C LYS A 106 4.93 2.48 -45.86
N LEU A 107 5.42 3.70 -46.01
CA LEU A 107 4.63 4.85 -45.60
C LEU A 107 3.49 5.08 -46.59
N LEU A 108 2.54 5.91 -46.18
CA LEU A 108 1.44 6.30 -47.08
C LEU A 108 2.00 6.74 -48.42
N THR A 109 1.35 6.31 -49.50
CA THR A 109 1.85 6.63 -50.83
C THR A 109 1.83 8.14 -51.10
N GLU A 110 0.92 8.86 -50.48
CA GLU A 110 0.80 10.30 -50.68
C GLU A 110 1.69 11.10 -49.74
N TRP A 111 2.61 10.45 -49.03
CA TRP A 111 3.46 11.13 -48.06
C TRP A 111 4.31 12.19 -48.76
N PRO A 112 4.18 13.47 -48.39
CA PRO A 112 4.94 14.51 -49.08
C PRO A 112 6.27 14.82 -48.42
N ASP A 113 7.16 15.45 -49.19
CA ASP A 113 8.46 15.86 -48.68
C ASP A 113 8.37 17.06 -47.74
N THR A 114 7.19 17.66 -47.59
CA THR A 114 7.03 18.86 -46.77
C THR A 114 6.94 18.57 -45.28
N ILE A 115 6.78 17.31 -44.88
CA ILE A 115 6.75 16.97 -43.45
C ILE A 115 7.87 15.98 -43.16
N PRO A 116 8.43 15.98 -41.95
CA PRO A 116 9.51 15.04 -41.64
C PRO A 116 9.04 13.59 -41.75
N LEU A 117 9.95 12.73 -42.18
CA LEU A 117 9.67 11.29 -42.18
C LEU A 117 9.34 10.80 -40.78
N SER A 118 9.86 11.48 -39.75
CA SER A 118 9.68 11.03 -38.37
C SER A 118 8.25 11.13 -37.89
N LEU A 119 7.37 11.83 -38.62
CA LEU A 119 5.96 11.84 -38.24
C LEU A 119 5.32 10.47 -38.38
N ALA A 120 5.91 9.58 -39.20
CA ALA A 120 5.42 8.21 -39.29
C ALA A 120 5.56 7.44 -37.99
N LEU A 121 6.34 7.97 -37.05
CA LEU A 121 6.48 7.38 -35.71
C LEU A 121 5.66 8.12 -34.66
N GLY A 122 5.00 9.21 -35.04
CA GLY A 122 4.27 10.03 -34.09
C GLY A 122 2.86 10.38 -34.54
N THR A 123 2.65 11.63 -34.93
CA THR A 123 1.30 12.11 -35.20
C THR A 123 0.65 11.36 -36.35
N VAL A 124 1.42 11.01 -37.37
CA VAL A 124 0.91 10.20 -38.47
C VAL A 124 1.50 8.79 -38.32
N GLY A 125 1.42 8.26 -37.10
CA GLY A 125 1.97 6.96 -36.79
C GLY A 125 1.26 6.36 -35.62
N MET A 126 1.99 5.58 -34.82
CA MET A 126 1.35 4.81 -33.75
C MET A 126 0.73 5.72 -32.69
N PRO A 127 1.40 6.76 -32.18
CA PRO A 127 0.74 7.60 -31.17
C PRO A 127 -0.45 8.37 -31.71
N GLY A 128 -0.39 8.83 -32.95
CA GLY A 128 -1.52 9.53 -33.53
C GLY A 128 -2.74 8.63 -33.67
N LEU A 129 -2.51 7.38 -34.06
CA LEU A 129 -3.60 6.42 -34.13
C LEU A 129 -4.15 6.11 -32.75
N THR A 130 -3.28 6.08 -31.74
CA THR A 130 -3.73 5.86 -30.37
C THR A 130 -4.70 6.96 -29.94
N ALA A 131 -4.32 8.23 -30.18
CA ALA A 131 -5.21 9.34 -29.87
C ALA A 131 -6.49 9.26 -30.68
N TYR A 132 -6.37 8.90 -31.97
CA TYR A 132 -7.53 8.90 -32.87
C TYR A 132 -8.60 7.94 -32.38
N PHE A 133 -8.25 6.66 -32.23
CA PHE A 133 -9.24 5.67 -31.82
C PHE A 133 -9.59 5.80 -30.35
N GLY A 134 -8.63 6.18 -29.51
CA GLY A 134 -8.93 6.36 -28.10
C GLY A 134 -9.98 7.41 -27.85
N LEU A 135 -9.94 8.50 -28.61
CA LEU A 135 -10.86 9.60 -28.41
C LEU A 135 -12.19 9.40 -29.15
N LEU A 136 -12.11 9.05 -30.44
CA LEU A 136 -13.31 9.05 -31.27
C LEU A 136 -14.16 7.80 -31.07
N GLU A 137 -13.55 6.68 -30.69
CA GLU A 137 -14.29 5.44 -30.49
C GLU A 137 -14.46 5.10 -29.02
N ILE A 138 -13.35 4.97 -28.28
CA ILE A 138 -13.43 4.54 -26.89
C ILE A 138 -14.13 5.60 -26.05
N CYS A 139 -13.69 6.85 -26.15
CA CYS A 139 -14.44 7.93 -25.52
C CYS A 139 -15.73 8.21 -26.27
N GLY A 140 -15.74 7.98 -27.58
CA GLY A 140 -16.96 8.17 -28.36
C GLY A 140 -17.45 9.60 -28.40
N VAL A 141 -16.54 10.56 -28.59
CA VAL A 141 -16.93 11.96 -28.62
C VAL A 141 -17.88 12.20 -29.79
N LYS A 142 -18.98 12.91 -29.51
CA LYS A 142 -19.94 13.34 -30.51
C LYS A 142 -19.85 14.83 -30.81
N GLY A 143 -19.08 15.58 -30.02
CA GLY A 143 -19.00 17.03 -30.14
C GLY A 143 -19.60 17.70 -28.92
N GLY A 144 -18.92 18.73 -28.42
CA GLY A 144 -19.40 19.51 -27.31
C GLY A 144 -19.02 19.00 -25.94
N GLU A 145 -18.43 17.80 -25.85
CA GLU A 145 -18.03 17.27 -24.56
C GLU A 145 -16.89 18.10 -23.97
N THR A 146 -16.80 18.05 -22.64
CA THR A 146 -15.64 18.55 -21.92
C THR A 146 -14.73 17.36 -21.64
N VAL A 147 -13.49 17.44 -22.15
CA VAL A 147 -12.57 16.32 -22.16
C VAL A 147 -11.36 16.67 -21.29
N MET A 148 -11.05 15.78 -20.36
CA MET A 148 -9.84 15.89 -19.55
C MET A 148 -8.78 15.00 -20.17
N VAL A 149 -7.63 15.60 -20.52
CA VAL A 149 -6.50 14.87 -21.07
C VAL A 149 -5.26 15.26 -20.29
N ASN A 150 -4.55 14.26 -19.76
CA ASN A 150 -3.29 14.48 -19.07
C ASN A 150 -2.16 14.01 -19.97
N ALA A 151 -0.93 14.32 -19.57
CA ALA A 151 0.21 14.25 -20.49
C ALA A 151 -0.16 14.95 -21.80
N ALA A 152 -0.79 16.11 -21.66
CA ALA A 152 -1.45 16.78 -22.78
C ALA A 152 -0.47 17.37 -23.78
N ALA A 153 0.81 17.44 -23.45
CA ALA A 153 1.83 17.94 -24.37
C ALA A 153 2.68 16.82 -24.95
N GLY A 154 2.32 15.56 -24.70
CA GLY A 154 3.04 14.43 -25.24
C GLY A 154 2.53 14.03 -26.61
N ALA A 155 3.08 12.91 -27.12
CA ALA A 155 2.78 12.50 -28.47
C ALA A 155 1.30 12.17 -28.64
N VAL A 156 0.74 11.39 -27.71
CA VAL A 156 -0.66 10.99 -27.81
C VAL A 156 -1.57 12.12 -27.33
N GLY A 157 -1.24 12.72 -26.18
CA GLY A 157 -2.16 13.65 -25.56
C GLY A 157 -2.33 14.93 -26.34
N SER A 158 -1.25 15.42 -26.96
CA SER A 158 -1.36 16.64 -27.76
C SER A 158 -2.20 16.40 -29.00
N VAL A 159 -2.17 15.19 -29.56
CA VAL A 159 -3.04 14.86 -30.68
C VAL A 159 -4.48 14.70 -30.19
N VAL A 160 -4.67 14.15 -28.99
CA VAL A 160 -6.02 13.99 -28.45
C VAL A 160 -6.70 15.34 -28.33
N GLY A 161 -6.04 16.29 -27.66
CA GLY A 161 -6.64 17.59 -27.44
C GLY A 161 -6.95 18.32 -28.73
N GLN A 162 -6.11 18.14 -29.76
CA GLN A 162 -6.32 18.87 -31.00
C GLN A 162 -7.44 18.27 -31.84
N ILE A 163 -7.57 16.94 -31.85
CA ILE A 163 -8.73 16.32 -32.49
C ILE A 163 -10.00 16.72 -31.74
N ALA A 164 -9.91 16.78 -30.41
CA ALA A 164 -11.08 17.17 -29.62
C ALA A 164 -11.51 18.59 -29.96
N LYS A 165 -10.54 19.49 -30.18
CA LYS A 165 -10.89 20.88 -30.45
C LYS A 165 -11.62 21.02 -31.78
N LEU A 166 -11.19 20.30 -32.81
CA LEU A 166 -11.85 20.39 -34.11
C LEU A 166 -13.16 19.61 -34.13
N LYS A 167 -13.43 18.78 -33.12
CA LYS A 167 -14.73 18.16 -32.95
C LYS A 167 -15.66 19.00 -32.08
N GLY A 168 -15.23 20.20 -31.67
CA GLY A 168 -16.09 21.08 -30.90
C GLY A 168 -16.11 20.82 -29.42
N CYS A 169 -15.11 20.13 -28.88
CA CYS A 169 -15.03 19.84 -27.46
C CYS A 169 -14.26 20.92 -26.73
N LYS A 170 -14.63 21.11 -25.46
CA LYS A 170 -13.80 21.88 -24.53
C LYS A 170 -12.72 20.96 -23.98
N VAL A 171 -11.48 21.44 -23.97
CA VAL A 171 -10.32 20.63 -23.62
C VAL A 171 -9.65 21.21 -22.38
N VAL A 172 -9.48 20.38 -21.36
CA VAL A 172 -8.73 20.71 -20.16
C VAL A 172 -7.51 19.80 -20.13
N GLY A 173 -6.32 20.37 -20.28
CA GLY A 173 -5.08 19.61 -20.39
C GLY A 173 -4.19 19.84 -19.18
N ALA A 174 -3.57 18.76 -18.72
CA ALA A 174 -2.63 18.79 -17.61
C ALA A 174 -1.24 18.40 -18.12
N VAL A 175 -0.25 19.26 -17.83
CA VAL A 175 1.13 19.04 -18.25
C VAL A 175 2.04 19.30 -17.06
N GLY A 176 3.33 19.02 -17.24
CA GLY A 176 4.29 19.08 -16.15
C GLY A 176 5.26 20.23 -16.14
N SER A 177 5.11 21.23 -17.02
CA SER A 177 6.00 22.37 -17.02
C SER A 177 5.26 23.59 -17.54
N ASP A 178 5.76 24.77 -17.16
CA ASP A 178 5.14 26.02 -17.61
C ASP A 178 5.29 26.20 -19.11
N GLU A 179 6.39 25.73 -19.70
CA GLU A 179 6.56 25.82 -21.14
C GLU A 179 5.48 25.01 -21.86
N LYS A 180 5.11 23.86 -21.29
CA LYS A 180 4.04 23.06 -21.88
C LYS A 180 2.69 23.74 -21.71
N VAL A 181 2.48 24.42 -20.57
CA VAL A 181 1.24 25.16 -20.37
C VAL A 181 1.08 26.24 -21.44
N ALA A 182 2.16 26.98 -21.71
CA ALA A 182 2.08 28.06 -22.69
C ALA A 182 1.86 27.52 -24.10
N TYR A 183 2.55 26.42 -24.45
CA TYR A 183 2.43 25.89 -25.81
C TYR A 183 1.00 25.45 -26.11
N LEU A 184 0.38 24.72 -25.19
CA LEU A 184 -0.97 24.21 -25.44
C LEU A 184 -2.00 25.33 -25.40
N GLN A 185 -1.80 26.34 -24.56
CA GLN A 185 -2.67 27.52 -24.60
C GLN A 185 -2.64 28.16 -25.98
N LYS A 186 -1.45 28.29 -26.58
CA LYS A 186 -1.36 28.86 -27.92
C LYS A 186 -2.07 27.99 -28.94
N LEU A 187 -2.06 26.67 -28.75
CA LEU A 187 -2.80 25.79 -29.64
C LEU A 187 -4.30 26.02 -29.56
N GLY A 188 -4.79 26.54 -28.44
CA GLY A 188 -6.21 26.81 -28.27
C GLY A 188 -6.91 25.94 -27.26
N PHE A 189 -6.20 25.10 -26.51
CA PHE A 189 -6.83 24.31 -25.47
C PHE A 189 -7.50 25.25 -24.47
N ASP A 190 -8.75 24.94 -24.11
CA ASP A 190 -9.55 25.88 -23.33
C ASP A 190 -8.88 26.19 -21.99
N VAL A 191 -8.44 25.17 -21.27
CA VAL A 191 -7.77 25.34 -19.99
C VAL A 191 -6.57 24.41 -19.95
N VAL A 192 -5.43 24.93 -19.50
CA VAL A 192 -4.20 24.15 -19.37
C VAL A 192 -3.52 24.56 -18.08
N PHE A 193 -3.06 23.59 -17.30
CA PHE A 193 -2.41 23.87 -16.03
C PHE A 193 -1.25 22.91 -15.81
N ASN A 194 -0.36 23.31 -14.91
CA ASN A 194 0.82 22.53 -14.54
C ASN A 194 0.49 21.75 -13.28
N TYR A 195 0.26 20.44 -13.42
CA TYR A 195 -0.19 19.64 -12.30
C TYR A 195 0.86 19.51 -11.20
N LYS A 196 2.12 19.82 -11.50
CA LYS A 196 3.17 19.71 -10.50
C LYS A 196 3.21 20.91 -9.55
N THR A 197 2.70 22.07 -9.96
CA THR A 197 2.82 23.29 -9.18
C THR A 197 1.50 23.87 -8.68
N VAL A 198 0.35 23.36 -9.15
CA VAL A 198 -0.91 23.87 -8.65
C VAL A 198 -1.02 23.54 -7.16
N GLU A 199 -1.64 24.45 -6.41
CA GLU A 199 -1.79 24.25 -4.97
C GLU A 199 -2.66 23.04 -4.66
N SER A 200 -3.68 22.78 -5.47
CA SER A 200 -4.58 21.66 -5.24
C SER A 200 -5.12 21.19 -6.58
N LEU A 201 -4.80 19.94 -6.94
CA LEU A 201 -5.27 19.40 -8.21
C LEU A 201 -6.80 19.36 -8.26
N GLU A 202 -7.43 19.03 -7.13
CA GLU A 202 -8.89 18.95 -7.11
C GLU A 202 -9.52 20.31 -7.38
N GLU A 203 -9.09 21.34 -6.66
CA GLU A 203 -9.66 22.67 -6.86
C GLU A 203 -9.40 23.17 -8.27
N THR A 204 -8.22 22.87 -8.81
CA THR A 204 -7.89 23.31 -10.17
C THR A 204 -8.83 22.69 -11.19
N LEU A 205 -9.07 21.37 -11.07
CA LEU A 205 -9.98 20.71 -12.00
C LEU A 205 -11.40 21.20 -11.83
N LYS A 206 -11.81 21.58 -10.61
CA LYS A 206 -13.16 22.08 -10.42
C LYS A 206 -13.35 23.43 -11.09
N LYS A 207 -12.34 24.31 -11.02
CA LYS A 207 -12.46 25.62 -11.66
C LYS A 207 -12.37 25.50 -13.17
N ALA A 208 -11.58 24.54 -13.68
CA ALA A 208 -11.50 24.35 -15.12
C ALA A 208 -12.83 23.91 -15.69
N SER A 209 -13.63 23.18 -14.91
CA SER A 209 -14.95 22.76 -15.34
C SER A 209 -15.82 22.49 -14.12
N PRO A 210 -16.54 23.48 -13.61
CA PRO A 210 -17.45 23.24 -12.48
C PRO A 210 -18.50 22.18 -12.78
N ASP A 211 -18.83 21.98 -14.05
CA ASP A 211 -19.86 21.04 -14.45
C ASP A 211 -19.38 19.59 -14.43
N GLY A 212 -18.07 19.37 -14.41
CA GLY A 212 -17.50 18.04 -14.52
C GLY A 212 -16.91 17.77 -15.89
N TYR A 213 -16.67 16.49 -16.15
CA TYR A 213 -16.02 16.07 -17.38
C TYR A 213 -16.80 14.93 -18.02
N ASP A 214 -17.19 15.12 -19.28
CA ASP A 214 -17.86 14.07 -20.02
C ASP A 214 -16.91 12.92 -20.34
N CYS A 215 -15.68 13.25 -20.72
CA CYS A 215 -14.71 12.26 -21.16
C CYS A 215 -13.39 12.47 -20.43
N TYR A 216 -12.63 11.38 -20.31
CA TYR A 216 -11.33 11.41 -19.65
C TYR A 216 -10.39 10.52 -20.47
N PHE A 217 -9.48 11.14 -21.23
CA PHE A 217 -8.42 10.40 -21.91
C PHE A 217 -7.27 10.26 -20.93
N ASP A 218 -7.09 9.06 -20.39
CA ASP A 218 -6.19 8.84 -19.26
C ASP A 218 -4.89 8.21 -19.77
N ASN A 219 -3.80 8.97 -19.65
CA ASN A 219 -2.45 8.51 -19.94
C ASN A 219 -1.62 8.29 -18.69
N VAL A 220 -2.12 8.64 -17.50
CA VAL A 220 -1.31 8.80 -16.32
C VAL A 220 -1.69 7.79 -15.23
N GLY A 221 -2.98 7.65 -14.96
CA GLY A 221 -3.39 6.72 -13.92
C GLY A 221 -3.03 7.24 -12.53
N GLY A 222 -3.10 6.32 -11.56
CA GLY A 222 -2.65 6.62 -10.22
C GLY A 222 -3.53 7.63 -9.50
N GLU A 223 -2.91 8.34 -8.55
CA GLU A 223 -3.65 9.29 -7.72
C GLU A 223 -4.27 10.39 -8.56
N PHE A 224 -3.59 10.82 -9.62
CA PHE A 224 -4.15 11.84 -10.50
C PHE A 224 -5.52 11.42 -11.00
N SER A 225 -5.62 10.18 -11.48
CA SER A 225 -6.89 9.70 -12.02
C SER A 225 -7.93 9.54 -10.92
N ASN A 226 -7.51 9.23 -9.69
CA ASN A 226 -8.47 9.19 -8.59
C ASN A 226 -9.14 10.54 -8.42
N THR A 227 -8.38 11.62 -8.53
CA THR A 227 -8.97 12.95 -8.41
C THR A 227 -9.91 13.25 -9.57
N VAL A 228 -9.49 12.92 -10.79
CA VAL A 228 -10.33 13.21 -11.96
C VAL A 228 -11.63 12.42 -11.89
N ILE A 229 -11.58 11.21 -11.32
CA ILE A 229 -12.78 10.39 -11.25
C ILE A 229 -13.81 11.01 -10.34
N GLY A 230 -13.37 11.67 -9.26
CA GLY A 230 -14.29 12.37 -8.39
C GLY A 230 -15.02 13.55 -9.04
N GLN A 231 -14.69 13.87 -10.30
CA GLN A 231 -15.30 14.99 -10.99
C GLN A 231 -15.83 14.60 -12.37
N MET A 232 -15.99 13.31 -12.65
CA MET A 232 -16.60 12.88 -13.90
C MET A 232 -18.12 13.08 -13.82
N LYS A 233 -18.69 13.54 -14.92
CA LYS A 233 -20.14 13.64 -15.00
C LYS A 233 -20.75 12.24 -14.99
N LYS A 234 -22.03 12.18 -14.65
CA LYS A 234 -22.76 10.93 -14.73
C LYS A 234 -22.70 10.39 -16.15
N PHE A 235 -22.51 9.07 -16.26
CA PHE A 235 -22.32 8.38 -17.54
C PHE A 235 -21.04 8.82 -18.26
N GLY A 236 -20.09 9.40 -17.54
CA GLY A 236 -18.84 9.80 -18.17
C GLY A 236 -18.03 8.60 -18.63
N ARG A 237 -17.26 8.80 -19.70
CA ARG A 237 -16.50 7.75 -20.33
C ARG A 237 -15.00 8.00 -20.16
N ILE A 238 -14.26 6.94 -19.87
CA ILE A 238 -12.83 7.00 -19.63
C ILE A 238 -12.16 6.07 -20.63
N ALA A 239 -11.26 6.62 -21.44
CA ALA A 239 -10.37 5.82 -22.28
C ALA A 239 -9.09 5.56 -21.48
N ILE A 240 -8.89 4.31 -21.08
CA ILE A 240 -7.71 3.92 -20.31
C ILE A 240 -6.62 3.62 -21.36
N CYS A 241 -5.84 4.65 -21.66
CA CYS A 241 -4.77 4.56 -22.65
C CYS A 241 -3.46 4.10 -22.04
N GLY A 242 -2.99 4.80 -21.00
CA GLY A 242 -1.79 4.44 -20.29
C GLY A 242 -1.91 4.79 -18.83
N ALA A 243 -0.85 4.47 -18.07
CA ALA A 243 -0.79 4.73 -16.64
C ALA A 243 0.66 5.03 -16.27
N ILE A 244 1.23 6.07 -16.87
CA ILE A 244 2.68 6.27 -16.77
C ILE A 244 3.11 6.65 -15.36
N SER A 245 2.20 7.12 -14.51
CA SER A 245 2.56 7.43 -13.13
C SER A 245 2.95 6.19 -12.34
N THR A 246 2.69 4.99 -12.85
CA THR A 246 3.03 3.75 -12.17
C THR A 246 4.17 2.99 -12.83
N TYR A 247 4.58 3.36 -14.05
CA TYR A 247 5.56 2.56 -14.79
C TYR A 247 6.90 2.50 -14.07
N ASN A 248 7.28 3.55 -13.33
CA ASN A 248 8.58 3.61 -12.68
C ASN A 248 8.47 3.43 -11.16
N ARG A 249 7.44 2.75 -10.70
CA ARG A 249 7.26 2.57 -9.27
C ARG A 249 8.23 1.53 -8.73
N THR A 250 8.59 1.71 -7.46
CA THR A 250 9.39 0.72 -6.73
C THR A 250 8.57 -0.09 -5.76
N GLY A 251 7.44 0.43 -5.29
CA GLY A 251 6.61 -0.25 -4.33
C GLY A 251 5.26 -0.61 -4.90
N PRO A 252 4.28 -0.84 -4.02
CA PRO A 252 2.94 -1.24 -4.49
C PRO A 252 2.24 -0.12 -5.24
N LEU A 253 1.27 -0.51 -6.06
CA LEU A 253 0.44 0.45 -6.76
C LEU A 253 -0.30 1.32 -5.74
N PRO A 254 -0.70 2.52 -6.14
CA PRO A 254 -1.46 3.38 -5.24
C PRO A 254 -2.90 2.91 -5.10
N PRO A 255 -3.63 3.41 -4.11
CA PRO A 255 -5.04 3.01 -3.95
C PRO A 255 -5.81 3.23 -5.24
N GLY A 256 -6.88 2.48 -5.40
CA GLY A 256 -7.77 2.66 -6.52
C GLY A 256 -8.75 3.78 -6.27
N PRO A 257 -9.50 4.13 -7.32
CA PRO A 257 -10.49 5.20 -7.17
C PRO A 257 -11.62 4.77 -6.25
N PRO A 258 -12.25 5.70 -5.55
CA PRO A 258 -13.34 5.33 -4.64
C PRO A 258 -14.49 4.69 -5.41
N PRO A 259 -14.77 3.41 -5.20
CA PRO A 259 -15.85 2.77 -5.96
C PRO A 259 -17.20 3.40 -5.73
N GLU A 260 -17.37 4.13 -4.62
CA GLU A 260 -18.63 4.81 -4.38
C GLU A 260 -18.93 5.84 -5.46
N ILE A 261 -17.91 6.57 -5.90
CA ILE A 261 -18.10 7.54 -6.97
C ILE A 261 -18.23 6.84 -8.32
N VAL A 262 -17.41 5.81 -8.56
CA VAL A 262 -17.44 5.11 -9.83
C VAL A 262 -18.82 4.52 -10.09
N ILE A 263 -19.46 4.01 -9.04
CA ILE A 263 -20.75 3.34 -9.22
C ILE A 263 -21.87 4.35 -9.38
N TYR A 264 -21.95 5.33 -8.49
CA TYR A 264 -23.09 6.25 -8.53
C TYR A 264 -23.05 7.11 -9.78
N GLN A 265 -21.86 7.50 -10.23
CA GLN A 265 -21.74 8.25 -11.48
C GLN A 265 -21.81 7.35 -12.70
N GLU A 266 -21.91 6.03 -12.52
CA GLU A 266 -22.17 5.10 -13.62
C GLU A 266 -21.19 5.31 -14.76
N LEU A 267 -19.90 5.30 -14.42
CA LEU A 267 -18.87 5.56 -15.41
C LEU A 267 -18.65 4.36 -16.31
N ARG A 268 -18.40 4.64 -17.59
CA ARG A 268 -17.93 3.64 -18.54
C ARG A 268 -16.42 3.83 -18.69
N MET A 269 -15.68 2.74 -18.58
CA MET A 269 -14.22 2.80 -18.55
C MET A 269 -13.69 1.61 -19.35
N GLU A 270 -13.03 1.90 -20.46
CA GLU A 270 -12.53 0.85 -21.36
C GLU A 270 -11.06 1.12 -21.68
N ALA A 271 -10.22 0.11 -21.45
CA ALA A 271 -8.85 0.14 -21.90
C ALA A 271 -8.76 -0.37 -23.33
N PHE A 272 -7.69 0.02 -24.02
CA PHE A 272 -7.55 -0.32 -25.42
C PHE A 272 -6.07 -0.34 -25.80
N VAL A 273 -5.76 -1.07 -26.86
CA VAL A 273 -4.44 -1.10 -27.47
C VAL A 273 -4.60 -0.65 -28.91
N VAL A 274 -3.67 0.20 -29.37
CA VAL A 274 -3.85 0.85 -30.67
C VAL A 274 -3.89 -0.16 -31.80
N TYR A 275 -3.16 -1.27 -31.66
CA TYR A 275 -3.09 -2.24 -32.75
C TYR A 275 -4.39 -3.02 -32.95
N ARG A 276 -5.40 -2.80 -32.09
CA ARG A 276 -6.69 -3.44 -32.32
C ARG A 276 -7.23 -3.10 -33.70
N TRP A 277 -7.04 -1.86 -34.14
CA TRP A 277 -7.61 -1.39 -35.40
C TRP A 277 -6.64 -1.66 -36.54
N GLN A 278 -7.11 -2.39 -37.55
CA GLN A 278 -6.30 -2.80 -38.68
C GLN A 278 -7.10 -2.60 -39.96
N GLY A 279 -6.49 -2.93 -41.09
CA GLY A 279 -7.20 -2.88 -42.35
C GLY A 279 -7.63 -1.48 -42.72
N ASP A 280 -8.85 -1.38 -43.25
CA ASP A 280 -9.32 -0.12 -43.81
C ASP A 280 -9.53 0.95 -42.73
N ALA A 281 -9.88 0.54 -41.51
CA ALA A 281 -10.05 1.53 -40.44
C ALA A 281 -8.72 2.18 -40.10
N ARG A 282 -7.65 1.40 -40.03
CA ARG A 282 -6.32 1.95 -39.74
C ARG A 282 -5.84 2.84 -40.87
N GLN A 283 -5.92 2.34 -42.11
CA GLN A 283 -5.50 3.13 -43.26
C GLN A 283 -6.28 4.43 -43.35
N LYS A 284 -7.57 4.38 -43.05
CA LYS A 284 -8.41 5.57 -43.09
C LYS A 284 -8.02 6.55 -42.01
N ALA A 285 -7.65 6.05 -40.83
CA ALA A 285 -7.24 6.94 -39.74
C ALA A 285 -5.90 7.60 -40.05
N LEU A 286 -4.96 6.85 -40.63
CA LEU A 286 -3.67 7.44 -41.00
C LEU A 286 -3.86 8.56 -42.01
N LYS A 287 -4.73 8.35 -43.00
CA LYS A 287 -4.97 9.37 -44.01
C LYS A 287 -5.64 10.60 -43.40
N ASP A 288 -6.59 10.40 -42.48
CA ASP A 288 -7.20 11.53 -41.79
C ASP A 288 -6.16 12.34 -41.04
N LEU A 289 -5.24 11.65 -40.34
CA LEU A 289 -4.20 12.35 -39.59
C LEU A 289 -3.27 13.12 -40.53
N LEU A 290 -2.91 12.52 -41.67
CA LEU A 290 -2.01 13.19 -42.60
C LEU A 290 -2.66 14.42 -43.20
N LYS A 291 -3.94 14.32 -43.59
CA LYS A 291 -4.63 15.49 -44.14
C LYS A 291 -4.73 16.59 -43.11
N TRP A 292 -5.03 16.24 -41.86
CA TRP A 292 -5.15 17.24 -40.80
C TRP A 292 -3.83 17.98 -40.59
N VAL A 293 -2.70 17.29 -40.75
CA VAL A 293 -1.40 17.93 -40.56
C VAL A 293 -1.13 18.92 -41.69
N LEU A 294 -1.34 18.50 -42.94
CA LEU A 294 -1.04 19.36 -44.07
C LEU A 294 -1.95 20.59 -44.10
N GLU A 295 -3.17 20.46 -43.59
CA GLU A 295 -4.13 21.56 -43.60
C GLU A 295 -4.00 22.49 -42.40
N GLY A 296 -3.14 22.15 -41.44
CA GLY A 296 -2.94 22.97 -40.27
C GLY A 296 -3.91 22.73 -39.14
N LYS A 297 -4.85 21.80 -39.30
CA LYS A 297 -5.79 21.51 -38.21
C LYS A 297 -5.09 20.83 -37.04
N ILE A 298 -4.04 20.06 -37.32
CA ILE A 298 -3.23 19.43 -36.29
C ILE A 298 -1.81 19.95 -36.46
N GLN A 299 -1.33 20.71 -35.47
CA GLN A 299 0.06 21.12 -35.43
C GLN A 299 0.90 20.01 -34.83
N TYR A 300 2.09 19.79 -35.39
CA TYR A 300 3.02 18.80 -34.88
C TYR A 300 4.24 19.50 -34.29
N LYS A 301 4.73 18.97 -33.17
CA LYS A 301 6.00 19.36 -32.60
C LYS A 301 6.75 18.11 -32.20
N GLU A 302 8.05 18.08 -32.53
CA GLU A 302 8.91 16.96 -32.22
C GLU A 302 9.99 17.41 -31.26
N TYR A 303 10.33 16.52 -30.32
CA TYR A 303 11.47 16.71 -29.41
C TYR A 303 12.59 15.83 -29.93
N ILE A 304 13.48 16.42 -30.72
CA ILE A 304 14.51 15.69 -31.45
C ILE A 304 15.77 15.62 -30.61
N ILE A 305 16.29 14.41 -30.43
CA ILE A 305 17.57 14.16 -29.77
C ILE A 305 18.49 13.53 -30.79
N GLU A 306 19.64 14.15 -31.02
CA GLU A 306 20.54 13.76 -32.10
C GLU A 306 21.55 12.73 -31.60
N GLY A 307 21.68 11.63 -32.34
CA GLY A 307 22.69 10.64 -32.05
C GLY A 307 22.12 9.33 -31.53
N PHE A 308 22.41 8.23 -32.23
CA PHE A 308 21.99 6.92 -31.75
C PHE A 308 22.56 6.62 -30.36
N GLU A 309 23.75 7.15 -30.07
CA GLU A 309 24.38 6.92 -28.78
C GLU A 309 23.65 7.61 -27.64
N ASN A 310 22.75 8.53 -27.94
CA ASN A 310 21.95 9.22 -26.93
C ASN A 310 20.53 8.70 -26.85
N MET A 311 20.28 7.50 -27.38
CA MET A 311 18.93 6.95 -27.38
C MET A 311 18.49 6.63 -25.96
N PRO A 312 19.35 6.03 -25.12
CA PRO A 312 18.96 5.86 -23.71
C PRO A 312 18.61 7.17 -23.03
N ALA A 313 19.38 8.23 -23.29
CA ALA A 313 19.09 9.52 -22.67
C ALA A 313 17.75 10.09 -23.15
N ALA A 314 17.37 9.80 -24.40
CA ALA A 314 16.07 10.25 -24.88
C ALA A 314 14.94 9.49 -24.18
N PHE A 315 15.09 8.18 -24.07
CA PHE A 315 14.09 7.37 -23.37
C PHE A 315 13.91 7.84 -21.93
N MET A 316 15.02 8.07 -21.23
CA MET A 316 14.95 8.50 -19.84
C MET A 316 14.37 9.91 -19.73
N GLY A 317 14.79 10.81 -20.62
CA GLY A 317 14.28 12.17 -20.56
C GLY A 317 12.78 12.23 -20.80
N MET A 318 12.28 11.43 -21.73
CA MET A 318 10.84 11.42 -22.01
C MET A 318 10.06 10.91 -20.81
N LEU A 319 10.60 9.91 -20.10
CA LEU A 319 9.96 9.44 -18.88
C LEU A 319 9.93 10.52 -17.80
N LYS A 320 10.87 11.46 -17.87
CA LYS A 320 10.96 12.54 -16.89
C LYS A 320 10.19 13.79 -17.30
N GLY A 321 9.56 13.78 -18.48
CA GLY A 321 8.78 14.91 -18.95
C GLY A 321 9.55 15.93 -19.75
N ASP A 322 10.79 15.64 -20.14
CA ASP A 322 11.59 16.61 -20.88
C ASP A 322 10.97 16.94 -22.23
N ASN A 323 10.20 16.02 -22.80
CA ASN A 323 9.80 16.10 -24.19
C ASN A 323 8.54 16.93 -24.36
N LEU A 324 8.58 17.86 -25.31
CA LEU A 324 7.41 18.59 -25.78
C LEU A 324 7.13 18.05 -27.17
N GLY A 325 6.09 17.21 -27.28
CA GLY A 325 5.82 16.50 -28.50
C GLY A 325 6.48 15.13 -28.53
N LYS A 326 6.40 14.50 -29.69
CA LYS A 326 6.92 13.14 -29.84
C LYS A 326 8.43 13.11 -29.67
N THR A 327 8.91 12.24 -28.79
CA THR A 327 10.34 12.05 -28.60
C THR A 327 10.90 11.22 -29.75
N ILE A 328 11.89 11.77 -30.47
CA ILE A 328 12.47 11.15 -31.65
C ILE A 328 13.98 11.20 -31.52
N VAL A 329 14.65 10.13 -31.96
CA VAL A 329 16.11 10.07 -32.00
C VAL A 329 16.53 10.12 -33.47
N LYS A 330 17.23 11.18 -33.85
CA LYS A 330 17.77 11.31 -35.20
C LYS A 330 19.07 10.52 -35.28
N ALA A 331 19.11 9.54 -36.18
CA ALA A 331 20.32 8.74 -36.38
C ALA A 331 21.45 9.61 -36.89
N GLY B 3 -52.52 11.82 15.85
CA GLY B 3 -53.24 10.88 16.75
C GLY B 3 -52.67 9.48 16.72
N SER B 4 -51.96 9.15 15.64
CA SER B 4 -51.34 7.85 15.47
C SER B 4 -49.88 7.90 15.91
N MET B 5 -49.39 6.77 16.42
CA MET B 5 -48.02 6.65 16.87
C MET B 5 -47.20 5.88 15.84
N THR B 6 -45.88 6.08 15.91
CA THR B 6 -44.96 5.42 14.99
C THR B 6 -43.64 5.14 15.71
N LYS B 7 -42.88 4.21 15.16
CA LYS B 7 -41.54 3.88 15.62
C LYS B 7 -40.57 4.10 14.47
N THR B 8 -39.39 4.64 14.78
CA THR B 8 -38.44 5.02 13.74
C THR B 8 -37.02 4.76 14.23
N TRP B 9 -36.21 4.13 13.38
CA TRP B 9 -34.79 3.95 13.64
C TRP B 9 -34.02 5.13 13.07
N THR B 10 -33.27 5.81 13.93
CA THR B 10 -32.46 6.96 13.54
C THR B 10 -30.99 6.65 13.75
N LEU B 11 -30.14 7.38 13.03
CA LEU B 11 -28.70 7.24 13.14
C LEU B 11 -28.21 8.09 14.32
N LYS B 12 -27.87 7.45 15.43
CA LYS B 12 -27.34 8.19 16.57
C LYS B 12 -25.90 8.62 16.34
N LYS B 13 -25.06 7.72 15.81
CA LYS B 13 -23.65 7.99 15.60
C LYS B 13 -23.23 7.44 14.24
N HIS B 14 -22.36 8.19 13.56
CA HIS B 14 -21.85 7.75 12.28
C HIS B 14 -20.98 6.51 12.45
N PHE B 15 -21.06 5.60 11.47
CA PHE B 15 -20.40 4.32 11.59
C PHE B 15 -18.89 4.47 11.53
N VAL B 16 -18.20 3.64 12.32
CA VAL B 16 -16.75 3.47 12.23
C VAL B 16 -16.51 1.97 12.04
N GLY B 17 -16.03 1.59 10.86
CA GLY B 17 -16.03 0.18 10.52
C GLY B 17 -17.44 -0.29 10.28
N TYR B 18 -17.75 -1.50 10.74
CA TYR B 18 -19.11 -1.99 10.63
C TYR B 18 -20.04 -1.21 11.55
N PRO B 19 -21.30 -1.03 11.17
CA PRO B 19 -22.27 -0.46 12.11
C PRO B 19 -22.39 -1.32 13.35
N THR B 20 -22.63 -0.66 14.49
CA THR B 20 -22.85 -1.34 15.75
C THR B 20 -24.21 -0.95 16.32
N ASN B 21 -24.65 -1.71 17.33
CA ASN B 21 -25.97 -1.48 17.90
C ASN B 21 -26.10 -0.08 18.48
N SER B 22 -25.01 0.44 19.06
CA SER B 22 -25.06 1.76 19.68
C SER B 22 -25.15 2.89 18.67
N ASP B 23 -24.89 2.64 17.39
CA ASP B 23 -24.98 3.66 16.37
C ASP B 23 -26.43 3.97 15.96
N PHE B 24 -27.39 3.23 16.50
CA PHE B 24 -28.79 3.40 16.16
C PHE B 24 -29.60 3.75 17.41
N GLU B 25 -30.71 4.45 17.21
CA GLU B 25 -31.58 4.84 18.31
C GLU B 25 -33.03 4.74 17.84
N LEU B 26 -33.82 3.93 18.53
CA LEU B 26 -35.23 3.79 18.23
C LEU B 26 -36.03 4.89 18.95
N LYS B 27 -36.94 5.52 18.22
CA LYS B 27 -37.75 6.61 18.72
C LYS B 27 -39.23 6.30 18.51
N THR B 28 -40.05 6.64 19.50
CA THR B 28 -41.51 6.58 19.38
C THR B 28 -42.04 8.00 19.39
N SER B 29 -42.81 8.34 18.35
CA SER B 29 -43.33 9.69 18.18
C SER B 29 -44.78 9.61 17.76
N GLU B 30 -45.44 10.76 17.73
CA GLU B 30 -46.82 10.86 17.26
C GLU B 30 -46.84 11.57 15.91
N LEU B 31 -47.36 10.88 14.90
CA LEU B 31 -47.49 11.48 13.59
C LEU B 31 -48.58 12.56 13.61
N PRO B 32 -48.48 13.55 12.73
CA PRO B 32 -49.54 14.56 12.65
C PRO B 32 -50.81 13.97 12.05
N PRO B 33 -51.96 14.58 12.28
CA PRO B 33 -53.20 14.06 11.69
C PRO B 33 -53.12 14.10 10.17
N LEU B 34 -53.91 13.23 9.54
CA LEU B 34 -53.97 13.19 8.09
C LEU B 34 -54.64 14.44 7.54
N LYS B 35 -54.06 14.98 6.48
CA LYS B 35 -54.72 16.02 5.69
C LYS B 35 -55.52 15.37 4.58
N ASN B 36 -56.36 16.17 3.94
CA ASN B 36 -57.13 15.67 2.80
C ASN B 36 -56.21 15.19 1.70
N GLY B 37 -56.50 14.01 1.16
CA GLY B 37 -55.69 13.42 0.12
C GLY B 37 -54.53 12.58 0.62
N GLU B 38 -54.33 12.49 1.93
CA GLU B 38 -53.24 11.72 2.51
C GLU B 38 -53.74 10.38 3.02
N VAL B 39 -52.80 9.44 3.16
CA VAL B 39 -53.08 8.11 3.68
C VAL B 39 -52.04 7.78 4.74
N LEU B 40 -52.40 6.86 5.63
CA LEU B 40 -51.52 6.35 6.66
C LEU B 40 -51.05 4.96 6.25
N LEU B 41 -49.73 4.77 6.22
CA LEU B 41 -49.13 3.52 5.75
C LEU B 41 -48.55 2.77 6.93
N GLU B 42 -48.84 1.47 7.00
CA GLU B 42 -48.30 0.57 8.00
C GLU B 42 -47.33 -0.38 7.30
N ALA B 43 -46.10 -0.42 7.78
CA ALA B 43 -45.10 -1.30 7.19
C ALA B 43 -45.47 -2.76 7.41
N LEU B 44 -45.46 -3.52 6.33
CA LEU B 44 -45.57 -4.98 6.37
C LEU B 44 -44.19 -5.64 6.27
N PHE B 45 -43.37 -5.20 5.33
CA PHE B 45 -42.00 -5.67 5.18
C PHE B 45 -41.10 -4.47 4.91
N LEU B 46 -39.92 -4.48 5.52
CA LEU B 46 -38.90 -3.47 5.28
C LEU B 46 -37.64 -4.15 4.76
N THR B 47 -36.87 -3.42 3.97
CA THR B 47 -35.63 -3.96 3.43
C THR B 47 -34.43 -3.24 4.05
N VAL B 48 -33.34 -3.98 4.18
CA VAL B 48 -32.02 -3.44 4.48
C VAL B 48 -31.10 -3.80 3.32
N ASP B 49 -30.24 -2.87 2.92
CA ASP B 49 -29.47 -3.04 1.70
C ASP B 49 -28.07 -2.48 1.90
N PRO B 50 -27.07 -3.05 1.23
CA PRO B 50 -25.69 -2.57 1.41
C PRO B 50 -25.51 -1.09 1.13
N TYR B 51 -26.27 -0.53 0.19
CA TYR B 51 -26.08 0.89 -0.15
C TYR B 51 -26.30 1.79 1.07
N MET B 52 -27.10 1.33 2.04
CA MET B 52 -27.37 2.15 3.22
C MET B 52 -26.10 2.43 4.02
N ARG B 53 -25.14 1.50 4.00
CA ARG B 53 -23.88 1.75 4.67
C ARG B 53 -23.16 2.95 4.06
N VAL B 54 -23.31 3.16 2.75
CA VAL B 54 -22.60 4.22 2.05
C VAL B 54 -23.38 5.54 2.12
N ALA B 55 -24.69 5.49 1.89
CA ALA B 55 -25.50 6.69 1.92
C ALA B 55 -25.64 7.26 3.34
N ALA B 56 -25.48 6.41 4.35
CA ALA B 56 -25.65 6.86 5.73
C ALA B 56 -24.65 7.94 6.14
N LYS B 57 -23.49 8.00 5.47
CA LYS B 57 -22.49 8.99 5.84
C LYS B 57 -22.91 10.40 5.49
N ARG B 58 -23.85 10.57 4.56
CA ARG B 58 -24.39 11.89 4.25
C ARG B 58 -25.60 12.25 5.11
N LEU B 59 -26.08 11.33 5.95
CA LEU B 59 -27.14 11.65 6.89
C LEU B 59 -26.59 12.49 8.04
N LYS B 60 -27.49 13.24 8.68
CA LYS B 60 -27.17 13.96 9.89
C LYS B 60 -27.63 13.15 11.09
N GLU B 61 -26.88 13.27 12.19
CA GLU B 61 -27.25 12.56 13.41
C GLU B 61 -28.68 12.93 13.82
N GLY B 62 -29.48 11.91 14.10
CA GLY B 62 -30.88 12.07 14.41
C GLY B 62 -31.81 11.77 13.26
N ASP B 63 -31.29 11.73 12.04
CA ASP B 63 -32.13 11.46 10.88
C ASP B 63 -32.56 9.99 10.85
N THR B 64 -33.62 9.73 10.09
CA THR B 64 -34.10 8.38 9.91
C THR B 64 -33.27 7.66 8.85
N MET B 65 -32.96 6.40 9.12
CA MET B 65 -32.30 5.58 8.11
C MET B 65 -33.18 5.44 6.88
N MET B 66 -32.57 5.54 5.71
CA MET B 66 -33.30 5.45 4.46
C MET B 66 -33.64 3.99 4.15
N GLY B 67 -34.68 3.79 3.35
CA GLY B 67 -35.04 2.46 2.94
C GLY B 67 -36.44 2.40 2.37
N GLN B 68 -36.69 1.31 1.65
CA GLN B 68 -37.98 1.01 1.04
C GLN B 68 -38.73 -0.01 1.89
N GLN B 69 -40.03 -0.09 1.66
CA GLN B 69 -40.88 -1.02 2.39
C GLN B 69 -42.13 -1.32 1.58
N VAL B 70 -42.70 -2.50 1.80
CA VAL B 70 -44.06 -2.79 1.39
C VAL B 70 -44.98 -2.44 2.55
N ALA B 71 -46.03 -1.68 2.27
CA ALA B 71 -46.93 -1.19 3.31
C ALA B 71 -48.36 -1.31 2.82
N LYS B 72 -49.29 -1.19 3.77
CA LYS B 72 -50.72 -1.20 3.46
C LYS B 72 -51.36 0.05 4.06
N VAL B 73 -52.37 0.57 3.36
CA VAL B 73 -53.11 1.71 3.88
C VAL B 73 -54.00 1.25 5.02
N VAL B 74 -53.86 1.90 6.18
CA VAL B 74 -54.68 1.60 7.34
C VAL B 74 -55.63 2.74 7.69
N GLU B 75 -55.44 3.91 7.10
CA GLU B 75 -56.35 5.05 7.26
C GLU B 75 -56.25 5.87 5.99
N SER B 76 -57.39 6.28 5.42
CA SER B 76 -57.38 6.89 4.11
C SER B 76 -58.29 8.12 4.07
N LYS B 77 -57.75 9.21 3.52
CA LYS B 77 -58.53 10.36 3.09
C LYS B 77 -58.34 10.59 1.59
N ASN B 78 -58.07 9.51 0.85
CA ASN B 78 -57.83 9.57 -0.58
C ASN B 78 -58.67 8.47 -1.23
N VAL B 79 -59.61 8.88 -2.09
CA VAL B 79 -60.56 7.92 -2.65
C VAL B 79 -59.86 6.88 -3.52
N ALA B 80 -58.71 7.23 -4.09
CA ALA B 80 -57.98 6.30 -4.95
C ALA B 80 -57.21 5.25 -4.15
N LEU B 81 -57.00 5.48 -2.84
CA LEU B 81 -56.20 4.60 -2.00
C LEU B 81 -57.04 4.16 -0.80
N PRO B 82 -57.97 3.23 -1.01
CA PRO B 82 -58.77 2.73 0.13
C PRO B 82 -57.93 1.92 1.11
N LYS B 83 -58.46 1.77 2.31
CA LYS B 83 -57.85 0.89 3.29
C LYS B 83 -57.64 -0.50 2.70
N GLY B 84 -56.45 -1.06 2.93
CA GLY B 84 -56.08 -2.34 2.40
C GLY B 84 -55.16 -2.29 1.18
N THR B 85 -54.96 -1.11 0.61
CA THR B 85 -54.13 -1.00 -0.59
C THR B 85 -52.68 -1.26 -0.25
N ILE B 86 -52.04 -2.15 -1.00
CA ILE B 86 -50.62 -2.44 -0.84
C ILE B 86 -49.83 -1.54 -1.78
N VAL B 87 -48.71 -1.00 -1.28
CA VAL B 87 -47.88 -0.09 -2.06
C VAL B 87 -46.43 -0.23 -1.61
N LEU B 88 -45.52 0.14 -2.49
CA LEU B 88 -44.11 0.33 -2.16
C LEU B 88 -43.88 1.79 -1.82
N ALA B 89 -43.19 2.04 -0.71
CA ALA B 89 -42.90 3.39 -0.27
C ALA B 89 -41.54 3.40 0.42
N SER B 90 -40.89 4.55 0.40
CA SER B 90 -39.54 4.70 0.94
C SER B 90 -39.49 5.79 2.00
N PRO B 91 -40.25 5.65 3.09
CA PRO B 91 -40.17 6.62 4.18
C PRO B 91 -39.01 6.40 5.13
N GLY B 92 -38.21 5.36 4.93
CA GLY B 92 -37.13 5.00 5.83
C GLY B 92 -37.54 3.92 6.81
N TRP B 93 -36.68 3.71 7.80
CA TRP B 93 -36.90 2.68 8.82
C TRP B 93 -37.95 3.19 9.80
N THR B 94 -39.22 3.02 9.42
CA THR B 94 -40.32 3.44 10.29
C THR B 94 -41.49 2.49 10.10
N THR B 95 -42.25 2.31 11.19
CA THR B 95 -43.40 1.40 11.16
C THR B 95 -44.64 2.06 10.58
N HIS B 96 -44.78 3.38 10.72
CA HIS B 96 -45.92 4.09 10.16
C HIS B 96 -45.43 5.40 9.56
N SER B 97 -46.11 5.84 8.50
CA SER B 97 -45.71 7.05 7.80
C SER B 97 -46.90 7.65 7.09
N ILE B 98 -46.77 8.92 6.72
CA ILE B 98 -47.81 9.67 6.02
C ILE B 98 -47.38 9.83 4.56
N SER B 99 -48.33 9.70 3.65
CA SER B 99 -48.09 9.90 2.23
C SER B 99 -49.27 10.62 1.62
N ASP B 100 -49.00 11.35 0.53
CA ASP B 100 -50.05 12.03 -0.22
C ASP B 100 -50.44 11.29 -1.49
N GLY B 101 -49.76 10.18 -1.81
CA GLY B 101 -50.07 9.35 -2.96
C GLY B 101 -49.08 9.48 -4.10
N LYS B 102 -48.45 10.66 -4.23
CA LYS B 102 -47.61 10.91 -5.39
C LYS B 102 -46.37 10.02 -5.38
N ASP B 103 -45.79 9.77 -4.20
CA ASP B 103 -44.54 9.03 -4.08
C ASP B 103 -44.73 7.53 -3.91
N LEU B 104 -45.94 7.02 -4.14
CA LEU B 104 -46.24 5.61 -3.92
C LEU B 104 -46.27 4.87 -5.24
N GLU B 105 -45.91 3.58 -5.18
CA GLU B 105 -45.86 2.72 -6.36
C GLU B 105 -46.66 1.46 -6.07
N LYS B 106 -47.70 1.23 -6.87
CA LYS B 106 -48.44 -0.03 -6.75
C LYS B 106 -47.60 -1.18 -7.32
N LEU B 107 -47.87 -2.37 -6.82
CA LEU B 107 -47.24 -3.56 -7.37
C LEU B 107 -47.80 -3.86 -8.76
N LEU B 108 -47.08 -4.68 -9.50
CA LEU B 108 -47.58 -5.17 -10.78
C LEU B 108 -49.04 -5.60 -10.65
N THR B 109 -49.83 -5.28 -11.68
CA THR B 109 -51.24 -5.66 -11.64
C THR B 109 -51.41 -7.17 -11.63
N GLU B 110 -50.48 -7.90 -12.26
CA GLU B 110 -50.52 -9.35 -12.31
C GLU B 110 -49.85 -10.01 -11.10
N TRP B 111 -49.57 -9.25 -10.05
CA TRP B 111 -48.91 -9.82 -8.88
C TRP B 111 -49.81 -10.88 -8.25
N PRO B 112 -49.38 -12.14 -8.19
CA PRO B 112 -50.23 -13.19 -7.63
C PRO B 112 -50.00 -13.41 -6.15
N ASP B 113 -50.96 -14.09 -5.53
CA ASP B 113 -50.88 -14.42 -4.11
C ASP B 113 -49.94 -15.58 -3.83
N THR B 114 -49.46 -16.28 -4.86
CA THR B 114 -48.61 -17.46 -4.66
C THR B 114 -47.18 -17.11 -4.30
N ILE B 115 -46.80 -15.84 -4.29
CA ILE B 115 -45.48 -15.43 -3.84
C ILE B 115 -45.65 -14.41 -2.72
N PRO B 116 -44.73 -14.35 -1.76
CA PRO B 116 -44.85 -13.34 -0.70
C PRO B 116 -44.67 -11.93 -1.22
N LEU B 117 -45.40 -11.00 -0.60
CA LEU B 117 -45.28 -9.59 -0.97
C LEU B 117 -43.85 -9.10 -0.87
N SER B 118 -43.04 -9.72 0.00
CA SER B 118 -41.69 -9.26 0.24
C SER B 118 -40.77 -9.43 -0.97
N LEU B 119 -41.16 -10.23 -1.96
CA LEU B 119 -40.36 -10.32 -3.19
C LEU B 119 -40.35 -9.00 -3.95
N ALA B 120 -41.30 -8.10 -3.67
CA ALA B 120 -41.29 -6.77 -4.28
C ALA B 120 -40.11 -5.93 -3.83
N LEU B 121 -39.41 -6.35 -2.77
CA LEU B 121 -38.18 -5.72 -2.33
C LEU B 121 -36.94 -6.51 -2.73
N GLY B 122 -37.12 -7.64 -3.40
CA GLY B 122 -36.00 -8.50 -3.74
C GLY B 122 -35.99 -8.97 -5.19
N THR B 123 -36.25 -10.26 -5.40
CA THR B 123 -36.09 -10.83 -6.74
C THR B 123 -37.01 -10.15 -7.75
N VAL B 124 -38.22 -9.78 -7.34
CA VAL B 124 -39.14 -9.05 -8.20
C VAL B 124 -39.19 -7.61 -7.69
N GLY B 125 -38.03 -7.04 -7.46
CA GLY B 125 -37.93 -5.69 -6.93
C GLY B 125 -36.59 -5.10 -7.32
N MET B 126 -36.11 -4.18 -6.50
CA MET B 126 -34.89 -3.45 -6.87
C MET B 126 -33.70 -4.38 -7.06
N PRO B 127 -33.37 -5.28 -6.14
CA PRO B 127 -32.19 -6.13 -6.38
C PRO B 127 -32.32 -7.02 -7.60
N GLY B 128 -33.53 -7.54 -7.86
CA GLY B 128 -33.72 -8.37 -9.04
C GLY B 128 -33.56 -7.58 -10.33
N LEU B 129 -33.99 -6.31 -10.32
CA LEU B 129 -33.78 -5.45 -11.48
C LEU B 129 -32.30 -5.14 -11.67
N THR B 130 -31.56 -5.01 -10.56
CA THR B 130 -30.13 -4.77 -10.65
C THR B 130 -29.43 -5.94 -11.36
N ALA B 131 -29.78 -7.16 -10.98
CA ALA B 131 -29.25 -8.34 -11.64
C ALA B 131 -29.67 -8.39 -13.10
N TYR B 132 -30.94 -8.05 -13.36
CA TYR B 132 -31.48 -8.16 -14.71
C TYR B 132 -30.72 -7.30 -15.70
N PHE B 133 -30.62 -6.00 -15.41
CA PHE B 133 -29.98 -5.08 -16.35
C PHE B 133 -28.46 -5.16 -16.29
N GLY B 134 -27.90 -5.43 -15.11
CA GLY B 134 -26.45 -5.55 -15.00
C GLY B 134 -25.91 -6.70 -15.82
N LEU B 135 -26.64 -7.82 -15.88
CA LEU B 135 -26.19 -8.99 -16.61
C LEU B 135 -26.57 -8.93 -18.08
N LEU B 136 -27.83 -8.61 -18.38
CA LEU B 136 -28.32 -8.73 -19.75
C LEU B 136 -27.95 -7.52 -20.61
N GLU B 137 -27.79 -6.35 -20.02
CA GLU B 137 -27.49 -5.14 -20.77
C GLU B 137 -26.05 -4.69 -20.57
N ILE B 138 -25.62 -4.44 -19.34
CA ILE B 138 -24.23 -4.05 -19.11
C ILE B 138 -23.30 -5.17 -19.57
N CYS B 139 -23.39 -6.34 -18.94
CA CYS B 139 -22.54 -7.46 -19.35
C CYS B 139 -22.90 -7.92 -20.77
N GLY B 140 -24.19 -7.94 -21.11
CA GLY B 140 -24.60 -8.30 -22.45
C GLY B 140 -24.50 -9.77 -22.79
N VAL B 141 -24.81 -10.65 -21.82
CA VAL B 141 -24.75 -12.08 -22.07
C VAL B 141 -25.77 -12.46 -23.14
N LYS B 142 -25.33 -13.24 -24.13
CA LYS B 142 -26.22 -13.75 -25.17
C LYS B 142 -26.34 -15.27 -25.16
N GLY B 143 -25.57 -15.97 -24.33
CA GLY B 143 -25.61 -17.43 -24.27
C GLY B 143 -24.26 -18.03 -24.59
N GLY B 144 -23.82 -18.96 -23.75
CA GLY B 144 -22.55 -19.63 -23.92
C GLY B 144 -21.38 -18.98 -23.23
N GLU B 145 -21.54 -17.75 -22.74
CA GLU B 145 -20.45 -17.10 -22.03
C GLU B 145 -20.23 -17.75 -20.67
N THR B 146 -19.02 -17.57 -20.14
CA THR B 146 -18.68 -17.95 -18.78
C THR B 146 -18.72 -16.69 -17.93
N VAL B 147 -19.55 -16.70 -16.89
CA VAL B 147 -19.83 -15.53 -16.07
C VAL B 147 -19.29 -15.80 -14.67
N MET B 148 -18.51 -14.86 -14.15
CA MET B 148 -18.07 -14.88 -12.77
C MET B 148 -18.92 -13.89 -11.99
N VAL B 149 -19.59 -14.36 -10.93
CA VAL B 149 -20.39 -13.52 -10.07
C VAL B 149 -20.04 -13.84 -8.62
N ASN B 150 -19.79 -12.80 -7.84
CA ASN B 150 -19.50 -12.93 -6.42
C ASN B 150 -20.69 -12.45 -5.61
N ALA B 151 -20.62 -12.64 -4.30
CA ALA B 151 -21.80 -12.55 -3.45
C ALA B 151 -22.95 -13.29 -4.11
N ALA B 152 -22.63 -14.47 -4.67
CA ALA B 152 -23.54 -15.19 -5.55
C ALA B 152 -24.76 -15.76 -4.83
N ALA B 153 -24.77 -15.76 -3.51
CA ALA B 153 -25.90 -16.23 -2.73
C ALA B 153 -26.71 -15.10 -2.13
N GLY B 154 -26.35 -13.84 -2.41
CA GLY B 154 -27.11 -12.69 -1.97
C GLY B 154 -28.27 -12.42 -2.90
N ALA B 155 -28.96 -11.30 -2.62
CA ALA B 155 -30.16 -10.96 -3.38
C ALA B 155 -29.85 -10.75 -4.85
N VAL B 156 -28.83 -9.92 -5.15
CA VAL B 156 -28.51 -9.62 -6.54
C VAL B 156 -27.78 -10.79 -7.18
N GLY B 157 -26.74 -11.31 -6.53
CA GLY B 157 -25.91 -12.32 -7.16
C GLY B 157 -26.66 -13.60 -7.44
N SER B 158 -27.56 -13.99 -6.54
CA SER B 158 -28.32 -15.22 -6.76
C SER B 158 -29.22 -15.09 -7.98
N VAL B 159 -29.78 -13.90 -8.22
CA VAL B 159 -30.59 -13.69 -9.41
C VAL B 159 -29.71 -13.63 -10.66
N VAL B 160 -28.54 -13.01 -10.54
CA VAL B 160 -27.62 -12.97 -11.68
C VAL B 160 -27.29 -14.37 -12.16
N GLY B 161 -26.90 -15.25 -11.24
CA GLY B 161 -26.49 -16.58 -11.64
C GLY B 161 -27.60 -17.39 -12.26
N GLN B 162 -28.84 -17.20 -11.76
CA GLN B 162 -29.96 -17.99 -12.29
C GLN B 162 -30.44 -17.47 -13.64
N ILE B 163 -30.39 -16.16 -13.86
CA ILE B 163 -30.67 -15.63 -15.19
C ILE B 163 -29.62 -16.12 -16.18
N ALA B 164 -28.36 -16.15 -15.74
CA ALA B 164 -27.28 -16.63 -16.61
C ALA B 164 -27.51 -18.08 -16.98
N LYS B 165 -27.93 -18.91 -16.03
CA LYS B 165 -28.14 -20.32 -16.30
C LYS B 165 -29.27 -20.53 -17.32
N LEU B 166 -30.38 -19.79 -17.17
CA LEU B 166 -31.49 -19.95 -18.10
C LEU B 166 -31.18 -19.36 -19.47
N LYS B 167 -30.16 -18.51 -19.57
CA LYS B 167 -29.71 -17.99 -20.85
C LYS B 167 -28.64 -18.85 -21.50
N GLY B 168 -28.30 -19.99 -20.89
CA GLY B 168 -27.35 -20.92 -21.49
C GLY B 168 -25.90 -20.65 -21.15
N CYS B 169 -25.62 -19.90 -20.09
CA CYS B 169 -24.26 -19.57 -19.71
C CYS B 169 -23.74 -20.54 -18.65
N LYS B 170 -22.41 -20.62 -18.57
CA LYS B 170 -21.74 -21.25 -17.45
C LYS B 170 -21.53 -20.21 -16.36
N VAL B 171 -21.76 -20.60 -15.11
CA VAL B 171 -21.73 -19.68 -13.98
C VAL B 171 -20.70 -20.19 -12.97
N VAL B 172 -19.79 -19.30 -12.58
CA VAL B 172 -18.85 -19.53 -11.49
C VAL B 172 -19.18 -18.51 -10.39
N GLY B 173 -19.55 -19.01 -9.22
CA GLY B 173 -20.02 -18.17 -8.13
C GLY B 173 -19.11 -18.23 -6.92
N ALA B 174 -18.92 -17.09 -6.27
CA ALA B 174 -18.14 -16.99 -5.05
C ALA B 174 -19.05 -16.56 -3.90
N VAL B 175 -18.98 -17.27 -2.79
CA VAL B 175 -19.79 -16.99 -1.60
C VAL B 175 -18.91 -17.15 -0.37
N GLY B 176 -19.47 -16.79 0.79
CA GLY B 176 -18.71 -16.72 2.02
C GLY B 176 -18.99 -17.80 3.05
N SER B 177 -19.67 -18.88 2.70
CA SER B 177 -19.91 -19.96 3.65
C SER B 177 -20.16 -21.25 2.87
N ASP B 178 -19.86 -22.38 3.52
CA ASP B 178 -20.12 -23.67 2.91
C ASP B 178 -21.62 -23.90 2.74
N GLU B 179 -22.44 -23.32 3.62
CA GLU B 179 -23.89 -23.41 3.45
C GLU B 179 -24.32 -22.76 2.14
N LYS B 180 -23.76 -21.60 1.82
CA LYS B 180 -24.11 -20.93 0.58
C LYS B 180 -23.61 -21.70 -0.63
N VAL B 181 -22.43 -22.32 -0.51
CA VAL B 181 -21.92 -23.15 -1.61
C VAL B 181 -22.90 -24.27 -1.92
N ALA B 182 -23.35 -24.98 -0.89
CA ALA B 182 -24.28 -26.10 -1.10
C ALA B 182 -25.58 -25.60 -1.72
N TYR B 183 -26.10 -24.47 -1.25
CA TYR B 183 -27.37 -23.98 -1.76
C TYR B 183 -27.29 -23.70 -3.25
N LEU B 184 -26.24 -23.00 -3.68
CA LEU B 184 -26.12 -22.63 -5.10
C LEU B 184 -25.80 -23.84 -5.97
N GLN B 185 -25.01 -24.79 -5.45
CA GLN B 185 -24.81 -26.06 -6.16
C GLN B 185 -26.14 -26.73 -6.43
N LYS B 186 -27.04 -26.76 -5.43
CA LYS B 186 -28.35 -27.34 -5.63
C LYS B 186 -29.16 -26.57 -6.67
N LEU B 187 -28.97 -25.25 -6.73
CA LEU B 187 -29.66 -24.46 -7.76
C LEU B 187 -29.15 -24.79 -9.15
N GLY B 188 -27.92 -25.28 -9.28
CA GLY B 188 -27.37 -25.70 -10.55
C GLY B 188 -26.21 -24.87 -11.08
N PHE B 189 -25.64 -23.97 -10.28
CA PHE B 189 -24.48 -23.23 -10.72
C PHE B 189 -23.33 -24.19 -11.04
N ASP B 190 -22.63 -23.91 -12.14
CA ASP B 190 -21.62 -24.86 -12.63
C ASP B 190 -20.52 -25.08 -11.60
N VAL B 191 -19.97 -23.98 -11.05
CA VAL B 191 -18.92 -24.06 -10.05
C VAL B 191 -19.22 -23.03 -8.97
N VAL B 192 -19.06 -23.45 -7.71
CA VAL B 192 -19.26 -22.58 -6.57
C VAL B 192 -18.18 -22.90 -5.53
N PHE B 193 -17.62 -21.85 -4.92
CA PHE B 193 -16.57 -22.04 -3.94
C PHE B 193 -16.71 -20.98 -2.85
N ASN B 194 -16.10 -21.28 -1.70
CA ASN B 194 -16.10 -20.41 -0.53
C ASN B 194 -14.79 -19.61 -0.58
N TYR B 195 -14.89 -18.33 -0.96
CA TYR B 195 -13.68 -17.54 -1.16
C TYR B 195 -12.89 -17.33 0.12
N LYS B 196 -13.50 -17.56 1.29
CA LYS B 196 -12.79 -17.43 2.55
C LYS B 196 -11.86 -18.60 2.84
N THR B 197 -12.11 -19.76 2.25
CA THR B 197 -11.37 -20.98 2.58
C THR B 197 -10.53 -21.51 1.43
N VAL B 198 -10.61 -20.92 0.24
CA VAL B 198 -9.78 -21.39 -0.87
C VAL B 198 -8.31 -21.22 -0.51
N GLU B 199 -7.50 -22.22 -0.89
CA GLU B 199 -6.06 -22.12 -0.65
C GLU B 199 -5.44 -21.03 -1.51
N SER B 200 -5.95 -20.83 -2.72
CA SER B 200 -5.47 -19.77 -3.61
C SER B 200 -6.63 -19.34 -4.48
N LEU B 201 -7.06 -18.08 -4.33
CA LEU B 201 -8.17 -17.59 -5.16
C LEU B 201 -7.82 -17.65 -6.64
N GLU B 202 -6.56 -17.33 -6.99
CA GLU B 202 -6.16 -17.38 -8.38
C GLU B 202 -6.29 -18.79 -8.93
N GLU B 203 -5.75 -19.78 -8.23
CA GLU B 203 -5.83 -21.15 -8.72
C GLU B 203 -7.26 -21.63 -8.82
N THR B 204 -8.11 -21.24 -7.86
CA THR B 204 -9.51 -21.66 -7.91
C THR B 204 -10.21 -21.11 -9.16
N LEU B 205 -10.03 -19.82 -9.44
CA LEU B 205 -10.66 -19.24 -10.61
C LEU B 205 -10.11 -19.81 -11.91
N LYS B 206 -8.82 -20.15 -11.94
CA LYS B 206 -8.23 -20.72 -13.14
C LYS B 206 -8.82 -22.11 -13.43
N LYS B 207 -8.96 -22.93 -12.39
CA LYS B 207 -9.53 -24.26 -12.59
C LYS B 207 -11.03 -24.20 -12.87
N ALA B 208 -11.73 -23.21 -12.30
CA ALA B 208 -13.15 -23.08 -12.57
C ALA B 208 -13.42 -22.75 -14.03
N SER B 209 -12.48 -22.08 -14.68
CA SER B 209 -12.62 -21.73 -16.09
C SER B 209 -11.24 -21.52 -16.70
N PRO B 210 -10.57 -22.58 -17.15
CA PRO B 210 -9.23 -22.41 -17.72
C PRO B 210 -9.21 -21.46 -18.91
N ASP B 211 -10.33 -21.31 -19.61
CA ASP B 211 -10.41 -20.48 -20.80
C ASP B 211 -10.51 -18.99 -20.49
N GLY B 212 -10.71 -18.62 -19.23
CA GLY B 212 -10.98 -17.24 -18.87
C GLY B 212 -12.45 -16.98 -18.62
N TYR B 213 -12.78 -15.70 -18.48
CA TYR B 213 -14.14 -15.28 -18.17
C TYR B 213 -14.60 -14.23 -19.18
N ASP B 214 -15.75 -14.50 -19.81
CA ASP B 214 -16.31 -13.53 -20.74
C ASP B 214 -16.89 -12.33 -19.99
N CYS B 215 -17.53 -12.58 -18.84
CA CYS B 215 -18.23 -11.54 -18.11
C CYS B 215 -17.93 -11.66 -16.62
N TYR B 216 -18.00 -10.52 -15.93
CA TYR B 216 -17.75 -10.44 -14.50
C TYR B 216 -18.80 -9.52 -13.89
N PHE B 217 -19.77 -10.09 -13.16
CA PHE B 217 -20.74 -9.29 -12.42
C PHE B 217 -20.16 -9.07 -11.03
N ASP B 218 -19.67 -7.86 -10.78
CA ASP B 218 -18.87 -7.55 -9.60
C ASP B 218 -19.73 -6.87 -8.54
N ASN B 219 -19.85 -7.52 -7.38
CA ASN B 219 -20.55 -6.99 -6.22
C ASN B 219 -19.63 -6.66 -5.06
N VAL B 220 -18.34 -7.00 -5.17
CA VAL B 220 -17.44 -7.07 -4.02
C VAL B 220 -16.30 -6.08 -4.13
N GLY B 221 -15.66 -6.01 -5.29
CA GLY B 221 -14.55 -5.08 -5.44
C GLY B 221 -13.32 -5.55 -4.69
N GLY B 222 -12.38 -4.61 -4.52
CA GLY B 222 -11.21 -4.87 -3.72
C GLY B 222 -10.23 -5.85 -4.36
N GLU B 223 -9.48 -6.54 -3.50
CA GLU B 223 -8.47 -7.47 -3.99
C GLU B 223 -9.10 -8.61 -4.79
N PHE B 224 -10.28 -9.08 -4.35
CA PHE B 224 -10.94 -10.16 -5.06
C PHE B 224 -11.11 -9.83 -6.55
N SER B 225 -11.52 -8.58 -6.83
CA SER B 225 -11.74 -8.19 -8.22
C SER B 225 -10.43 -8.04 -8.98
N ASN B 226 -9.34 -7.70 -8.29
CA ASN B 226 -8.04 -7.65 -8.97
C ASN B 226 -7.65 -9.02 -9.49
N THR B 227 -7.94 -10.08 -8.72
CA THR B 227 -7.64 -11.43 -9.18
C THR B 227 -8.52 -11.82 -10.37
N VAL B 228 -9.81 -11.46 -10.32
CA VAL B 228 -10.72 -11.81 -11.41
C VAL B 228 -10.28 -11.13 -12.70
N ILE B 229 -9.79 -9.90 -12.60
CA ILE B 229 -9.38 -9.15 -13.78
C ILE B 229 -8.22 -9.84 -14.49
N GLY B 230 -7.35 -10.50 -13.73
CA GLY B 230 -6.24 -11.23 -14.33
C GLY B 230 -6.63 -12.47 -15.09
N GLN B 231 -7.90 -12.87 -15.01
CA GLN B 231 -8.38 -14.06 -15.70
C GLN B 231 -9.56 -13.77 -16.62
N MET B 232 -9.86 -12.50 -16.88
CA MET B 232 -10.83 -12.15 -17.89
C MET B 232 -10.29 -12.49 -19.28
N LYS B 233 -11.16 -12.94 -20.17
CA LYS B 233 -10.78 -13.03 -21.56
C LYS B 233 -10.52 -11.63 -22.11
N LYS B 234 -9.72 -11.57 -23.17
CA LYS B 234 -9.50 -10.29 -23.84
C LYS B 234 -10.83 -9.73 -24.33
N PHE B 235 -11.00 -8.42 -24.16
CA PHE B 235 -12.25 -7.72 -24.45
C PHE B 235 -13.38 -8.17 -23.53
N GLY B 236 -13.06 -8.78 -22.39
CA GLY B 236 -14.08 -9.16 -21.44
C GLY B 236 -14.79 -7.96 -20.85
N ARG B 237 -15.98 -8.22 -20.31
CA ARG B 237 -16.87 -7.16 -19.86
C ARG B 237 -17.15 -7.30 -18.37
N ILE B 238 -17.06 -6.19 -17.66
CA ILE B 238 -17.27 -6.14 -16.21
C ILE B 238 -18.43 -5.21 -15.94
N ALA B 239 -19.46 -5.71 -15.26
CA ALA B 239 -20.53 -4.88 -14.74
C ALA B 239 -20.16 -4.53 -13.30
N ILE B 240 -19.85 -3.25 -13.06
CA ILE B 240 -19.46 -2.78 -11.74
C ILE B 240 -20.74 -2.46 -10.99
N CYS B 241 -21.27 -3.47 -10.30
CA CYS B 241 -22.52 -3.34 -9.55
C CYS B 241 -22.27 -2.78 -8.15
N GLY B 242 -21.38 -3.41 -7.39
CA GLY B 242 -21.08 -2.98 -6.04
C GLY B 242 -19.63 -3.24 -5.69
N ALA B 243 -19.24 -2.80 -4.50
CA ALA B 243 -17.89 -2.99 -3.98
C ALA B 243 -17.98 -3.14 -2.47
N ILE B 244 -18.77 -4.12 -2.01
CA ILE B 244 -19.13 -4.17 -0.61
C ILE B 244 -17.92 -4.42 0.28
N SER B 245 -16.83 -4.97 -0.25
CA SER B 245 -15.64 -5.19 0.56
C SER B 245 -14.99 -3.90 1.04
N THR B 246 -15.39 -2.75 0.49
CA THR B 246 -14.83 -1.46 0.88
C THR B 246 -15.80 -0.58 1.66
N TYR B 247 -17.08 -0.96 1.76
CA TYR B 247 -18.06 -0.05 2.34
C TYR B 247 -17.78 0.24 3.81
N ASN B 248 -17.18 -0.72 4.53
CA ASN B 248 -16.91 -0.58 5.95
C ASN B 248 -15.44 -0.30 6.24
N ARG B 249 -14.70 0.22 5.28
CA ARG B 249 -13.26 0.39 5.46
C ARG B 249 -12.96 1.54 6.41
N THR B 250 -11.88 1.40 7.17
CA THR B 250 -11.36 2.45 8.02
C THR B 250 -10.07 3.07 7.47
N GLY B 251 -9.38 2.39 6.57
CA GLY B 251 -8.13 2.88 6.03
C GLY B 251 -8.22 3.10 4.53
N PRO B 252 -7.06 3.17 3.87
CA PRO B 252 -7.05 3.44 2.43
C PRO B 252 -7.57 2.27 1.62
N LEU B 253 -8.12 2.59 0.45
CA LEU B 253 -8.57 1.56 -0.48
C LEU B 253 -7.38 0.69 -0.91
N PRO B 254 -7.62 -0.57 -1.25
CA PRO B 254 -6.53 -1.43 -1.72
C PRO B 254 -6.08 -0.99 -3.10
N PRO B 255 -4.89 -1.42 -3.53
CA PRO B 255 -4.43 -1.06 -4.88
C PRO B 255 -5.45 -1.47 -5.94
N GLY B 256 -5.37 -0.78 -7.08
CA GLY B 256 -6.10 -1.21 -8.25
C GLY B 256 -5.38 -2.34 -8.95
N PRO B 257 -6.04 -2.89 -9.97
CA PRO B 257 -5.38 -3.93 -10.76
C PRO B 257 -4.17 -3.38 -11.47
N PRO B 258 -3.15 -4.20 -11.71
CA PRO B 258 -1.97 -3.72 -12.43
C PRO B 258 -2.37 -3.20 -13.81
N PRO B 259 -2.16 -1.92 -14.10
CA PRO B 259 -2.65 -1.38 -15.39
C PRO B 259 -2.07 -2.10 -16.59
N GLU B 260 -0.95 -2.82 -16.42
CA GLU B 260 -0.43 -3.65 -17.50
C GLU B 260 -1.49 -4.66 -17.95
N ILE B 261 -2.13 -5.32 -16.99
CA ILE B 261 -3.13 -6.33 -17.31
C ILE B 261 -4.38 -5.70 -17.90
N VAL B 262 -4.82 -4.57 -17.34
CA VAL B 262 -6.05 -3.94 -17.82
C VAL B 262 -5.92 -3.53 -19.28
N ILE B 263 -4.75 -3.01 -19.67
CA ILE B 263 -4.55 -2.54 -21.03
C ILE B 263 -4.42 -3.71 -21.99
N TYR B 264 -3.58 -4.70 -21.66
CA TYR B 264 -3.45 -5.86 -22.52
C TYR B 264 -4.78 -6.56 -22.72
N GLN B 265 -5.59 -6.63 -21.66
CA GLN B 265 -6.87 -7.31 -21.72
C GLN B 265 -7.96 -6.48 -22.37
N GLU B 266 -7.71 -5.19 -22.64
CA GLU B 266 -8.66 -4.32 -23.32
C GLU B 266 -10.08 -4.55 -22.80
N LEU B 267 -10.21 -4.48 -21.48
CA LEU B 267 -11.49 -4.76 -20.83
C LEU B 267 -12.44 -3.57 -20.95
N ARG B 268 -13.71 -3.87 -21.16
CA ARG B 268 -14.78 -2.88 -21.05
C ARG B 268 -15.40 -3.03 -19.66
N MET B 269 -15.42 -1.95 -18.89
CA MET B 269 -15.86 -1.96 -17.51
C MET B 269 -16.83 -0.80 -17.31
N GLU B 270 -18.11 -1.10 -17.07
CA GLU B 270 -19.11 -0.07 -16.88
C GLU B 270 -19.84 -0.30 -15.58
N ALA B 271 -19.91 0.75 -14.76
CA ALA B 271 -20.76 0.77 -13.58
C ALA B 271 -22.15 1.27 -13.95
N PHE B 272 -23.11 0.96 -13.08
CA PHE B 272 -24.51 1.28 -13.35
C PHE B 272 -25.25 1.44 -12.04
N VAL B 273 -26.38 2.13 -12.10
CA VAL B 273 -27.34 2.21 -11.01
C VAL B 273 -28.68 1.70 -11.53
N VAL B 274 -29.34 0.86 -10.74
CA VAL B 274 -30.54 0.18 -11.21
C VAL B 274 -31.60 1.17 -11.68
N TYR B 275 -31.69 2.33 -11.03
CA TYR B 275 -32.74 3.28 -11.34
C TYR B 275 -32.57 3.93 -12.71
N ARG B 276 -31.46 3.68 -13.40
CA ARG B 276 -31.30 4.21 -14.75
C ARG B 276 -32.44 3.77 -15.66
N TRP B 277 -32.88 2.52 -15.50
CA TRP B 277 -33.93 1.96 -16.34
C TRP B 277 -35.30 2.26 -15.72
N GLN B 278 -36.18 2.89 -16.49
CA GLN B 278 -37.50 3.27 -16.04
C GLN B 278 -38.51 2.93 -17.14
N GLY B 279 -39.76 3.29 -16.90
CA GLY B 279 -40.78 3.16 -17.94
C GLY B 279 -40.97 1.73 -18.39
N ASP B 280 -41.10 1.55 -19.70
CA ASP B 280 -41.43 0.24 -20.26
C ASP B 280 -40.31 -0.76 -20.06
N ALA B 281 -39.05 -0.32 -20.11
CA ALA B 281 -37.94 -1.24 -19.91
C ALA B 281 -37.97 -1.84 -18.51
N ARG B 282 -38.16 -0.98 -17.50
CA ARG B 282 -38.26 -1.45 -16.12
C ARG B 282 -39.47 -2.36 -15.94
N GLN B 283 -40.63 -1.93 -16.46
CA GLN B 283 -41.85 -2.72 -16.33
C GLN B 283 -41.67 -4.09 -16.96
N LYS B 284 -40.97 -4.16 -18.09
CA LYS B 284 -40.78 -5.44 -18.77
C LYS B 284 -39.84 -6.34 -17.98
N ALA B 285 -38.84 -5.76 -17.32
CA ALA B 285 -37.92 -6.56 -16.52
C ALA B 285 -38.63 -7.17 -15.31
N LEU B 286 -39.49 -6.39 -14.64
CA LEU B 286 -40.26 -6.93 -13.54
C LEU B 286 -41.14 -8.09 -13.99
N LYS B 287 -41.79 -7.94 -15.16
CA LYS B 287 -42.65 -9.01 -15.65
C LYS B 287 -41.85 -10.26 -15.98
N ASP B 288 -40.66 -10.09 -16.57
CA ASP B 288 -39.81 -11.24 -16.83
C ASP B 288 -39.41 -11.94 -15.53
N LEU B 289 -39.06 -11.16 -14.51
CA LEU B 289 -38.63 -11.74 -13.25
C LEU B 289 -39.77 -12.49 -12.57
N LEU B 290 -40.97 -11.91 -12.58
CA LEU B 290 -42.13 -12.57 -11.99
C LEU B 290 -42.42 -13.89 -12.70
N LYS B 291 -42.35 -13.88 -14.04
CA LYS B 291 -42.65 -15.08 -14.81
C LYS B 291 -41.60 -16.17 -14.57
N TRP B 292 -40.33 -15.77 -14.44
CA TRP B 292 -39.28 -16.75 -14.17
C TRP B 292 -39.42 -17.34 -12.78
N VAL B 293 -39.88 -16.56 -11.81
CA VAL B 293 -40.12 -17.10 -10.47
C VAL B 293 -41.27 -18.11 -10.51
N LEU B 294 -42.36 -17.76 -11.18
CA LEU B 294 -43.52 -18.65 -11.25
C LEU B 294 -43.21 -19.91 -12.03
N GLU B 295 -42.29 -19.84 -12.99
CA GLU B 295 -41.90 -21.01 -13.76
C GLU B 295 -40.85 -21.85 -13.04
N GLY B 296 -40.28 -21.36 -11.94
CA GLY B 296 -39.26 -22.09 -11.24
C GLY B 296 -37.87 -21.90 -11.79
N LYS B 297 -37.71 -21.18 -12.90
CA LYS B 297 -36.37 -20.91 -13.43
C LYS B 297 -35.57 -20.03 -12.48
N ILE B 298 -36.24 -19.20 -11.68
CA ILE B 298 -35.62 -18.44 -10.61
C ILE B 298 -36.30 -18.87 -9.32
N GLN B 299 -35.58 -19.59 -8.46
CA GLN B 299 -36.05 -19.89 -7.12
C GLN B 299 -35.67 -18.74 -6.19
N TYR B 300 -36.59 -18.40 -5.29
CA TYR B 300 -36.36 -17.33 -4.33
C TYR B 300 -36.15 -17.94 -2.95
N LYS B 301 -35.22 -17.35 -2.20
CA LYS B 301 -35.06 -17.64 -0.79
C LYS B 301 -34.88 -16.32 -0.06
N GLU B 302 -35.54 -16.18 1.08
CA GLU B 302 -35.50 -14.96 1.88
C GLU B 302 -34.90 -15.24 3.24
N TYR B 303 -34.05 -14.32 3.69
CA TYR B 303 -33.50 -14.34 5.04
C TYR B 303 -34.34 -13.39 5.88
N ILE B 304 -35.34 -13.94 6.57
CA ILE B 304 -36.33 -13.13 7.28
C ILE B 304 -35.88 -12.91 8.71
N ILE B 305 -35.83 -11.64 9.12
CA ILE B 305 -35.63 -11.24 10.51
C ILE B 305 -36.94 -10.68 11.00
N GLU B 306 -37.50 -11.29 12.04
CA GLU B 306 -38.81 -10.93 12.54
C GLU B 306 -38.70 -9.84 13.60
N GLY B 307 -39.47 -8.77 13.42
CA GLY B 307 -39.53 -7.69 14.39
C GLY B 307 -38.86 -6.42 13.93
N PHE B 308 -39.60 -5.32 13.92
CA PHE B 308 -39.02 -4.03 13.56
C PHE B 308 -37.87 -3.66 14.49
N GLU B 309 -37.95 -4.06 15.76
CA GLU B 309 -36.91 -3.73 16.72
C GLU B 309 -35.57 -4.38 16.39
N ASN B 310 -35.56 -5.38 15.52
CA ASN B 310 -34.34 -6.08 15.13
C ASN B 310 -33.83 -5.65 13.76
N MET B 311 -34.28 -4.50 13.27
CA MET B 311 -33.88 -4.05 11.95
C MET B 311 -32.41 -3.67 11.91
N PRO B 312 -31.88 -2.96 12.91
CA PRO B 312 -30.43 -2.74 12.92
C PRO B 312 -29.64 -4.04 12.90
N ALA B 313 -30.09 -5.05 13.64
CA ALA B 313 -29.39 -6.34 13.65
C ALA B 313 -29.44 -7.01 12.29
N ALA B 314 -30.53 -6.84 11.54
CA ALA B 314 -30.60 -7.41 10.20
C ALA B 314 -29.64 -6.71 9.25
N PHE B 315 -29.57 -5.38 9.33
CA PHE B 315 -28.64 -4.62 8.51
C PHE B 315 -27.19 -5.00 8.81
N MET B 316 -26.85 -5.11 10.10
CA MET B 316 -25.49 -5.46 10.49
C MET B 316 -25.15 -6.89 10.08
N GLY B 317 -26.09 -7.81 10.22
CA GLY B 317 -25.82 -9.19 9.85
C GLY B 317 -25.64 -9.36 8.36
N MET B 318 -26.46 -8.65 7.56
CA MET B 318 -26.35 -8.76 6.12
C MET B 318 -25.00 -8.29 5.63
N LEU B 319 -24.47 -7.20 6.21
CA LEU B 319 -23.15 -6.73 5.83
C LEU B 319 -22.08 -7.77 6.12
N LYS B 320 -22.33 -8.67 7.09
CA LYS B 320 -21.39 -9.69 7.48
C LYS B 320 -21.71 -11.06 6.88
N GLY B 321 -22.67 -11.15 5.97
CA GLY B 321 -22.94 -12.39 5.28
C GLY B 321 -23.84 -13.36 6.01
N ASP B 322 -24.52 -12.93 7.08
CA ASP B 322 -25.45 -13.83 7.76
C ASP B 322 -26.57 -14.29 6.83
N ASN B 323 -26.88 -13.50 5.81
CA ASN B 323 -28.07 -13.70 5.00
C ASN B 323 -27.81 -14.65 3.84
N LEU B 324 -28.74 -15.58 3.65
CA LEU B 324 -28.82 -16.40 2.43
C LEU B 324 -30.05 -15.91 1.68
N GLY B 325 -29.83 -15.15 0.62
CA GLY B 325 -30.93 -14.52 -0.09
C GLY B 325 -31.22 -13.13 0.44
N LYS B 326 -32.28 -12.54 -0.11
CA LYS B 326 -32.63 -11.16 0.23
C LYS B 326 -32.93 -11.03 1.72
N THR B 327 -32.32 -10.04 2.37
CA THR B 327 -32.57 -9.76 3.77
C THR B 327 -33.84 -8.95 3.91
N ILE B 328 -34.80 -9.46 4.69
CA ILE B 328 -36.11 -8.84 4.85
C ILE B 328 -36.43 -8.77 6.34
N VAL B 329 -36.97 -7.63 6.77
CA VAL B 329 -37.48 -7.47 8.13
C VAL B 329 -39.00 -7.53 8.06
N LYS B 330 -39.58 -8.57 8.68
CA LYS B 330 -41.03 -8.66 8.77
C LYS B 330 -41.50 -7.80 9.92
N ALA B 331 -42.38 -6.83 9.63
CA ALA B 331 -42.91 -5.96 10.67
C ALA B 331 -43.60 -6.80 11.75
N GLY C 3 -22.96 -33.73 34.09
CA GLY C 3 -22.67 -33.10 35.40
C GLY C 3 -22.82 -31.59 35.38
N SER C 4 -21.73 -30.89 35.68
CA SER C 4 -21.76 -29.43 35.68
C SER C 4 -21.89 -28.89 34.27
N MET C 5 -22.63 -27.79 34.14
CA MET C 5 -22.86 -27.14 32.85
C MET C 5 -22.00 -25.90 32.73
N THR C 6 -21.67 -25.52 31.49
CA THR C 6 -20.80 -24.40 31.22
C THR C 6 -21.27 -23.65 29.98
N LYS C 7 -20.81 -22.41 29.87
CA LYS C 7 -21.05 -21.55 28.71
C LYS C 7 -19.71 -21.17 28.11
N THR C 8 -19.63 -21.17 26.78
CA THR C 8 -18.38 -20.93 26.08
C THR C 8 -18.61 -20.05 24.87
N TRP C 9 -17.82 -18.99 24.75
CA TRP C 9 -17.80 -18.18 23.53
C TRP C 9 -16.78 -18.76 22.56
N THR C 10 -17.23 -19.02 21.34
CA THR C 10 -16.41 -19.59 20.29
C THR C 10 -16.30 -18.62 19.12
N LEU C 11 -15.25 -18.79 18.33
CA LEU C 11 -15.05 -18.00 17.12
C LEU C 11 -15.81 -18.67 15.98
N LYS C 12 -16.99 -18.15 15.65
CA LYS C 12 -17.76 -18.73 14.55
C LYS C 12 -17.15 -18.37 13.20
N LYS C 13 -16.65 -17.15 13.07
CA LYS C 13 -16.07 -16.69 11.81
C LYS C 13 -14.84 -15.84 12.08
N HIS C 14 -13.81 -16.02 11.24
CA HIS C 14 -12.61 -15.20 11.36
C HIS C 14 -12.95 -13.74 11.11
N PHE C 15 -12.29 -12.85 11.85
CA PHE C 15 -12.59 -11.43 11.77
C PHE C 15 -12.16 -10.86 10.42
N VAL C 16 -13.01 -10.00 9.87
CA VAL C 16 -12.68 -9.18 8.71
C VAL C 16 -12.88 -7.73 9.14
N GLY C 17 -11.79 -6.99 9.31
CA GLY C 17 -11.90 -5.69 9.95
C GLY C 17 -12.22 -5.86 11.42
N TYR C 18 -13.05 -4.96 11.95
CA TYR C 18 -13.43 -5.05 13.34
C TYR C 18 -14.30 -6.27 13.60
N PRO C 19 -14.16 -6.92 14.76
CA PRO C 19 -15.07 -8.01 15.10
C PRO C 19 -16.51 -7.53 15.19
N THR C 20 -17.44 -8.41 14.84
CA THR C 20 -18.87 -8.15 14.94
C THR C 20 -19.52 -9.30 15.71
N ASN C 21 -20.78 -9.08 16.13
CA ASN C 21 -21.49 -10.10 16.87
C ASN C 21 -21.65 -11.38 16.08
N SER C 22 -21.70 -11.28 14.75
CA SER C 22 -21.85 -12.47 13.91
C SER C 22 -20.63 -13.37 13.96
N ASP C 23 -19.50 -12.88 14.45
CA ASP C 23 -18.26 -13.64 14.50
C ASP C 23 -18.15 -14.52 15.74
N PHE C 24 -19.12 -14.48 16.65
CA PHE C 24 -19.06 -15.23 17.90
C PHE C 24 -20.31 -16.10 18.05
N GLU C 25 -20.15 -17.19 18.81
CA GLU C 25 -21.23 -18.14 19.06
C GLU C 25 -21.16 -18.61 20.50
N LEU C 26 -22.25 -18.42 21.25
CA LEU C 26 -22.34 -18.95 22.60
C LEU C 26 -22.82 -20.39 22.55
N LYS C 27 -22.11 -21.28 23.25
CA LYS C 27 -22.38 -22.71 23.23
C LYS C 27 -22.48 -23.22 24.66
N THR C 28 -23.46 -24.09 24.91
CA THR C 28 -23.66 -24.71 26.21
C THR C 28 -23.22 -26.17 26.14
N SER C 29 -22.41 -26.59 27.11
CA SER C 29 -21.86 -27.93 27.15
C SER C 29 -22.01 -28.51 28.55
N GLU C 30 -21.86 -29.82 28.64
CA GLU C 30 -21.83 -30.54 29.90
C GLU C 30 -20.40 -31.03 30.14
N LEU C 31 -19.75 -30.51 31.18
CA LEU C 31 -18.40 -30.91 31.48
C LEU C 31 -18.36 -32.33 32.03
N PRO C 32 -17.29 -33.07 31.76
CA PRO C 32 -17.18 -34.43 32.31
C PRO C 32 -16.95 -34.39 33.81
N PRO C 33 -17.13 -35.50 34.51
CA PRO C 33 -16.85 -35.53 35.95
C PRO C 33 -15.38 -35.22 36.22
N LEU C 34 -15.12 -34.76 37.45
CA LEU C 34 -13.75 -34.50 37.86
C LEU C 34 -12.99 -35.80 38.04
N LYS C 35 -11.74 -35.82 37.61
CA LYS C 35 -10.83 -36.91 37.92
C LYS C 35 -10.01 -36.54 39.16
N ASN C 36 -9.30 -37.54 39.70
CA ASN C 36 -8.49 -37.30 40.87
C ASN C 36 -7.41 -36.27 40.56
N GLY C 37 -7.27 -35.29 41.45
CA GLY C 37 -6.32 -34.21 41.27
C GLY C 37 -6.83 -33.03 40.48
N GLU C 38 -8.07 -33.08 40.00
CA GLU C 38 -8.65 -32.01 39.21
C GLU C 38 -9.63 -31.20 40.05
N VAL C 39 -9.96 -30.01 39.55
CA VAL C 39 -10.86 -29.08 40.21
C VAL C 39 -11.77 -28.44 39.18
N LEU C 40 -12.91 -27.95 39.64
CA LEU C 40 -13.87 -27.24 38.82
C LEU C 40 -13.81 -25.75 39.17
N LEU C 41 -13.61 -24.91 38.16
CA LEU C 41 -13.42 -23.48 38.34
C LEU C 41 -14.63 -22.73 37.82
N GLU C 42 -15.05 -21.72 38.58
CA GLU C 42 -16.14 -20.81 38.21
C GLU C 42 -15.56 -19.43 38.00
N ALA C 43 -15.74 -18.87 36.81
CA ALA C 43 -15.20 -17.56 36.50
C ALA C 43 -15.91 -16.48 37.30
N LEU C 44 -15.13 -15.65 37.99
CA LEU C 44 -15.61 -14.45 38.67
C LEU C 44 -15.40 -13.20 37.82
N PHE C 45 -14.22 -13.03 37.24
CA PHE C 45 -13.93 -11.95 36.31
C PHE C 45 -13.14 -12.50 35.13
N LEU C 46 -13.47 -12.03 33.93
CA LEU C 46 -12.75 -12.42 32.72
C LEU C 46 -12.22 -11.16 32.04
N THR C 47 -11.08 -11.30 31.36
CA THR C 47 -10.45 -10.19 30.69
C THR C 47 -10.59 -10.34 29.17
N VAL C 48 -10.70 -9.21 28.49
CA VAL C 48 -10.56 -9.13 27.04
C VAL C 48 -9.38 -8.21 26.75
N ASP C 49 -8.58 -8.58 25.76
CA ASP C 49 -7.32 -7.88 25.52
C ASP C 49 -7.07 -7.75 24.03
N PRO C 50 -6.37 -6.70 23.60
CA PRO C 50 -6.14 -6.50 22.16
C PRO C 50 -5.45 -7.67 21.48
N TYR C 51 -4.57 -8.40 22.18
CA TYR C 51 -3.85 -9.48 21.52
C TYR C 51 -4.82 -10.53 20.96
N MET C 52 -6.03 -10.61 21.52
CA MET C 52 -6.99 -11.60 21.05
C MET C 52 -7.44 -11.34 19.62
N ARG C 53 -7.45 -10.07 19.19
CA ARG C 53 -7.82 -9.78 17.81
C ARG C 53 -6.84 -10.41 16.83
N VAL C 54 -5.55 -10.45 17.20
CA VAL C 54 -4.53 -10.97 16.31
C VAL C 54 -4.35 -12.49 16.45
N ALA C 55 -4.45 -13.00 17.69
CA ALA C 55 -4.26 -14.42 17.93
C ALA C 55 -5.43 -15.24 17.38
N ALA C 56 -6.62 -14.64 17.27
CA ALA C 56 -7.75 -15.37 16.72
C ALA C 56 -7.49 -15.88 15.31
N LYS C 57 -6.54 -15.27 14.60
CA LYS C 57 -6.26 -15.69 13.23
C LYS C 57 -5.70 -17.11 13.17
N ARG C 58 -5.05 -17.56 14.24
CA ARG C 58 -4.50 -18.92 14.28
C ARG C 58 -5.51 -19.96 14.72
N LEU C 59 -6.68 -19.53 15.20
CA LEU C 59 -7.70 -20.46 15.64
C LEU C 59 -8.42 -21.10 14.46
N LYS C 60 -8.99 -22.27 14.72
CA LYS C 60 -9.94 -22.88 13.81
C LYS C 60 -11.35 -22.43 14.19
N GLU C 61 -12.20 -22.27 13.18
CA GLU C 61 -13.59 -21.91 13.44
C GLU C 61 -14.25 -22.98 14.30
N GLY C 62 -14.90 -22.54 15.38
CA GLY C 62 -15.45 -23.42 16.39
C GLY C 62 -14.65 -23.48 17.67
N ASP C 63 -13.40 -23.01 17.64
CA ASP C 63 -12.55 -23.02 18.83
C ASP C 63 -13.05 -22.00 19.85
N THR C 64 -12.55 -22.15 21.08
CA THR C 64 -12.84 -21.20 22.15
C THR C 64 -11.90 -20.00 22.02
N MET C 65 -12.46 -18.81 22.23
CA MET C 65 -11.63 -17.61 22.30
C MET C 65 -10.70 -17.70 23.51
N MET C 66 -9.43 -17.36 23.30
CA MET C 66 -8.43 -17.44 24.36
C MET C 66 -8.59 -16.27 25.33
N GLY C 67 -8.11 -16.48 26.55
CA GLY C 67 -8.14 -15.43 27.54
C GLY C 67 -7.95 -15.95 28.94
N GLN C 68 -7.62 -15.03 29.85
CA GLN C 68 -7.41 -15.30 31.26
C GLN C 68 -8.65 -14.90 32.06
N GLN C 69 -8.69 -15.36 33.31
CA GLN C 69 -9.82 -15.07 34.19
C GLN C 69 -9.39 -15.27 35.64
N VAL C 70 -10.04 -14.55 36.53
CA VAL C 70 -10.04 -14.87 37.95
C VAL C 70 -11.20 -15.83 38.21
N ALA C 71 -10.93 -16.91 38.93
CA ALA C 71 -11.93 -17.94 39.15
C ALA C 71 -11.83 -18.43 40.59
N LYS C 72 -12.88 -19.15 41.03
CA LYS C 72 -12.89 -19.79 42.33
C LYS C 72 -13.20 -21.27 42.16
N VAL C 73 -12.54 -22.10 42.98
CA VAL C 73 -12.80 -23.53 42.96
C VAL C 73 -14.16 -23.79 43.61
N VAL C 74 -15.06 -24.44 42.86
CA VAL C 74 -16.36 -24.80 43.38
C VAL C 74 -16.47 -26.29 43.70
N GLU C 75 -15.56 -27.10 43.18
CA GLU C 75 -15.48 -28.53 43.50
C GLU C 75 -14.03 -28.94 43.39
N SER C 76 -13.54 -29.71 44.35
CA SER C 76 -12.12 -30.00 44.43
C SER C 76 -11.85 -31.46 44.75
N LYS C 77 -10.99 -32.07 43.95
CA LYS C 77 -10.33 -33.33 44.27
C LYS C 77 -8.81 -33.12 44.36
N ASN C 78 -8.42 -31.93 44.81
CA ASN C 78 -7.02 -31.52 44.88
C ASN C 78 -6.81 -30.81 46.21
N VAL C 79 -5.98 -31.41 47.08
CA VAL C 79 -5.85 -30.88 48.45
C VAL C 79 -5.22 -29.50 48.45
N ALA C 80 -4.39 -29.18 47.45
CA ALA C 80 -3.77 -27.86 47.39
C ALA C 80 -4.76 -26.78 46.97
N LEU C 81 -5.90 -27.17 46.40
CA LEU C 81 -6.88 -26.23 45.84
C LEU C 81 -8.25 -26.52 46.45
N PRO C 82 -8.44 -26.22 47.73
CA PRO C 82 -9.75 -26.47 48.36
C PRO C 82 -10.82 -25.56 47.77
N LYS C 83 -12.07 -25.93 48.03
CA LYS C 83 -13.19 -25.10 47.62
C LYS C 83 -13.06 -23.70 48.19
N GLY C 84 -13.29 -22.70 47.33
CA GLY C 84 -13.18 -21.31 47.71
C GLY C 84 -11.90 -20.64 47.28
N THR C 85 -10.93 -21.38 46.78
CA THR C 85 -9.64 -20.81 46.43
C THR C 85 -9.75 -19.95 45.18
N ILE C 86 -9.13 -18.78 45.21
CA ILE C 86 -9.09 -17.87 44.07
C ILE C 86 -7.82 -18.15 43.28
N VAL C 87 -7.95 -18.23 41.95
CA VAL C 87 -6.81 -18.51 41.08
C VAL C 87 -7.00 -17.77 39.77
N LEU C 88 -5.87 -17.46 39.12
CA LEU C 88 -5.85 -17.04 37.74
C LEU C 88 -5.76 -18.28 36.86
N ALA C 89 -6.56 -18.32 35.80
CA ALA C 89 -6.57 -19.44 34.87
C ALA C 89 -6.86 -18.91 33.48
N SER C 90 -6.47 -19.68 32.47
CA SER C 90 -6.62 -19.28 31.07
C SER C 90 -7.31 -20.38 30.27
N PRO C 91 -8.53 -20.76 30.65
CA PRO C 91 -9.28 -21.73 29.85
C PRO C 91 -9.98 -21.12 28.64
N GLY C 92 -9.88 -19.83 28.43
CA GLY C 92 -10.63 -19.16 27.39
C GLY C 92 -11.91 -18.54 27.90
N TRP C 93 -12.73 -18.09 26.97
CA TRP C 93 -14.00 -17.42 27.29
C TRP C 93 -15.03 -18.46 27.69
N THR C 94 -14.92 -18.93 28.93
CA THR C 94 -15.82 -19.95 29.43
C THR C 94 -16.14 -19.67 30.89
N THR C 95 -17.36 -20.03 31.29
CA THR C 95 -17.81 -19.75 32.66
C THR C 95 -17.36 -20.84 33.63
N HIS C 96 -17.26 -22.09 33.17
CA HIS C 96 -16.82 -23.19 34.01
C HIS C 96 -15.80 -24.02 33.24
N SER C 97 -14.81 -24.54 33.95
CA SER C 97 -13.72 -25.27 33.31
C SER C 97 -13.12 -26.23 34.33
N ILE C 98 -12.45 -27.26 33.81
CA ILE C 98 -11.76 -28.24 34.63
C ILE C 98 -10.26 -28.02 34.48
N SER C 99 -9.54 -28.09 35.59
CA SER C 99 -8.09 -27.90 35.60
C SER C 99 -7.46 -28.92 36.54
N ASP C 100 -6.22 -29.31 36.23
CA ASP C 100 -5.47 -30.23 37.07
C ASP C 100 -4.57 -29.53 38.07
N GLY C 101 -4.52 -28.19 38.04
CA GLY C 101 -3.81 -27.41 39.02
C GLY C 101 -2.47 -26.90 38.57
N LYS C 102 -1.80 -27.61 37.66
CA LYS C 102 -0.43 -27.26 37.29
C LYS C 102 -0.36 -25.88 36.64
N ASP C 103 -1.37 -25.53 35.84
CA ASP C 103 -1.38 -24.29 35.09
C ASP C 103 -2.05 -23.14 35.82
N LEU C 104 -2.37 -23.32 37.10
CA LEU C 104 -3.07 -22.30 37.88
C LEU C 104 -2.08 -21.49 38.71
N GLU C 105 -2.44 -20.22 38.92
CA GLU C 105 -1.60 -19.28 39.67
C GLU C 105 -2.43 -18.65 40.77
N LYS C 106 -2.03 -18.86 42.02
CA LYS C 106 -2.67 -18.15 43.12
C LYS C 106 -2.26 -16.69 43.11
N LEU C 107 -3.13 -15.83 43.64
CA LEU C 107 -2.80 -14.43 43.79
C LEU C 107 -1.68 -14.25 44.81
N LEU C 108 -1.08 -13.07 44.81
CA LEU C 108 -0.11 -12.73 45.84
C LEU C 108 -0.68 -13.07 47.21
N THR C 109 0.16 -13.66 48.07
CA THR C 109 -0.32 -14.09 49.37
C THR C 109 -0.82 -12.92 50.21
N GLU C 110 -0.23 -11.74 50.04
CA GLU C 110 -0.63 -10.55 50.77
C GLU C 110 -1.79 -9.81 50.11
N TRP C 111 -2.45 -10.43 49.13
CA TRP C 111 -3.52 -9.75 48.42
C TRP C 111 -4.63 -9.38 49.40
N PRO C 112 -4.99 -8.10 49.53
CA PRO C 112 -6.00 -7.71 50.51
C PRO C 112 -7.40 -7.68 49.94
N ASP C 113 -8.37 -7.72 50.86
CA ASP C 113 -9.78 -7.60 50.48
C ASP C 113 -10.16 -6.17 50.10
N THR C 114 -9.28 -5.19 50.35
CA THR C 114 -9.61 -3.79 50.13
C THR C 114 -9.58 -3.40 48.66
N ILE C 115 -9.08 -4.24 47.77
CA ILE C 115 -9.02 -3.92 46.35
C ILE C 115 -9.77 -4.98 45.56
N PRO C 116 -10.31 -4.66 44.38
CA PRO C 116 -11.04 -5.67 43.61
C PRO C 116 -10.14 -6.81 43.17
N LEU C 117 -10.71 -8.03 43.17
CA LEU C 117 -9.97 -9.18 42.66
C LEU C 117 -9.60 -9.01 41.20
N SER C 118 -10.41 -8.24 40.45
CA SER C 118 -10.18 -8.07 39.01
C SER C 118 -8.91 -7.31 38.70
N LEU C 119 -8.29 -6.65 39.67
CA LEU C 119 -7.01 -6.00 39.41
C LEU C 119 -5.91 -7.00 39.10
N ALA C 120 -6.09 -8.28 39.47
CA ALA C 120 -5.15 -9.32 39.11
C ALA C 120 -5.12 -9.57 37.60
N LEU C 121 -6.08 -9.01 36.87
CA LEU C 121 -6.10 -9.05 35.41
C LEU C 121 -5.66 -7.73 34.79
N GLY C 122 -5.35 -6.72 35.59
CA GLY C 122 -5.03 -5.40 35.10
C GLY C 122 -3.77 -4.81 35.72
N THR C 123 -3.95 -3.80 36.58
CA THR C 123 -2.80 -3.05 37.09
C THR C 123 -1.86 -3.95 37.89
N VAL C 124 -2.40 -4.86 38.70
CA VAL C 124 -1.58 -5.81 39.44
C VAL C 124 -1.64 -7.16 38.73
N GLY C 125 -1.49 -7.13 37.42
CA GLY C 125 -1.59 -8.32 36.61
C GLY C 125 -0.81 -8.15 35.33
N MET C 126 -1.27 -8.83 34.27
CA MET C 126 -0.49 -8.87 33.03
C MET C 126 -0.30 -7.48 32.42
N PRO C 127 -1.33 -6.66 32.23
CA PRO C 127 -1.07 -5.33 31.64
C PRO C 127 -0.17 -4.46 32.49
N GLY C 128 -0.30 -4.54 33.82
CA GLY C 128 0.59 -3.78 34.68
C GLY C 128 2.03 -4.25 34.58
N LEU C 129 2.23 -5.55 34.38
CA LEU C 129 3.59 -6.07 34.18
C LEU C 129 4.16 -5.61 32.84
N THR C 130 3.31 -5.49 31.82
CA THR C 130 3.78 -4.98 30.53
C THR C 130 4.28 -3.55 30.66
N ALA C 131 3.51 -2.70 31.35
CA ALA C 131 3.94 -1.32 31.58
C ALA C 131 5.19 -1.29 32.45
N TYR C 132 5.24 -2.12 33.48
CA TYR C 132 6.36 -2.12 34.41
C TYR C 132 7.68 -2.36 33.70
N PHE C 133 7.79 -3.50 33.02
CA PHE C 133 9.05 -3.86 32.37
C PHE C 133 9.29 -3.07 31.09
N GLY C 134 8.23 -2.73 30.36
CA GLY C 134 8.40 -1.96 29.15
C GLY C 134 9.00 -0.58 29.41
N LEU C 135 8.62 0.04 30.52
CA LEU C 135 9.09 1.38 30.85
C LEU C 135 10.41 1.36 31.62
N LEU C 136 10.51 0.52 32.66
CA LEU C 136 11.66 0.56 33.53
C LEU C 136 12.86 -0.19 32.95
N GLU C 137 12.63 -1.18 32.10
CA GLU C 137 13.70 -1.97 31.52
C GLU C 137 13.92 -1.67 30.04
N ILE C 138 12.89 -1.82 29.20
CA ILE C 138 13.08 -1.63 27.77
C ILE C 138 13.35 -0.17 27.45
N CYS C 139 12.54 0.74 28.00
CA CYS C 139 12.84 2.16 27.86
C CYS C 139 13.98 2.59 28.78
N GLY C 140 14.09 1.96 29.96
CA GLY C 140 15.18 2.26 30.86
C GLY C 140 15.11 3.64 31.47
N VAL C 141 13.92 4.13 31.80
CA VAL C 141 13.80 5.44 32.42
C VAL C 141 14.50 5.42 33.77
N LYS C 142 15.33 6.44 34.02
CA LYS C 142 16.02 6.60 35.29
C LYS C 142 15.56 7.83 36.05
N GLY C 143 14.66 8.63 35.47
CA GLY C 143 14.18 9.85 36.11
C GLY C 143 14.60 11.07 35.31
N GLY C 144 13.65 11.96 35.07
CA GLY C 144 13.89 13.19 34.35
C GLY C 144 13.66 13.11 32.86
N GLU C 145 13.41 11.92 32.32
CA GLU C 145 13.14 11.80 30.89
C GLU C 145 11.75 12.33 30.56
N THR C 146 11.56 12.66 29.28
CA THR C 146 10.25 12.97 28.73
C THR C 146 9.77 11.74 27.95
N VAL C 147 8.66 11.17 28.40
CA VAL C 147 8.14 9.92 27.88
C VAL C 147 6.85 10.20 27.13
N MET C 148 6.78 9.73 25.88
CA MET C 148 5.57 9.76 25.10
C MET C 148 4.92 8.38 25.17
N VAL C 149 3.66 8.34 25.60
CA VAL C 149 2.89 7.10 25.68
C VAL C 149 1.55 7.34 25.01
N ASN C 150 1.16 6.44 24.12
CA ASN C 150 -0.15 6.49 23.49
C ASN C 150 -1.04 5.42 24.11
N ALA C 151 -2.32 5.46 23.75
CA ALA C 151 -3.33 4.69 24.49
C ALA C 151 -3.14 4.91 25.99
N ALA C 152 -2.88 6.17 26.37
CA ALA C 152 -2.45 6.49 27.72
C ALA C 152 -3.55 6.33 28.74
N ALA C 153 -4.80 6.12 28.32
CA ALA C 153 -5.90 5.87 29.23
C ALA C 153 -6.34 4.42 29.23
N GLY C 154 -5.62 3.54 28.53
CA GLY C 154 -5.88 2.12 28.57
C GLY C 154 -5.20 1.47 29.76
N ALA C 155 -5.30 0.14 29.79
CA ALA C 155 -4.75 -0.61 30.92
C ALA C 155 -3.24 -0.44 31.02
N VAL C 156 -2.54 -0.63 29.90
CA VAL C 156 -1.08 -0.57 29.90
C VAL C 156 -0.60 0.87 29.96
N GLY C 157 -1.16 1.73 29.09
CA GLY C 157 -0.65 3.08 28.98
C GLY C 157 -0.87 3.92 30.23
N SER C 158 -1.99 3.71 30.91
CA SER C 158 -2.27 4.46 32.13
C SER C 158 -1.29 4.07 33.24
N VAL C 159 -0.90 2.80 33.30
CA VAL C 159 0.10 2.37 34.28
C VAL C 159 1.47 2.91 33.88
N VAL C 160 1.75 3.00 32.58
CA VAL C 160 3.04 3.54 32.14
C VAL C 160 3.19 4.98 32.59
N GLY C 161 2.17 5.81 32.32
CA GLY C 161 2.26 7.22 32.65
C GLY C 161 2.36 7.47 34.14
N GLN C 162 1.70 6.63 34.95
CA GLN C 162 1.72 6.84 36.40
C GLN C 162 3.02 6.36 37.02
N ILE C 163 3.59 5.27 36.50
CA ILE C 163 4.91 4.84 36.94
C ILE C 163 5.96 5.86 36.50
N ALA C 164 5.79 6.42 35.31
CA ALA C 164 6.72 7.44 34.84
C ALA C 164 6.66 8.67 35.71
N LYS C 165 5.44 9.07 36.13
CA LYS C 165 5.30 10.25 36.97
C LYS C 165 5.94 10.06 38.33
N LEU C 166 5.77 8.88 38.93
CA LEU C 166 6.36 8.62 40.24
C LEU C 166 7.86 8.37 40.17
N LYS C 167 8.41 8.17 38.98
CA LYS C 167 9.86 8.09 38.78
C LYS C 167 10.46 9.44 38.39
N GLY C 168 9.67 10.51 38.44
CA GLY C 168 10.18 11.84 38.17
C GLY C 168 10.22 12.23 36.71
N CYS C 169 9.46 11.54 35.86
CA CYS C 169 9.46 11.82 34.43
C CYS C 169 8.34 12.78 34.06
N LYS C 170 8.53 13.46 32.94
CA LYS C 170 7.45 14.18 32.27
C LYS C 170 6.73 13.21 31.33
N VAL C 171 5.41 13.28 31.32
CA VAL C 171 4.59 12.36 30.55
C VAL C 171 3.75 13.15 29.56
N VAL C 172 3.79 12.74 28.30
CA VAL C 172 2.91 13.24 27.25
C VAL C 172 2.10 12.05 26.74
N GLY C 173 0.80 12.10 26.94
CA GLY C 173 -0.08 10.98 26.65
C GLY C 173 -1.03 11.31 25.51
N ALA C 174 -1.31 10.30 24.68
CA ALA C 174 -2.25 10.40 23.59
C ALA C 174 -3.42 9.44 23.84
N VAL C 175 -4.64 9.95 23.71
CA VAL C 175 -5.85 9.16 23.90
C VAL C 175 -6.85 9.55 22.83
N GLY C 176 -7.97 8.81 22.78
CA GLY C 176 -8.95 8.95 21.72
C GLY C 176 -10.23 9.66 22.06
N SER C 177 -10.33 10.33 23.21
CA SER C 177 -11.54 11.05 23.56
C SER C 177 -11.21 12.19 24.51
N ASP C 178 -12.09 13.19 24.52
CA ASP C 178 -11.89 14.34 25.41
C ASP C 178 -12.07 13.94 26.87
N GLU C 179 -12.97 12.99 27.17
CA GLU C 179 -13.09 12.49 28.52
C GLU C 179 -11.78 11.90 29.01
N LYS C 180 -11.08 11.16 28.15
CA LYS C 180 -9.81 10.58 28.53
C LYS C 180 -8.75 11.66 28.73
N VAL C 181 -8.80 12.72 27.92
CA VAL C 181 -7.91 13.86 28.13
C VAL C 181 -8.13 14.45 29.52
N ALA C 182 -9.40 14.67 29.88
CA ALA C 182 -9.71 15.28 31.16
C ALA C 182 -9.29 14.39 32.33
N TYR C 183 -9.50 13.08 32.20
CA TYR C 183 -9.18 12.18 33.30
C TYR C 183 -7.68 12.15 33.56
N LEU C 184 -6.88 12.04 32.49
CA LEU C 184 -5.43 11.94 32.67
C LEU C 184 -4.82 13.27 33.10
N GLN C 185 -5.36 14.39 32.61
CA GLN C 185 -4.90 15.69 33.12
C GLN C 185 -5.11 15.78 34.63
N LYS C 186 -6.26 15.31 35.12
CA LYS C 186 -6.51 15.33 36.55
C LYS C 186 -5.52 14.44 37.29
N LEU C 187 -5.19 13.28 36.73
CA LEU C 187 -4.22 12.40 37.36
C LEU C 187 -2.87 13.07 37.52
N GLY C 188 -2.52 14.00 36.65
CA GLY C 188 -1.27 14.71 36.74
C GLY C 188 -0.34 14.52 35.57
N PHE C 189 -0.82 13.89 34.50
CA PHE C 189 -0.01 13.77 33.29
C PHE C 189 0.27 15.16 32.74
N ASP C 190 1.53 15.43 32.41
CA ASP C 190 1.95 16.79 32.07
C ASP C 190 1.16 17.33 30.88
N VAL C 191 1.08 16.55 29.81
CA VAL C 191 0.34 16.93 28.61
C VAL C 191 -0.45 15.73 28.13
N VAL C 192 -1.69 15.97 27.72
CA VAL C 192 -2.57 14.93 27.20
C VAL C 192 -3.42 15.53 26.09
N PHE C 193 -3.53 14.83 24.97
CA PHE C 193 -4.30 15.35 23.84
C PHE C 193 -5.07 14.22 23.19
N ASN C 194 -6.11 14.62 22.44
CA ASN C 194 -6.97 13.69 21.70
C ASN C 194 -6.43 13.57 20.28
N TYR C 195 -5.81 12.44 19.98
CA TYR C 195 -5.14 12.29 18.68
C TYR C 195 -6.10 12.33 17.51
N LYS C 196 -7.40 12.10 17.74
CA LYS C 196 -8.38 12.13 16.67
C LYS C 196 -8.72 13.54 16.21
N THR C 197 -8.52 14.55 17.06
CA THR C 197 -9.00 15.89 16.80
C THR C 197 -7.90 16.94 16.68
N VAL C 198 -6.62 16.55 16.80
CA VAL C 198 -5.55 17.53 16.70
C VAL C 198 -5.55 18.15 15.31
N GLU C 199 -5.23 19.45 15.26
CA GLU C 199 -5.11 20.13 13.97
C GLU C 199 -3.88 19.63 13.22
N SER C 200 -2.80 19.33 13.95
CA SER C 200 -1.59 18.78 13.35
C SER C 200 -0.89 17.94 14.41
N LEU C 201 -0.78 16.63 14.18
CA LEU C 201 -0.13 15.78 15.17
C LEU C 201 1.29 16.23 15.46
N GLU C 202 2.03 16.61 14.41
CA GLU C 202 3.40 17.05 14.62
C GLU C 202 3.45 18.31 15.47
N GLU C 203 2.62 19.30 15.15
CA GLU C 203 2.61 20.53 15.94
C GLU C 203 2.28 20.25 17.40
N THR C 204 1.32 19.35 17.65
CA THR C 204 0.94 19.04 19.02
C THR C 204 2.13 18.44 19.78
N LEU C 205 2.82 17.48 19.17
CA LEU C 205 3.95 16.85 19.85
C LEU C 205 5.11 17.81 20.02
N LYS C 206 5.30 18.74 19.07
CA LYS C 206 6.37 19.72 19.22
C LYS C 206 6.11 20.63 20.40
N LYS C 207 4.87 21.10 20.56
CA LYS C 207 4.55 21.98 21.67
C LYS C 207 4.58 21.23 23.00
N ALA C 208 4.21 19.95 22.99
CA ALA C 208 4.22 19.17 24.23
C ALA C 208 5.65 18.99 24.75
N SER C 209 6.64 18.97 23.85
CA SER C 209 8.03 18.85 24.26
C SER C 209 8.93 19.35 23.13
N PRO C 210 9.23 20.65 23.09
CA PRO C 210 10.14 21.17 22.05
C PRO C 210 11.51 20.53 22.09
N ASP C 211 11.92 19.98 23.23
CA ASP C 211 13.23 19.35 23.37
C ASP C 211 13.29 17.97 22.73
N GLY C 212 12.15 17.37 22.41
CA GLY C 212 12.11 16.01 21.92
C GLY C 212 11.62 15.05 22.99
N TYR C 213 11.77 13.76 22.70
CA TYR C 213 11.29 12.70 23.58
C TYR C 213 12.41 11.70 23.82
N ASP C 214 12.73 11.49 25.09
CA ASP C 214 13.75 10.50 25.44
C ASP C 214 13.25 9.08 25.21
N CYS C 215 11.98 8.83 25.53
CA CYS C 215 11.42 7.48 25.46
C CYS C 215 10.06 7.51 24.79
N TYR C 216 9.71 6.40 24.16
CA TYR C 216 8.44 6.23 23.46
C TYR C 216 7.90 4.85 23.79
N PHE C 217 6.85 4.79 24.60
CA PHE C 217 6.15 3.54 24.89
C PHE C 217 5.02 3.41 23.86
N ASP C 218 5.22 2.54 22.87
CA ASP C 218 4.37 2.51 21.69
C ASP C 218 3.38 1.35 21.78
N ASN C 219 2.10 1.70 21.88
CA ASN C 219 1.00 0.76 21.88
C ASN C 219 0.19 0.77 20.59
N VAL C 220 0.44 1.73 19.70
CA VAL C 220 -0.48 2.06 18.62
C VAL C 220 0.12 1.72 17.25
N GLY C 221 1.37 2.09 17.04
CA GLY C 221 1.98 1.86 15.74
C GLY C 221 1.36 2.74 14.66
N GLY C 222 1.69 2.42 13.42
CA GLY C 222 1.11 3.12 12.29
C GLY C 222 1.66 4.52 12.08
N GLU C 223 0.84 5.34 11.42
CA GLU C 223 1.25 6.70 11.09
C GLU C 223 1.58 7.52 12.34
N PHE C 224 0.85 7.28 13.43
CA PHE C 224 1.10 8.01 14.67
C PHE C 224 2.55 7.86 15.09
N SER C 225 3.07 6.63 15.04
CA SER C 225 4.45 6.40 15.45
C SER C 225 5.44 7.03 14.48
N ASN C 226 5.08 7.15 13.20
CA ASN C 226 5.96 7.83 12.25
C ASN C 226 6.20 9.27 12.67
N THR C 227 5.17 9.94 13.20
CA THR C 227 5.33 11.31 13.66
C THR C 227 6.15 11.37 14.94
N VAL C 228 5.91 10.42 15.86
CA VAL C 228 6.67 10.40 17.11
C VAL C 228 8.15 10.20 16.83
N ILE C 229 8.47 9.35 15.85
CA ILE C 229 9.87 9.10 15.50
C ILE C 229 10.52 10.37 14.98
N GLY C 230 9.75 11.23 14.33
CA GLY C 230 10.27 12.50 13.85
C GLY C 230 10.59 13.50 14.94
N GLN C 231 10.25 13.19 16.20
CA GLN C 231 10.54 14.06 17.31
C GLN C 231 11.27 13.37 18.45
N MET C 232 11.79 12.16 18.24
CA MET C 232 12.60 11.52 19.24
C MET C 232 13.95 12.22 19.35
N LYS C 233 14.42 12.41 20.58
CA LYS C 233 15.79 12.87 20.77
C LYS C 233 16.76 11.86 20.18
N LYS C 234 17.99 12.31 19.92
CA LYS C 234 19.01 11.40 19.44
C LYS C 234 19.33 10.37 20.51
N PHE C 235 19.48 9.11 20.08
CA PHE C 235 19.64 7.96 20.97
C PHE C 235 18.38 7.68 21.78
N GLY C 236 17.24 8.21 21.36
CA GLY C 236 16.00 7.92 22.03
C GLY C 236 15.63 6.45 21.93
N ARG C 237 14.84 5.99 22.90
CA ARG C 237 14.51 4.57 23.02
C ARG C 237 13.01 4.39 22.86
N ILE C 238 12.63 3.36 22.10
CA ILE C 238 11.24 3.04 21.82
C ILE C 238 10.98 1.61 22.29
N ALA C 239 10.04 1.46 23.21
CA ALA C 239 9.55 0.14 23.61
C ALA C 239 8.36 -0.22 22.72
N ILE C 240 8.56 -1.20 21.84
CA ILE C 240 7.50 -1.62 20.91
C ILE C 240 6.63 -2.62 21.66
N CYS C 241 5.56 -2.10 22.27
CA CYS C 241 4.65 -2.91 23.08
C CYS C 241 3.53 -3.50 22.22
N GLY C 242 2.81 -2.66 21.47
CA GLY C 242 1.75 -3.09 20.60
C GLY C 242 1.64 -2.18 19.41
N ALA C 243 0.74 -2.52 18.49
CA ALA C 243 0.47 -1.74 17.30
C ALA C 243 -1.01 -1.84 16.96
N ILE C 244 -1.87 -1.44 17.90
CA ILE C 244 -3.30 -1.74 17.79
C ILE C 244 -3.95 -1.06 16.60
N SER C 245 -3.35 0.00 16.06
CA SER C 245 -3.92 0.66 14.90
C SER C 245 -3.92 -0.22 13.65
N THR C 246 -3.23 -1.37 13.68
CA THR C 246 -3.16 -2.27 12.55
C THR C 246 -3.90 -3.59 12.79
N TYR C 247 -4.35 -3.86 14.01
CA TYR C 247 -4.94 -5.16 14.31
C TYR C 247 -6.21 -5.42 13.49
N ASN C 248 -7.00 -4.37 13.24
CA ASN C 248 -8.26 -4.51 12.54
C ASN C 248 -8.18 -4.03 11.08
N ARG C 249 -6.99 -4.03 10.50
CA ARG C 249 -6.83 -3.51 9.14
C ARG C 249 -7.40 -4.49 8.13
N THR C 250 -7.93 -3.94 7.04
CA THR C 250 -8.40 -4.72 5.91
C THR C 250 -7.38 -4.80 4.79
N GLY C 251 -6.51 -3.80 4.68
CA GLY C 251 -5.55 -3.73 3.61
C GLY C 251 -4.11 -3.82 4.10
N PRO C 252 -3.17 -3.28 3.33
CA PRO C 252 -1.76 -3.41 3.70
C PRO C 252 -1.38 -2.44 4.82
N LEU C 253 -0.29 -2.77 5.49
CA LEU C 253 0.22 -1.91 6.54
C LEU C 253 0.52 -0.53 5.96
N PRO C 254 0.47 0.51 6.79
CA PRO C 254 0.80 1.86 6.31
C PRO C 254 2.29 1.99 6.09
N PRO C 255 2.74 3.07 5.44
CA PRO C 255 4.17 3.26 5.25
C PRO C 255 4.93 3.22 6.57
N GLY C 256 6.19 2.82 6.52
CA GLY C 256 7.05 2.85 7.67
C GLY C 256 7.61 4.23 7.90
N PRO C 257 8.28 4.39 9.04
CA PRO C 257 8.91 5.67 9.33
C PRO C 257 10.00 5.98 8.32
N PRO C 258 10.31 7.25 8.11
CA PRO C 258 11.37 7.59 7.16
C PRO C 258 12.73 7.17 7.70
N PRO C 259 13.39 6.22 7.04
CA PRO C 259 14.67 5.72 7.59
C PRO C 259 15.74 6.81 7.70
N GLU C 260 15.60 7.92 6.99
CA GLU C 260 16.55 9.02 7.16
C GLU C 260 16.53 9.54 8.60
N ILE C 261 15.33 9.66 9.18
CA ILE C 261 15.22 10.15 10.55
C ILE C 261 15.66 9.07 11.53
N VAL C 262 15.27 7.82 11.28
CA VAL C 262 15.62 6.75 12.20
C VAL C 262 17.12 6.58 12.29
N ILE C 263 17.82 6.71 11.16
CA ILE C 263 19.26 6.49 11.13
C ILE C 263 19.99 7.66 11.77
N TYR C 264 19.69 8.89 11.33
CA TYR C 264 20.43 10.04 11.82
C TYR C 264 20.19 10.25 13.31
N GLN C 265 18.97 9.96 13.80
CA GLN C 265 18.68 10.07 15.21
C GLN C 265 19.16 8.85 16.00
N GLU C 266 19.63 7.80 15.32
CA GLU C 266 20.22 6.64 15.97
C GLU C 266 19.31 6.09 17.07
N LEU C 267 18.08 5.78 16.68
CA LEU C 267 17.07 5.35 17.62
C LEU C 267 17.28 3.88 18.00
N ARG C 268 17.06 3.59 19.28
CA ARG C 268 17.06 2.23 19.80
C ARG C 268 15.62 1.78 19.94
N MET C 269 15.28 0.65 19.33
CA MET C 269 13.90 0.17 19.24
C MET C 269 13.88 -1.31 19.58
N GLU C 270 13.21 -1.68 20.66
CA GLU C 270 13.14 -3.08 21.10
C GLU C 270 11.71 -3.44 21.42
N ALA C 271 11.21 -4.50 20.79
CA ALA C 271 9.93 -5.07 21.13
C ALA C 271 10.10 -6.12 22.24
N PHE C 272 9.00 -6.42 22.92
CA PHE C 272 9.05 -7.30 24.07
C PHE C 272 7.69 -7.94 24.27
N VAL C 273 7.69 -9.07 24.98
CA VAL C 273 6.48 -9.72 25.46
C VAL C 273 6.56 -9.81 26.98
N VAL C 274 5.45 -9.55 27.65
CA VAL C 274 5.47 -9.42 29.10
C VAL C 274 5.95 -10.71 29.75
N TYR C 275 5.62 -11.85 29.15
CA TYR C 275 5.96 -13.15 29.73
C TYR C 275 7.45 -13.45 29.69
N ARG C 276 8.28 -12.58 29.11
CA ARG C 276 9.73 -12.79 29.15
C ARG C 276 10.22 -12.84 30.60
N TRP C 277 9.63 -12.02 31.46
CA TRP C 277 10.08 -11.87 32.84
C TRP C 277 9.33 -12.86 33.72
N GLN C 278 10.09 -13.68 34.45
CA GLN C 278 9.53 -14.75 35.29
C GLN C 278 10.26 -14.76 36.62
N GLY C 279 9.89 -15.71 37.47
CA GLY C 279 10.62 -15.94 38.70
C GLY C 279 10.60 -14.74 39.63
N ASP C 280 11.77 -14.45 40.22
CA ASP C 280 11.85 -13.39 41.22
C ASP C 280 11.62 -12.01 40.62
N ALA C 281 12.02 -11.80 39.37
CA ALA C 281 11.80 -10.51 38.74
C ALA C 281 10.31 -10.23 38.58
N ARG C 282 9.55 -11.24 38.17
CA ARG C 282 8.11 -11.06 38.01
C ARG C 282 7.43 -10.84 39.36
N GLN C 283 7.78 -11.66 40.35
CA GLN C 283 7.21 -11.51 41.69
C GLN C 283 7.49 -10.12 42.25
N LYS C 284 8.71 -9.61 42.04
CA LYS C 284 9.07 -8.30 42.56
C LYS C 284 8.23 -7.21 41.92
N ALA C 285 7.92 -7.36 40.63
CA ALA C 285 7.12 -6.35 39.95
C ALA C 285 5.67 -6.37 40.43
N LEU C 286 5.10 -7.57 40.62
CA LEU C 286 3.74 -7.65 41.13
C LEU C 286 3.63 -6.99 42.50
N LYS C 287 4.59 -7.24 43.39
CA LYS C 287 4.57 -6.63 44.71
C LYS C 287 4.73 -5.12 44.62
N ASP C 288 5.57 -4.64 43.70
CA ASP C 288 5.71 -3.20 43.50
C ASP C 288 4.41 -2.57 43.04
N LEU C 289 3.71 -3.25 42.11
CA LEU C 289 2.47 -2.70 41.57
C LEU C 289 1.37 -2.68 42.62
N LEU C 290 1.28 -3.74 43.42
CA LEU C 290 0.29 -3.76 44.51
C LEU C 290 0.58 -2.66 45.52
N LYS C 291 1.85 -2.50 45.90
CA LYS C 291 2.22 -1.52 46.90
C LYS C 291 1.95 -0.10 46.42
N TRP C 292 2.25 0.17 45.14
CA TRP C 292 1.95 1.48 44.57
C TRP C 292 0.45 1.74 44.55
N VAL C 293 -0.34 0.71 44.28
CA VAL C 293 -1.80 0.87 44.27
C VAL C 293 -2.30 1.23 45.66
N LEU C 294 -1.83 0.50 46.68
CA LEU C 294 -2.29 0.74 48.04
C LEU C 294 -1.85 2.11 48.55
N GLU C 295 -0.75 2.64 48.04
CA GLU C 295 -0.26 3.95 48.45
C GLU C 295 -0.91 5.10 47.69
N GLY C 296 -1.67 4.80 46.63
CA GLY C 296 -2.32 5.83 45.85
C GLY C 296 -1.50 6.40 44.71
N LYS C 297 -0.24 5.96 44.57
CA LYS C 297 0.59 6.48 43.47
C LYS C 297 0.12 5.95 42.13
N ILE C 298 -0.52 4.78 42.10
CA ILE C 298 -1.20 4.28 40.91
C ILE C 298 -2.68 4.20 41.24
N GLN C 299 -3.46 5.13 40.71
CA GLN C 299 -4.91 5.03 40.76
C GLN C 299 -5.37 4.03 39.71
N TYR C 300 -6.34 3.20 40.09
CA TYR C 300 -6.90 2.20 39.20
C TYR C 300 -8.32 2.60 38.78
N LYS C 301 -8.61 2.40 37.51
CA LYS C 301 -9.99 2.50 37.01
C LYS C 301 -10.27 1.27 36.17
N GLU C 302 -11.49 0.77 36.29
CA GLU C 302 -11.94 -0.39 35.54
C GLU C 302 -13.15 -0.01 34.69
N TYR C 303 -13.17 -0.53 33.47
CA TYR C 303 -14.34 -0.42 32.60
C TYR C 303 -15.06 -1.76 32.69
N ILE C 304 -16.07 -1.83 33.56
CA ILE C 304 -16.73 -3.08 33.90
C ILE C 304 -17.93 -3.28 32.99
N ILE C 305 -17.98 -4.44 32.33
CA ILE C 305 -19.14 -4.88 31.56
C ILE C 305 -19.74 -6.08 32.30
N GLU C 306 -20.99 -5.94 32.72
CA GLU C 306 -21.65 -6.96 33.53
C GLU C 306 -22.30 -8.00 32.61
N GLY C 307 -22.02 -9.26 32.87
CA GLY C 307 -22.64 -10.36 32.16
C GLY C 307 -21.71 -11.10 31.23
N PHE C 308 -21.57 -12.41 31.44
CA PHE C 308 -20.76 -13.23 30.55
C PHE C 308 -21.27 -13.16 29.12
N GLU C 309 -22.59 -13.05 28.93
CA GLU C 309 -23.15 -13.00 27.58
C GLU C 309 -22.73 -11.76 26.83
N ASN C 310 -22.23 -10.73 27.52
CA ASN C 310 -21.78 -9.50 26.91
C ASN C 310 -20.27 -9.45 26.74
N MET C 311 -19.60 -10.60 26.78
CA MET C 311 -18.14 -10.59 26.68
C MET C 311 -17.71 -10.18 25.27
N PRO C 312 -18.34 -10.70 24.21
CA PRO C 312 -17.99 -10.19 22.87
C PRO C 312 -18.15 -8.69 22.75
N ALA C 313 -19.21 -8.13 23.32
CA ALA C 313 -19.43 -6.69 23.23
C ALA C 313 -18.36 -5.91 24.01
N ALA C 314 -17.86 -6.48 25.10
CA ALA C 314 -16.76 -5.82 25.82
C ALA C 314 -15.48 -5.85 25.00
N PHE C 315 -15.21 -6.98 24.34
CA PHE C 315 -14.04 -7.10 23.47
C PHE C 315 -14.11 -6.10 22.32
N MET C 316 -15.27 -5.99 21.68
CA MET C 316 -15.43 -5.07 20.55
C MET C 316 -15.35 -3.61 21.01
N GLY C 317 -16.00 -3.31 22.13
CA GLY C 317 -15.97 -1.94 22.62
C GLY C 317 -14.57 -1.48 22.98
N MET C 318 -13.77 -2.36 23.57
CA MET C 318 -12.42 -2.00 23.93
C MET C 318 -11.58 -1.69 22.70
N LEU C 319 -11.75 -2.50 21.64
CA LEU C 319 -11.03 -2.22 20.39
C LEU C 319 -11.41 -0.86 19.82
N LYS C 320 -12.60 -0.37 20.14
CA LYS C 320 -13.07 0.91 19.62
C LYS C 320 -12.87 2.06 20.61
N GLY C 321 -12.20 1.82 21.73
CA GLY C 321 -11.86 2.88 22.65
C GLY C 321 -12.92 3.23 23.66
N ASP C 322 -13.92 2.37 23.85
CA ASP C 322 -14.97 2.66 24.83
C ASP C 322 -14.43 2.65 26.25
N ASN C 323 -13.34 1.93 26.49
CA ASN C 323 -12.88 1.64 27.84
C ASN C 323 -11.96 2.74 28.37
N LEU C 324 -12.21 3.18 29.60
CA LEU C 324 -11.28 4.00 30.37
C LEU C 324 -10.75 3.11 31.48
N GLY C 325 -9.49 2.69 31.36
CA GLY C 325 -8.95 1.70 32.24
C GLY C 325 -9.14 0.30 31.71
N LYS C 326 -8.73 -0.68 32.52
CA LYS C 326 -8.76 -2.07 32.08
C LYS C 326 -10.19 -2.53 31.83
N THR C 327 -10.41 -3.15 30.67
CA THR C 327 -11.71 -3.71 30.33
C THR C 327 -11.90 -5.05 31.02
N ILE C 328 -12.98 -5.18 31.77
CA ILE C 328 -13.23 -6.35 32.61
C ILE C 328 -14.68 -6.77 32.43
N VAL C 329 -14.91 -8.08 32.37
CA VAL C 329 -16.25 -8.67 32.31
C VAL C 329 -16.52 -9.34 33.64
N LYS C 330 -17.52 -8.84 34.37
CA LYS C 330 -17.96 -9.49 35.60
C LYS C 330 -18.92 -10.61 35.24
N ALA C 331 -18.59 -11.83 35.63
CA ALA C 331 -19.44 -12.98 35.31
C ALA C 331 -20.82 -12.81 35.92
N SER D 4 46.23 29.93 -7.76
CA SER D 4 45.83 28.53 -7.87
C SER D 4 44.43 28.42 -8.45
N MET D 5 44.20 27.39 -9.27
CA MET D 5 42.91 27.11 -9.85
C MET D 5 42.34 25.82 -9.26
N THR D 6 41.02 25.70 -9.34
CA THR D 6 40.34 24.53 -8.79
C THR D 6 39.12 24.19 -9.65
N LYS D 7 38.65 22.96 -9.50
CA LYS D 7 37.48 22.46 -10.20
C LYS D 7 36.54 21.87 -9.16
N THR D 8 35.25 22.17 -9.31
CA THR D 8 34.27 21.84 -8.28
C THR D 8 32.98 21.36 -8.92
N TRP D 9 32.46 20.23 -8.45
CA TRP D 9 31.15 19.74 -8.85
C TRP D 9 30.09 20.34 -7.93
N THR D 10 29.07 20.95 -8.54
CA THR D 10 27.98 21.57 -7.81
C THR D 10 26.66 20.89 -8.16
N LEU D 11 25.69 21.02 -7.27
CA LEU D 11 24.34 20.51 -7.50
C LEU D 11 23.58 21.54 -8.32
N LYS D 12 23.42 21.28 -9.61
CA LYS D 12 22.65 22.20 -10.45
C LYS D 12 21.16 22.09 -10.15
N LYS D 13 20.65 20.88 -10.02
CA LYS D 13 19.23 20.64 -9.79
C LYS D 13 19.05 19.57 -8.73
N HIS D 14 18.05 19.76 -7.87
CA HIS D 14 17.73 18.73 -6.89
C HIS D 14 17.29 17.45 -7.59
N PHE D 15 17.71 16.32 -7.06
CA PHE D 15 17.48 15.05 -7.71
C PHE D 15 15.99 14.68 -7.72
N VAL D 16 15.57 14.08 -8.82
CA VAL D 16 14.25 13.46 -8.93
C VAL D 16 14.50 12.00 -9.31
N GLY D 17 14.23 11.10 -8.37
CA GLY D 17 14.66 9.72 -8.56
C GLY D 17 16.17 9.64 -8.44
N TYR D 18 16.77 8.79 -9.28
CA TYR D 18 18.22 8.70 -9.29
C TYR D 18 18.83 10.01 -9.84
N PRO D 19 20.01 10.40 -9.36
CA PRO D 19 20.69 11.53 -9.98
C PRO D 19 21.02 11.26 -11.44
N THR D 20 20.95 12.30 -12.25
CA THR D 20 21.28 12.22 -13.66
C THR D 20 22.40 13.20 -13.97
N ASN D 21 23.04 13.01 -15.12
CA ASN D 21 24.21 13.79 -15.47
C ASN D 21 23.89 15.30 -15.45
N SER D 22 22.69 15.67 -15.90
CA SER D 22 22.34 17.08 -15.98
C SER D 22 22.16 17.73 -14.61
N ASP D 23 22.00 16.93 -13.55
CA ASP D 23 21.84 17.50 -12.22
C ASP D 23 23.13 18.05 -11.64
N PHE D 24 24.26 17.87 -12.31
CA PHE D 24 25.55 18.34 -11.82
C PHE D 24 26.14 19.34 -12.81
N GLU D 25 26.93 20.27 -12.28
CA GLU D 25 27.57 21.30 -13.09
C GLU D 25 28.99 21.50 -12.59
N LEU D 26 29.96 21.38 -13.50
CA LEU D 26 31.37 21.57 -13.16
C LEU D 26 31.72 23.05 -13.30
N LYS D 27 32.38 23.60 -12.28
CA LYS D 27 32.75 25.01 -12.22
C LYS D 27 34.24 25.12 -11.94
N THR D 28 34.91 25.98 -12.69
CA THR D 28 36.33 26.25 -12.50
C THR D 28 36.49 27.65 -11.91
N SER D 29 37.15 27.74 -10.77
CA SER D 29 37.34 29.00 -10.06
C SER D 29 38.82 29.15 -9.70
N GLU D 30 39.18 30.37 -9.31
CA GLU D 30 40.54 30.70 -8.90
C GLU D 30 40.56 30.91 -7.39
N LEU D 31 41.32 30.07 -6.69
CA LEU D 31 41.39 30.17 -5.25
C LEU D 31 42.25 31.36 -4.83
N PRO D 32 42.00 31.93 -3.65
CA PRO D 32 42.80 33.06 -3.17
C PRO D 32 44.16 32.61 -2.67
N PRO D 33 45.10 33.53 -2.51
CA PRO D 33 46.40 33.16 -1.92
C PRO D 33 46.24 32.69 -0.48
N LEU D 34 47.29 32.02 0.01
CA LEU D 34 47.28 31.46 1.35
C LEU D 34 47.52 32.53 2.40
N LYS D 35 46.88 32.36 3.55
CA LYS D 35 47.14 33.14 4.74
C LYS D 35 47.90 32.28 5.75
N ASN D 36 48.16 32.86 6.93
CA ASN D 36 48.84 32.12 7.98
C ASN D 36 48.03 30.88 8.36
N GLY D 37 48.74 29.78 8.59
CA GLY D 37 48.12 28.55 9.02
C GLY D 37 47.32 27.83 7.96
N GLU D 38 47.27 28.35 6.73
CA GLU D 38 46.50 27.74 5.66
C GLU D 38 47.39 26.92 4.74
N VAL D 39 46.79 25.92 4.08
CA VAL D 39 47.48 25.05 3.15
C VAL D 39 46.59 24.86 1.92
N LEU D 40 47.23 24.51 0.81
CA LEU D 40 46.54 24.15 -0.42
C LEU D 40 46.59 22.65 -0.59
N LEU D 41 45.42 22.03 -0.76
CA LEU D 41 45.29 20.58 -0.83
C LEU D 41 44.97 20.17 -2.26
N GLU D 42 45.67 19.16 -2.76
CA GLU D 42 45.40 18.56 -4.05
C GLU D 42 44.82 17.17 -3.82
N ALA D 43 43.59 16.96 -4.29
CA ALA D 43 42.93 15.68 -4.09
C ALA D 43 43.65 14.58 -4.86
N LEU D 44 43.96 13.48 -4.17
CA LEU D 44 44.45 12.26 -4.80
C LEU D 44 43.32 11.26 -5.05
N PHE D 45 42.48 11.03 -4.05
CA PHE D 45 41.33 10.15 -4.18
C PHE D 45 40.12 10.81 -3.52
N LEU D 46 38.96 10.73 -4.16
CA LEU D 46 37.71 11.22 -3.62
C LEU D 46 36.73 10.07 -3.52
N THR D 47 35.86 10.13 -2.50
CA THR D 47 34.85 9.11 -2.31
C THR D 47 33.48 9.62 -2.69
N VAL D 48 32.65 8.72 -3.21
CA VAL D 48 31.22 8.94 -3.37
C VAL D 48 30.50 7.90 -2.53
N ASP D 49 29.46 8.32 -1.83
CA ASP D 49 28.81 7.50 -0.81
C ASP D 49 27.31 7.64 -0.92
N PRO D 50 26.55 6.60 -0.54
CA PRO D 50 25.09 6.68 -0.67
C PRO D 50 24.47 7.83 0.12
N TYR D 51 25.05 8.22 1.25
CA TYR D 51 24.43 9.26 2.06
C TYR D 51 24.33 10.58 1.30
N MET D 52 25.21 10.80 0.31
CA MET D 52 25.20 12.05 -0.44
C MET D 52 23.89 12.24 -1.18
N ARG D 53 23.24 11.16 -1.60
CA ARG D 53 21.95 11.28 -2.26
C ARG D 53 20.92 11.92 -1.33
N VAL D 54 21.01 11.64 -0.04
CA VAL D 54 20.04 12.16 0.92
C VAL D 54 20.46 13.54 1.44
N ALA D 55 21.75 13.74 1.70
CA ALA D 55 22.22 15.02 2.23
C ALA D 55 22.12 16.12 1.18
N ALA D 56 22.14 15.76 -0.11
CA ALA D 56 21.99 16.77 -1.16
C ALA D 56 20.62 17.41 -1.12
N LYS D 57 19.64 16.78 -0.47
CA LYS D 57 18.32 17.39 -0.33
C LYS D 57 18.35 18.61 0.58
N ARG D 58 19.33 18.71 1.47
CA ARG D 58 19.50 19.88 2.32
C ARG D 58 20.35 20.96 1.67
N LEU D 59 20.95 20.69 0.51
CA LEU D 59 21.75 21.69 -0.17
C LEU D 59 20.86 22.70 -0.88
N LYS D 60 21.41 23.90 -1.08
CA LYS D 60 20.83 24.88 -1.98
C LYS D 60 21.46 24.69 -3.36
N GLU D 61 20.63 24.81 -4.40
CA GLU D 61 21.14 24.64 -5.76
C GLU D 61 22.24 25.63 -6.04
N GLY D 62 23.34 25.14 -6.60
CA GLY D 62 24.56 25.89 -6.76
C GLY D 62 25.65 25.54 -5.78
N ASP D 63 25.29 24.89 -4.67
CA ASP D 63 26.25 24.52 -3.65
C ASP D 63 27.13 23.36 -4.13
N THR D 64 28.25 23.18 -3.43
CA THR D 64 29.17 22.10 -3.74
C THR D 64 28.69 20.80 -3.11
N MET D 65 28.80 19.71 -3.87
CA MET D 65 28.49 18.40 -3.32
C MET D 65 29.43 18.08 -2.16
N MET D 66 28.88 17.52 -1.10
CA MET D 66 29.67 17.17 0.07
C MET D 66 30.42 15.86 -0.18
N GLY D 67 31.50 15.66 0.57
CA GLY D 67 32.25 14.44 0.48
C GLY D 67 33.63 14.56 1.09
N GLN D 68 34.22 13.41 1.35
CA GLN D 68 35.57 13.29 1.88
C GLN D 68 36.56 12.97 0.76
N GLN D 69 37.84 13.16 1.05
CA GLN D 69 38.89 12.88 0.07
C GLN D 69 40.22 12.72 0.80
N VAL D 70 41.10 11.94 0.18
CA VAL D 70 42.51 11.94 0.54
C VAL D 70 43.21 13.00 -0.32
N ALA D 71 44.03 13.83 0.32
CA ALA D 71 44.68 14.94 -0.36
C ALA D 71 46.12 15.04 0.13
N LYS D 72 46.94 15.75 -0.65
CA LYS D 72 48.31 16.05 -0.28
C LYS D 72 48.53 17.56 -0.32
N VAL D 73 49.31 18.06 0.63
CA VAL D 73 49.63 19.48 0.66
C VAL D 73 50.60 19.80 -0.47
N VAL D 74 50.22 20.74 -1.34
CA VAL D 74 51.08 21.19 -2.43
C VAL D 74 51.63 22.59 -2.19
N GLU D 75 51.09 23.33 -1.24
CA GLU D 75 51.63 24.62 -0.82
C GLU D 75 51.24 24.83 0.63
N SER D 76 52.18 25.32 1.44
CA SER D 76 51.97 25.36 2.87
C SER D 76 52.48 26.66 3.46
N LYS D 77 51.65 27.28 4.30
CA LYS D 77 52.08 28.32 5.24
C LYS D 77 51.80 27.87 6.67
N ASN D 78 51.84 26.56 6.89
CA ASN D 78 51.60 25.94 8.20
C ASN D 78 52.70 24.92 8.42
N VAL D 79 53.57 25.17 9.40
CA VAL D 79 54.73 24.32 9.61
C VAL D 79 54.32 22.92 10.02
N ALA D 80 53.19 22.78 10.72
CA ALA D 80 52.73 21.45 11.12
C ALA D 80 52.26 20.62 9.94
N LEU D 81 51.98 21.25 8.79
CA LEU D 81 51.48 20.56 7.60
C LEU D 81 52.39 20.91 6.43
N PRO D 82 53.57 20.31 6.35
CA PRO D 82 54.48 20.59 5.23
C PRO D 82 53.97 19.99 3.92
N LYS D 83 54.51 20.51 2.83
CA LYS D 83 54.19 19.98 1.51
C LYS D 83 54.54 18.50 1.45
N GLY D 84 53.62 17.70 0.91
CA GLY D 84 53.77 16.26 0.83
C GLY D 84 52.96 15.50 1.86
N THR D 85 52.41 16.18 2.86
CA THR D 85 51.65 15.50 3.91
C THR D 85 50.33 15.00 3.36
N ILE D 86 49.98 13.77 3.71
CA ILE D 86 48.70 13.17 3.34
C ILE D 86 47.72 13.40 4.47
N VAL D 87 46.50 13.81 4.13
CA VAL D 87 45.46 14.08 5.11
C VAL D 87 44.10 13.71 4.54
N LEU D 88 43.16 13.43 5.44
CA LEU D 88 41.75 13.33 5.09
C LEU D 88 41.10 14.69 5.27
N ALA D 89 40.37 15.13 4.24
CA ALA D 89 39.66 16.39 4.28
C ALA D 89 38.33 16.23 3.57
N SER D 90 37.36 17.06 3.94
CA SER D 90 35.99 16.98 3.41
C SER D 90 35.57 18.33 2.83
N PRO D 91 36.31 18.86 1.86
CA PRO D 91 35.90 20.10 1.20
C PRO D 91 34.81 19.92 0.16
N GLY D 92 34.36 18.69 -0.08
CA GLY D 92 33.40 18.41 -1.13
C GLY D 92 34.07 17.92 -2.39
N TRP D 93 33.27 17.85 -3.45
CA TRP D 93 33.75 17.40 -4.76
C TRP D 93 34.55 18.53 -5.39
N THR D 94 35.83 18.60 -5.02
CA THR D 94 36.71 19.63 -5.54
C THR D 94 38.12 19.08 -5.67
N THR D 95 38.82 19.51 -6.73
CA THR D 95 40.17 19.02 -6.98
C THR D 95 41.20 19.71 -6.09
N HIS D 96 40.96 20.97 -5.73
CA HIS D 96 41.86 21.73 -4.87
C HIS D 96 41.05 22.55 -3.88
N SER D 97 41.61 22.76 -2.70
CA SER D 97 40.89 23.47 -1.66
C SER D 97 41.89 24.05 -0.67
N ILE D 98 41.44 25.10 0.03
CA ILE D 98 42.23 25.75 1.08
C ILE D 98 41.69 25.30 2.43
N SER D 99 42.59 25.00 3.36
CA SER D 99 42.24 24.56 4.69
C SER D 99 43.09 25.32 5.71
N ASP D 100 42.54 25.49 6.91
CA ASP D 100 43.25 26.17 7.99
C ASP D 100 43.92 25.19 8.95
N GLY D 101 43.71 23.88 8.79
CA GLY D 101 44.36 22.87 9.58
C GLY D 101 43.49 22.25 10.65
N LYS D 102 42.45 22.96 11.10
CA LYS D 102 41.65 22.46 12.22
C LYS D 102 40.87 21.21 11.85
N ASP D 103 40.34 21.16 10.63
CA ASP D 103 39.44 20.09 10.21
C ASP D 103 40.13 18.93 9.52
N LEU D 104 41.45 18.82 9.65
CA LEU D 104 42.21 17.78 8.95
C LEU D 104 42.54 16.63 9.89
N GLU D 105 42.65 15.44 9.32
CA GLU D 105 42.96 14.23 10.07
C GLU D 105 44.12 13.51 9.39
N LYS D 106 45.20 13.30 10.14
CA LYS D 106 46.31 12.50 9.63
C LYS D 106 45.91 11.03 9.57
N LEU D 107 46.53 10.31 8.64
CA LEU D 107 46.32 8.87 8.58
C LEU D 107 46.97 8.20 9.78
N LEU D 108 46.65 6.91 9.97
CA LEU D 108 47.32 6.12 10.99
C LEU D 108 48.83 6.24 10.81
N THR D 109 49.55 6.31 11.94
CA THR D 109 50.99 6.50 11.87
C THR D 109 51.69 5.31 11.25
N GLU D 110 51.15 4.10 11.44
CA GLU D 110 51.76 2.89 10.90
C GLU D 110 51.25 2.56 9.50
N TRP D 111 50.56 3.49 8.84
CA TRP D 111 50.04 3.23 7.52
C TRP D 111 51.18 2.88 6.57
N PRO D 112 51.22 1.67 6.00
CA PRO D 112 52.35 1.27 5.17
C PRO D 112 52.16 1.61 3.69
N ASP D 113 53.28 1.61 2.97
CA ASP D 113 53.26 1.83 1.54
C ASP D 113 52.72 0.61 0.78
N THR D 114 52.49 -0.52 1.46
CA THR D 114 52.07 -1.74 0.79
C THR D 114 50.57 -1.76 0.47
N ILE D 115 49.79 -0.83 0.99
CA ILE D 115 48.36 -0.78 0.69
C ILE D 115 48.02 0.57 0.06
N PRO D 116 47.06 0.64 -0.85
CA PRO D 116 46.75 1.93 -1.48
C PRO D 116 46.24 2.94 -0.46
N LEU D 117 46.60 4.21 -0.67
CA LEU D 117 46.08 5.28 0.17
C LEU D 117 44.56 5.30 0.17
N SER D 118 43.94 4.88 -0.93
CA SER D 118 42.49 4.98 -1.07
C SER D 118 41.73 4.09 -0.09
N LEU D 119 42.40 3.14 0.57
CA LEU D 119 41.71 2.37 1.60
C LEU D 119 41.30 3.23 2.78
N ALA D 120 41.90 4.41 2.93
CA ALA D 120 41.51 5.32 4.01
C ALA D 120 40.10 5.84 3.85
N LEU D 121 39.52 5.71 2.66
CA LEU D 121 38.13 6.09 2.40
C LEU D 121 37.19 4.88 2.40
N GLY D 122 37.72 3.68 2.61
CA GLY D 122 36.93 2.47 2.54
C GLY D 122 37.17 1.54 3.71
N THR D 123 37.82 0.40 3.45
CA THR D 123 37.93 -0.64 4.47
C THR D 123 38.63 -0.12 5.71
N VAL D 124 39.66 0.71 5.54
CA VAL D 124 40.36 1.31 6.67
C VAL D 124 39.95 2.78 6.74
N GLY D 125 38.65 3.03 6.70
CA GLY D 125 38.13 4.38 6.73
C GLY D 125 36.71 4.37 7.25
N MET D 126 35.91 5.30 6.78
CA MET D 126 34.55 5.44 7.31
C MET D 126 33.70 4.19 7.05
N PRO D 127 33.64 3.64 5.83
CA PRO D 127 32.79 2.45 5.64
C PRO D 127 33.26 1.24 6.43
N GLY D 128 34.58 1.06 6.57
CA GLY D 128 35.07 -0.04 7.39
C GLY D 128 34.70 0.14 8.84
N LEU D 129 34.74 1.37 9.34
CA LEU D 129 34.31 1.64 10.70
C LEU D 129 32.81 1.42 10.86
N THR D 130 32.04 1.69 9.81
CA THR D 130 30.60 1.45 9.88
C THR D 130 30.31 -0.03 10.02
N ALA D 131 31.00 -0.87 9.23
CA ALA D 131 30.82 -2.31 9.34
C ALA D 131 31.31 -2.81 10.71
N TYR D 132 32.43 -2.26 11.19
CA TYR D 132 33.02 -2.72 12.43
C TYR D 132 32.09 -2.49 13.62
N PHE D 133 31.69 -1.23 13.84
CA PHE D 133 30.84 -0.93 14.97
C PHE D 133 29.42 -1.45 14.77
N GLY D 134 28.92 -1.40 13.53
CA GLY D 134 27.58 -1.89 13.27
C GLY D 134 27.42 -3.37 13.59
N LEU D 135 28.45 -4.16 13.31
CA LEU D 135 28.38 -5.61 13.52
C LEU D 135 28.75 -6.00 14.94
N LEU D 136 29.85 -5.44 15.46
CA LEU D 136 30.39 -5.89 16.73
C LEU D 136 29.67 -5.28 17.92
N GLU D 137 29.11 -4.08 17.77
CA GLU D 137 28.42 -3.41 18.88
C GLU D 137 26.89 -3.48 18.71
N ILE D 138 26.37 -3.00 17.59
CA ILE D 138 24.92 -2.95 17.41
C ILE D 138 24.36 -4.36 17.27
N CYS D 139 24.89 -5.15 16.34
CA CYS D 139 24.50 -6.55 16.25
C CYS D 139 25.10 -7.38 17.39
N GLY D 140 26.24 -6.96 17.92
CA GLY D 140 26.84 -7.65 19.05
C GLY D 140 27.31 -9.05 18.75
N VAL D 141 27.90 -9.27 17.57
CA VAL D 141 28.35 -10.61 17.22
C VAL D 141 29.44 -11.06 18.18
N LYS D 142 29.30 -12.28 18.68
CA LYS D 142 30.34 -12.92 19.48
C LYS D 142 30.96 -14.11 18.76
N GLY D 143 30.35 -14.58 17.68
CA GLY D 143 30.82 -15.76 16.95
C GLY D 143 29.76 -16.83 16.92
N GLY D 144 29.56 -17.42 15.74
CA GLY D 144 28.61 -18.49 15.56
C GLY D 144 27.22 -18.07 15.12
N GLU D 145 26.92 -16.77 15.16
CA GLU D 145 25.61 -16.30 14.72
C GLU D 145 25.43 -16.52 13.23
N THR D 146 24.17 -16.62 12.81
CA THR D 146 23.79 -16.58 11.41
C THR D 146 23.42 -15.15 11.07
N VAL D 147 24.18 -14.54 10.16
CA VAL D 147 24.13 -13.11 9.89
C VAL D 147 23.63 -12.91 8.46
N MET D 148 22.57 -12.13 8.32
CA MET D 148 22.07 -11.72 7.01
C MET D 148 22.61 -10.31 6.74
N VAL D 149 23.33 -10.16 5.63
CA VAL D 149 23.85 -8.87 5.20
C VAL D 149 23.51 -8.69 3.73
N ASN D 150 22.85 -7.58 3.41
CA ASN D 150 22.55 -7.21 2.04
C ASN D 150 23.52 -6.13 1.60
N ALA D 151 23.50 -5.83 0.30
CA ALA D 151 24.59 -5.07 -0.31
C ALA D 151 25.94 -5.62 0.13
N ALA D 152 26.02 -6.96 0.16
CA ALA D 152 27.15 -7.65 0.78
C ALA D 152 28.43 -7.57 -0.05
N ALA D 153 28.35 -7.04 -1.27
CA ALA D 153 29.54 -6.83 -2.09
C ALA D 153 29.94 -5.37 -2.18
N GLY D 154 29.26 -4.49 -1.44
CA GLY D 154 29.63 -3.10 -1.37
C GLY D 154 30.71 -2.85 -0.32
N ALA D 155 31.02 -1.56 -0.13
CA ALA D 155 32.11 -1.20 0.77
C ALA D 155 31.83 -1.66 2.20
N VAL D 156 30.64 -1.33 2.70
CA VAL D 156 30.30 -1.68 4.08
C VAL D 156 29.97 -3.17 4.19
N GLY D 157 29.12 -3.66 3.28
CA GLY D 157 28.64 -5.03 3.41
C GLY D 157 29.72 -6.08 3.22
N SER D 158 30.69 -5.81 2.35
CA SER D 158 31.77 -6.78 2.15
C SER D 158 32.66 -6.86 3.38
N VAL D 159 32.84 -5.74 4.09
CA VAL D 159 33.61 -5.76 5.33
C VAL D 159 32.80 -6.44 6.43
N VAL D 160 31.49 -6.22 6.46
CA VAL D 160 30.64 -6.89 7.45
C VAL D 160 30.75 -8.40 7.30
N GLY D 161 30.57 -8.90 6.07
CA GLY D 161 30.58 -10.34 5.86
C GLY D 161 31.92 -10.98 6.20
N GLN D 162 33.02 -10.26 5.97
CA GLN D 162 34.34 -10.83 6.23
C GLN D 162 34.71 -10.76 7.71
N ILE D 163 34.29 -9.72 8.41
CA ILE D 163 34.47 -9.70 9.87
C ILE D 163 33.63 -10.81 10.50
N ALA D 164 32.43 -11.05 9.96
CA ALA D 164 31.62 -12.14 10.47
C ALA D 164 32.29 -13.48 10.26
N LYS D 165 32.90 -13.69 9.09
CA LYS D 165 33.55 -14.96 8.80
C LYS D 165 34.73 -15.19 9.74
N LEU D 166 35.52 -14.15 10.03
CA LEU D 166 36.65 -14.32 10.92
C LEU D 166 36.24 -14.44 12.38
N LYS D 167 35.00 -14.11 12.72
CA LYS D 167 34.45 -14.34 14.05
C LYS D 167 33.73 -15.68 14.16
N GLY D 168 33.71 -16.47 13.10
CA GLY D 168 33.08 -17.79 13.14
C GLY D 168 31.60 -17.81 12.82
N CYS D 169 31.06 -16.74 12.24
CA CYS D 169 29.65 -16.67 11.91
C CYS D 169 29.35 -17.33 10.56
N LYS D 170 28.09 -17.72 10.39
CA LYS D 170 27.56 -18.10 9.09
C LYS D 170 27.00 -16.83 8.43
N VAL D 171 27.36 -16.61 7.17
CA VAL D 171 27.02 -15.39 6.46
C VAL D 171 26.13 -15.73 5.26
N VAL D 172 24.95 -15.12 5.22
CA VAL D 172 24.06 -15.15 4.06
C VAL D 172 24.07 -13.74 3.47
N GLY D 173 24.55 -13.62 2.25
CA GLY D 173 24.75 -12.32 1.61
C GLY D 173 23.88 -12.17 0.38
N ALA D 174 23.31 -10.97 0.22
CA ALA D 174 22.50 -10.63 -0.94
C ALA D 174 23.23 -9.57 -1.77
N VAL D 175 23.29 -9.78 -3.08
CA VAL D 175 23.94 -8.87 -4.01
C VAL D 175 23.09 -8.76 -5.26
N GLY D 176 23.46 -7.81 -6.13
CA GLY D 176 22.66 -7.48 -7.30
C GLY D 176 23.19 -7.93 -8.64
N SER D 177 24.23 -8.78 -8.67
CA SER D 177 24.74 -9.27 -9.93
C SER D 177 25.38 -10.63 -9.74
N ASP D 178 25.43 -11.41 -10.82
CA ASP D 178 26.07 -12.72 -10.75
C ASP D 178 27.57 -12.60 -10.55
N GLU D 179 28.18 -11.51 -11.04
CA GLU D 179 29.60 -11.28 -10.78
C GLU D 179 29.85 -11.12 -9.28
N LYS D 180 28.97 -10.39 -8.59
CA LYS D 180 29.11 -10.22 -7.15
C LYS D 180 28.87 -11.53 -6.41
N VAL D 181 27.92 -12.34 -6.89
CA VAL D 181 27.69 -13.64 -6.29
C VAL D 181 28.97 -14.47 -6.35
N ALA D 182 29.63 -14.48 -7.51
CA ALA D 182 30.83 -15.30 -7.68
C ALA D 182 31.97 -14.78 -6.81
N TYR D 183 32.10 -13.47 -6.68
CA TYR D 183 33.20 -12.91 -5.88
C TYR D 183 33.04 -13.26 -4.40
N LEU D 184 31.81 -13.17 -3.88
CA LEU D 184 31.60 -13.46 -2.46
C LEU D 184 31.61 -14.96 -2.18
N GLN D 185 31.18 -15.78 -3.14
CA GLN D 185 31.32 -17.23 -2.99
C GLN D 185 32.79 -17.61 -2.93
N LYS D 186 33.62 -16.92 -3.72
CA LYS D 186 35.06 -17.18 -3.69
C LYS D 186 35.68 -16.76 -2.37
N LEU D 187 35.22 -15.63 -1.81
CA LEU D 187 35.72 -15.20 -0.51
C LEU D 187 35.40 -16.20 0.59
N GLY D 188 34.36 -17.02 0.41
CA GLY D 188 33.98 -18.01 1.40
C GLY D 188 32.66 -17.78 2.09
N PHE D 189 31.87 -16.81 1.64
CA PHE D 189 30.56 -16.58 2.25
C PHE D 189 29.71 -17.84 2.12
N ASP D 190 29.02 -18.18 3.21
CA ASP D 190 28.32 -19.46 3.28
C ASP D 190 27.25 -19.57 2.20
N VAL D 191 26.42 -18.54 2.08
CA VAL D 191 25.37 -18.47 1.08
C VAL D 191 25.40 -17.09 0.45
N VAL D 192 25.30 -17.02 -0.87
CA VAL D 192 25.28 -15.77 -1.60
C VAL D 192 24.31 -15.91 -2.76
N PHE D 193 23.38 -14.97 -2.89
CA PHE D 193 22.37 -15.03 -3.94
C PHE D 193 22.17 -13.66 -4.55
N ASN D 194 21.65 -13.65 -5.77
CA ASN D 194 21.33 -12.44 -6.50
C ASN D 194 19.87 -12.11 -6.23
N TYR D 195 19.64 -11.11 -5.36
CA TYR D 195 18.28 -10.78 -4.95
C TYR D 195 17.42 -10.27 -6.11
N LYS D 196 18.04 -9.86 -7.22
CA LYS D 196 17.27 -9.35 -8.35
C LYS D 196 16.64 -10.47 -9.16
N THR D 197 17.23 -11.67 -9.16
CA THR D 197 16.77 -12.75 -10.03
C THR D 197 16.03 -13.86 -9.31
N VAL D 198 15.98 -13.85 -7.98
CA VAL D 198 15.18 -14.83 -7.26
C VAL D 198 13.70 -14.59 -7.56
N GLU D 199 12.96 -15.68 -7.74
CA GLU D 199 11.52 -15.57 -7.97
C GLU D 199 10.76 -15.19 -6.71
N SER D 200 11.33 -15.44 -5.54
CA SER D 200 10.69 -15.11 -4.26
C SER D 200 11.78 -14.91 -3.22
N LEU D 201 11.88 -13.69 -2.68
CA LEU D 201 12.87 -13.43 -1.65
C LEU D 201 12.60 -14.22 -0.38
N GLU D 202 11.33 -14.45 -0.05
CA GLU D 202 11.02 -15.20 1.17
C GLU D 202 11.52 -16.65 1.04
N GLU D 203 11.23 -17.31 -0.08
CA GLU D 203 11.72 -18.66 -0.28
C GLU D 203 13.24 -18.72 -0.19
N THR D 204 13.92 -17.77 -0.85
CA THR D 204 15.38 -17.79 -0.89
C THR D 204 15.97 -17.69 0.52
N LEU D 205 15.45 -16.77 1.34
CA LEU D 205 15.96 -16.62 2.69
C LEU D 205 15.57 -17.81 3.58
N LYS D 206 14.43 -18.42 3.30
CA LYS D 206 13.98 -19.57 4.09
C LYS D 206 14.92 -20.76 3.89
N LYS D 207 15.32 -21.01 2.63
CA LYS D 207 16.17 -22.16 2.35
C LYS D 207 17.64 -21.87 2.64
N ALA D 208 18.05 -20.61 2.54
CA ALA D 208 19.42 -20.26 2.90
C ALA D 208 19.67 -20.48 4.39
N SER D 209 18.64 -20.33 5.22
CA SER D 209 18.75 -20.59 6.65
C SER D 209 17.38 -20.98 7.17
N PRO D 210 17.03 -22.27 7.09
CA PRO D 210 15.73 -22.70 7.67
C PRO D 210 15.61 -22.39 9.15
N ASP D 211 16.72 -22.16 9.84
CA ASP D 211 16.70 -21.89 11.28
C ASP D 211 16.35 -20.44 11.60
N GLY D 212 16.43 -19.55 10.63
CA GLY D 212 16.26 -18.13 10.85
C GLY D 212 17.57 -17.38 10.83
N TYR D 213 17.55 -16.17 11.37
CA TYR D 213 18.71 -15.29 11.38
C TYR D 213 18.89 -14.68 12.76
N ASP D 214 20.08 -14.84 13.33
CA ASP D 214 20.39 -14.24 14.62
C ASP D 214 20.58 -12.74 14.49
N CYS D 215 21.25 -12.30 13.42
CA CYS D 215 21.62 -10.91 13.24
C CYS D 215 21.28 -10.47 11.83
N TYR D 216 21.02 -9.18 11.67
CA TYR D 216 20.68 -8.59 10.39
C TYR D 216 21.43 -7.27 10.28
N PHE D 217 22.42 -7.21 9.39
CA PHE D 217 23.07 -5.95 9.06
C PHE D 217 22.37 -5.37 7.83
N ASP D 218 21.59 -4.31 8.05
CA ASP D 218 20.65 -3.82 7.05
C ASP D 218 21.23 -2.57 6.37
N ASN D 219 21.51 -2.69 5.08
CA ASN D 219 21.95 -1.58 4.25
C ASN D 219 20.89 -1.11 3.26
N VAL D 220 19.76 -1.81 3.17
CA VAL D 220 18.82 -1.67 2.05
C VAL D 220 17.47 -1.12 2.51
N GLY D 221 16.92 -1.69 3.58
CA GLY D 221 15.61 -1.25 4.02
C GLY D 221 14.51 -1.65 3.05
N GLY D 222 13.36 -1.02 3.24
CA GLY D 222 12.26 -1.21 2.31
C GLY D 222 11.65 -2.60 2.39
N GLU D 223 11.09 -3.05 1.26
CA GLU D 223 10.44 -4.35 1.22
C GLU D 223 11.42 -5.47 1.58
N PHE D 224 12.66 -5.37 1.10
CA PHE D 224 13.65 -6.40 1.41
C PHE D 224 13.71 -6.67 2.91
N SER D 225 13.77 -5.61 3.71
CA SER D 225 13.91 -5.78 5.15
C SER D 225 12.63 -6.31 5.78
N ASN D 226 11.48 -6.02 5.19
CA ASN D 226 10.24 -6.61 5.68
C ASN D 226 10.30 -8.14 5.59
N THR D 227 10.86 -8.67 4.51
CA THR D 227 10.99 -10.11 4.36
C THR D 227 11.97 -10.68 5.38
N VAL D 228 13.13 -10.02 5.57
CA VAL D 228 14.13 -10.49 6.51
C VAL D 228 13.56 -10.52 7.92
N ILE D 229 12.72 -9.55 8.27
CA ILE D 229 12.18 -9.49 9.62
C ILE D 229 11.29 -10.68 9.91
N GLY D 230 10.58 -11.17 8.90
CA GLY D 230 9.76 -12.36 9.07
C GLY D 230 10.54 -13.63 9.32
N GLN D 231 11.88 -13.57 9.27
CA GLN D 231 12.71 -14.74 9.46
C GLN D 231 13.79 -14.53 10.52
N MET D 232 13.66 -13.49 11.33
CA MET D 232 14.56 -13.29 12.46
C MET D 232 14.21 -14.24 13.59
N LYS D 233 15.22 -14.85 14.19
CA LYS D 233 15.02 -15.64 15.38
C LYS D 233 14.59 -14.75 16.54
N LYS D 234 14.00 -15.37 17.56
CA LYS D 234 13.58 -14.63 18.75
C LYS D 234 14.78 -13.92 19.37
N PHE D 235 14.56 -12.69 19.82
CA PHE D 235 15.58 -11.82 20.39
C PHE D 235 16.67 -11.46 19.37
N GLY D 236 16.38 -11.61 18.09
CA GLY D 236 17.36 -11.27 17.07
C GLY D 236 17.65 -9.79 17.06
N ARG D 237 18.86 -9.45 16.61
CA ARG D 237 19.34 -8.07 16.60
C ARG D 237 19.48 -7.58 15.17
N ILE D 238 19.07 -6.33 14.95
CA ILE D 238 19.13 -5.69 13.64
C ILE D 238 19.92 -4.40 13.80
N ALA D 239 20.98 -4.28 13.01
CA ALA D 239 21.71 -3.02 12.90
C ALA D 239 21.15 -2.26 11.70
N ILE D 240 20.50 -1.13 11.97
CA ILE D 240 19.92 -0.31 10.91
C ILE D 240 21.02 0.63 10.45
N CYS D 241 21.75 0.21 9.43
CA CYS D 241 22.88 0.96 8.90
C CYS D 241 22.44 1.92 7.79
N GLY D 242 21.70 1.43 6.80
CA GLY D 242 21.22 2.26 5.72
C GLY D 242 19.89 1.74 5.21
N ALA D 243 19.32 2.49 4.28
CA ALA D 243 18.05 2.13 3.65
C ALA D 243 18.09 2.58 2.18
N ILE D 244 19.08 2.08 1.43
CA ILE D 244 19.36 2.63 0.11
C ILE D 244 18.23 2.37 -0.88
N SER D 245 17.40 1.34 -0.66
CA SER D 245 16.28 1.11 -1.55
C SER D 245 15.25 2.23 -1.51
N THR D 246 15.39 3.18 -0.58
CA THR D 246 14.45 4.29 -0.44
C THR D 246 15.06 5.65 -0.77
N TYR D 247 16.39 5.74 -0.92
CA TYR D 247 17.03 7.05 -1.09
C TYR D 247 16.57 7.75 -2.36
N ASN D 248 16.27 6.99 -3.41
CA ASN D 248 15.91 7.56 -4.71
C ASN D 248 14.42 7.46 -4.99
N ARG D 249 13.59 7.38 -3.96
CA ARG D 249 12.16 7.21 -4.16
C ARG D 249 11.52 8.51 -4.64
N THR D 250 10.49 8.36 -5.46
CA THR D 250 9.65 9.48 -5.89
C THR D 250 8.29 9.48 -5.21
N GLY D 251 7.84 8.34 -4.69
CA GLY D 251 6.54 8.25 -4.05
C GLY D 251 6.65 7.89 -2.59
N PRO D 252 5.56 7.40 -2.01
CA PRO D 252 5.57 7.08 -0.58
C PRO D 252 6.44 5.88 -0.26
N LEU D 253 6.91 5.84 0.98
CA LEU D 253 7.68 4.69 1.44
C LEU D 253 6.81 3.44 1.40
N PRO D 254 7.43 2.26 1.22
CA PRO D 254 6.65 1.03 1.19
C PRO D 254 6.10 0.72 2.57
N PRO D 255 5.19 -0.26 2.68
CA PRO D 255 4.65 -0.62 4.00
C PRO D 255 5.77 -0.88 4.99
N GLY D 256 5.47 -0.67 6.27
CA GLY D 256 6.40 -0.99 7.32
C GLY D 256 6.41 -2.46 7.64
N PRO D 257 7.36 -2.87 8.47
CA PRO D 257 7.43 -4.28 8.83
C PRO D 257 6.20 -4.70 9.61
N PRO D 258 5.79 -5.96 9.50
CA PRO D 258 4.60 -6.41 10.21
C PRO D 258 4.81 -6.40 11.71
N PRO D 259 4.11 -5.53 12.44
CA PRO D 259 4.38 -5.43 13.89
C PRO D 259 4.08 -6.71 14.64
N GLU D 260 3.18 -7.55 14.13
CA GLU D 260 2.89 -8.82 14.78
C GLU D 260 4.16 -9.66 14.94
N ILE D 261 5.00 -9.68 13.91
CA ILE D 261 6.22 -10.48 13.95
C ILE D 261 7.27 -9.82 14.83
N VAL D 262 7.38 -8.49 14.76
CA VAL D 262 8.40 -7.79 15.53
C VAL D 262 8.18 -7.98 17.02
N ILE D 263 6.91 -7.97 17.45
CA ILE D 263 6.61 -8.11 18.87
C ILE D 263 6.78 -9.56 19.30
N TYR D 264 6.21 -10.50 18.54
CA TYR D 264 6.28 -11.91 18.91
C TYR D 264 7.73 -12.38 19.01
N GLN D 265 8.59 -11.92 18.11
CA GLN D 265 10.00 -12.29 18.11
C GLN D 265 10.85 -11.35 18.95
N GLU D 266 10.24 -10.35 19.59
CA GLU D 266 10.94 -9.48 20.54
C GLU D 266 12.26 -9.00 19.96
N LEU D 267 12.19 -8.45 18.76
CA LEU D 267 13.38 -8.05 18.03
C LEU D 267 13.98 -6.78 18.60
N ARG D 268 15.31 -6.74 18.66
CA ARG D 268 16.05 -5.54 19.00
C ARG D 268 16.59 -4.94 17.71
N MET D 269 16.35 -3.65 17.51
CA MET D 269 16.65 -2.98 16.25
C MET D 269 17.18 -1.59 16.60
N GLU D 270 18.45 -1.34 16.30
CA GLU D 270 19.08 -0.06 16.63
C GLU D 270 19.79 0.49 15.41
N ALA D 271 19.46 1.74 15.07
CA ALA D 271 20.19 2.47 14.03
C ALA D 271 21.37 3.20 14.65
N PHE D 272 22.30 3.60 13.79
CA PHE D 272 23.55 4.19 14.27
C PHE D 272 24.18 5.01 13.15
N VAL D 273 25.02 5.96 13.57
CA VAL D 273 25.90 6.71 12.67
C VAL D 273 27.33 6.43 13.09
N VAL D 274 28.21 6.27 12.10
CA VAL D 274 29.56 5.80 12.38
C VAL D 274 30.31 6.78 13.28
N TYR D 275 30.01 8.08 13.15
CA TYR D 275 30.74 9.10 13.90
C TYR D 275 30.36 9.14 15.37
N ARG D 276 29.42 8.31 15.82
CA ARG D 276 29.17 8.18 17.25
C ARG D 276 30.45 7.78 17.98
N TRP D 277 31.23 6.87 17.38
CA TRP D 277 32.46 6.37 18.01
C TRP D 277 33.61 7.31 17.66
N GLN D 278 34.29 7.80 18.69
CA GLN D 278 35.41 8.71 18.53
C GLN D 278 36.49 8.33 19.55
N GLY D 279 37.58 9.09 19.55
CA GLY D 279 38.60 8.89 20.56
C GLY D 279 39.17 7.48 20.51
N ASP D 280 39.25 6.85 21.68
CA ASP D 280 39.96 5.57 21.80
C ASP D 280 39.20 4.43 21.15
N ALA D 281 37.87 4.46 21.17
CA ALA D 281 37.10 3.41 20.52
C ALA D 281 37.30 3.44 19.00
N ARG D 282 37.30 4.65 18.42
CA ARG D 282 37.51 4.77 16.99
C ARG D 282 38.93 4.36 16.61
N GLN D 283 39.92 4.86 17.34
CA GLN D 283 41.31 4.51 17.05
C GLN D 283 41.53 3.01 17.12
N LYS D 284 40.92 2.35 18.11
CA LYS D 284 41.06 0.90 18.25
C LYS D 284 40.47 0.18 17.04
N ALA D 285 39.38 0.71 16.49
CA ALA D 285 38.76 0.07 15.33
C ALA D 285 39.63 0.25 14.08
N LEU D 286 40.17 1.44 13.87
CA LEU D 286 41.06 1.66 12.73
C LEU D 286 42.25 0.72 12.79
N LYS D 287 42.87 0.57 13.96
CA LYS D 287 44.01 -0.33 14.09
C LYS D 287 43.61 -1.77 13.76
N ASP D 288 42.45 -2.20 14.27
CA ASP D 288 42.01 -3.58 14.02
C ASP D 288 41.77 -3.81 12.54
N LEU D 289 41.16 -2.85 11.85
CA LEU D 289 40.88 -3.01 10.43
C LEU D 289 42.15 -3.09 9.61
N LEU D 290 43.15 -2.26 9.94
CA LEU D 290 44.43 -2.33 9.23
C LEU D 290 45.11 -3.67 9.47
N LYS D 291 45.05 -4.16 10.71
CA LYS D 291 45.67 -5.46 11.01
C LYS D 291 45.00 -6.58 10.21
N TRP D 292 43.67 -6.56 10.13
CA TRP D 292 42.96 -7.63 9.44
C TRP D 292 43.21 -7.60 7.94
N VAL D 293 43.42 -6.40 7.38
CA VAL D 293 43.77 -6.31 5.95
C VAL D 293 45.16 -6.88 5.71
N LEU D 294 46.11 -6.54 6.58
CA LEU D 294 47.48 -7.01 6.40
C LEU D 294 47.60 -8.51 6.63
N GLU D 295 46.73 -9.08 7.46
CA GLU D 295 46.74 -10.50 7.73
C GLU D 295 45.95 -11.32 6.72
N GLY D 296 45.28 -10.67 5.78
CA GLY D 296 44.49 -11.37 4.79
C GLY D 296 43.11 -11.77 5.23
N LYS D 297 42.72 -11.43 6.46
CA LYS D 297 41.38 -11.76 6.93
C LYS D 297 40.32 -10.89 6.27
N ILE D 298 40.67 -9.65 5.90
CA ILE D 298 39.80 -8.77 5.13
C ILE D 298 40.50 -8.49 3.81
N GLN D 299 40.00 -9.09 2.75
CA GLN D 299 40.46 -8.78 1.40
C GLN D 299 39.84 -7.47 0.96
N TYR D 300 40.64 -6.64 0.28
CA TYR D 300 40.17 -5.36 -0.22
C TYR D 300 40.02 -5.42 -1.73
N LYS D 301 38.89 -4.93 -2.23
CA LYS D 301 38.70 -4.70 -3.65
C LYS D 301 38.11 -3.32 -3.82
N GLU D 302 38.59 -2.59 -4.83
CA GLU D 302 38.14 -1.25 -5.11
C GLU D 302 37.54 -1.19 -6.51
N TYR D 303 36.54 -0.33 -6.66
CA TYR D 303 35.94 -0.02 -7.97
C TYR D 303 36.43 1.38 -8.33
N ILE D 304 37.49 1.44 -9.13
CA ILE D 304 38.19 2.68 -9.40
C ILE D 304 37.65 3.30 -10.68
N ILE D 305 37.19 4.54 -10.58
CA ILE D 305 36.81 5.36 -11.73
C ILE D 305 37.85 6.47 -11.86
N GLU D 306 38.50 6.53 -13.01
CA GLU D 306 39.60 7.45 -13.22
C GLU D 306 39.09 8.76 -13.82
N GLY D 307 39.47 9.88 -13.19
CA GLY D 307 39.12 11.19 -13.68
C GLY D 307 38.13 11.93 -12.79
N PHE D 308 38.53 13.10 -12.29
CA PHE D 308 37.62 13.93 -11.52
C PHE D 308 36.36 14.27 -12.30
N GLU D 309 36.48 14.39 -13.62
CA GLU D 309 35.33 14.75 -14.45
C GLU D 309 34.26 13.66 -14.44
N ASN D 310 34.60 12.44 -14.03
CA ASN D 310 33.67 11.33 -13.99
C ASN D 310 33.11 11.09 -12.59
N MET D 311 33.23 12.06 -11.70
CA MET D 311 32.80 11.84 -10.32
C MET D 311 31.28 11.72 -10.25
N PRO D 312 30.53 12.57 -10.96
CA PRO D 312 29.07 12.36 -11.00
C PRO D 312 28.71 10.97 -11.53
N ALA D 313 29.40 10.50 -12.57
CA ALA D 313 29.09 9.19 -13.13
C ALA D 313 29.40 8.08 -12.13
N ALA D 314 30.45 8.25 -11.33
CA ALA D 314 30.78 7.24 -10.32
C ALA D 314 29.73 7.21 -9.21
N PHE D 315 29.26 8.39 -8.79
CA PHE D 315 28.22 8.46 -7.77
C PHE D 315 26.93 7.81 -8.26
N MET D 316 26.55 8.07 -9.52
CA MET D 316 25.32 7.52 -10.05
C MET D 316 25.43 6.01 -10.26
N GLY D 317 26.56 5.54 -10.77
CA GLY D 317 26.74 4.11 -10.97
C GLY D 317 26.74 3.35 -9.66
N MET D 318 27.37 3.91 -8.63
CA MET D 318 27.38 3.26 -7.34
C MET D 318 25.97 3.07 -6.79
N LEU D 319 25.12 4.09 -6.94
CA LEU D 319 23.73 3.96 -6.52
C LEU D 319 23.00 2.87 -7.27
N LYS D 320 23.48 2.49 -8.46
CA LYS D 320 22.85 1.47 -9.28
C LYS D 320 23.57 0.13 -9.24
N GLY D 321 24.58 -0.02 -8.38
CA GLY D 321 25.21 -1.30 -8.18
C GLY D 321 26.34 -1.63 -9.13
N ASP D 322 26.86 -0.67 -9.88
CA ASP D 322 27.98 -0.95 -10.77
C ASP D 322 29.24 -1.35 -10.00
N ASN D 323 29.35 -0.95 -8.74
CA ASN D 323 30.61 -1.05 -8.02
C ASN D 323 30.73 -2.40 -7.32
N LEU D 324 31.90 -3.01 -7.47
CA LEU D 324 32.32 -4.18 -6.68
C LEU D 324 33.40 -3.68 -5.73
N GLY D 325 33.06 -3.55 -4.46
CA GLY D 325 33.96 -2.92 -3.50
C GLY D 325 33.72 -1.43 -3.42
N LYS D 326 34.59 -0.76 -2.68
CA LYS D 326 34.43 0.67 -2.43
C LYS D 326 34.60 1.47 -3.72
N THR D 327 33.64 2.34 -4.00
CA THR D 327 33.73 3.21 -5.17
C THR D 327 34.67 4.37 -4.88
N ILE D 328 35.67 4.54 -5.74
CA ILE D 328 36.72 5.54 -5.56
C ILE D 328 36.89 6.30 -6.87
N VAL D 329 37.09 7.60 -6.78
CA VAL D 329 37.41 8.45 -7.93
C VAL D 329 38.88 8.85 -7.83
N LYS D 330 39.67 8.39 -8.78
CA LYS D 330 41.09 8.76 -8.84
C LYS D 330 41.22 10.11 -9.52
N ALA D 331 41.68 11.12 -8.78
CA ALA D 331 41.83 12.45 -9.34
C ALA D 331 42.80 12.42 -10.53
C ACT E . 0.98 -8.74 -19.26
O ACT E . 1.69 -8.13 -20.08
OXT ACT E . -0.12 -9.27 -19.48
CH3 ACT E . 1.55 -8.82 -17.82
C IMN F . 2.69 -2.53 -23.71
C1 IMN F . 1.88 -1.41 -23.42
C2 IMN F . 1.75 -1.03 -22.09
C3 IMN F . 2.39 -1.74 -21.08
C4 IMN F . 3.19 -2.84 -21.39
C5 IMN F . 3.35 -3.24 -22.71
C6 IMN F . 0.90 -0.82 -19.43
C7 IMN F . 1.35 -0.90 -24.68
C8 IMN F . 1.84 -1.68 -25.72
C9 IMN F . 3.42 -3.75 -25.84
C10 IMN F . 3.32 -3.95 -27.30
C11 IMN F . 2.30 -4.75 -27.81
C12 IMN F . 2.19 -4.98 -29.17
C13 IMN F . 3.11 -4.41 -30.00
C14 IMN F . 4.15 -3.61 -29.54
C15 IMN F . 4.26 -3.39 -28.16
C16 IMN F . 1.56 -1.53 -27.18
C17 IMN F . 0.46 0.28 -24.91
C18 IMN F . 1.11 1.53 -24.33
N IMN F . 2.69 -2.73 -25.12
O IMN F . 2.19 -1.29 -19.78
O1 IMN F . 4.07 -4.54 -25.16
O2 IMN F . 1.82 2.21 -25.11
O3 IMN F . 0.89 1.79 -23.13
CL IMN F . 2.91 -4.72 -31.69
PA NAP G . 4.60 11.20 -24.02
O1A NAP G . 3.37 11.75 -23.36
O2A NAP G . 5.17 11.82 -25.25
O5B NAP G . 5.74 11.14 -22.84
C5B NAP G . 5.38 10.69 -21.55
C4B NAP G . 4.89 11.90 -20.78
O4B NAP G . 4.21 11.50 -19.58
C3B NAP G . 6.02 12.84 -20.31
O3B NAP G . 6.34 13.83 -21.25
C2B NAP G . 5.44 13.46 -19.03
O2B NAP G . 4.81 14.64 -19.41
C1B NAP G . 4.38 12.44 -18.57
N9A NAP G . 4.67 11.81 -17.29
C8A NAP G . 5.77 11.07 -16.88
N7A NAP G . 5.67 10.66 -15.64
C5A NAP G . 4.48 11.15 -15.20
C6A NAP G . 3.79 11.07 -13.98
N6A NAP G . 4.28 10.42 -12.92
N1A NAP G . 2.60 11.68 -13.87
C2A NAP G . 2.11 12.32 -14.92
N3A NAP G . 2.66 12.48 -16.12
C4A NAP G . 3.85 11.86 -16.21
O3 NAP G . 4.42 9.61 -24.37
PN NAP G . 3.41 8.90 -25.45
O1N NAP G . 4.13 7.94 -26.32
O2N NAP G . 2.54 9.99 -25.96
O5D NAP G . 2.52 7.97 -24.41
C5D NAP G . 1.51 8.55 -23.64
C4D NAP G . 0.78 7.53 -22.79
O4D NAP G . -0.03 6.74 -23.68
C3D NAP G . 1.65 6.55 -22.02
O3D NAP G . 0.98 6.20 -20.84
C2D NAP G . 1.70 5.35 -22.98
O2D NAP G . 1.93 4.12 -22.38
C1D NAP G . 0.28 5.42 -23.54
N1N NAP G . 0.12 4.71 -24.85
C2N NAP G . -0.84 3.79 -24.98
C3N NAP G . -1.01 3.13 -26.18
C7N NAP G . -2.06 2.08 -26.34
O7N NAP G . -2.23 1.59 -27.44
N7N NAP G . -2.76 1.77 -25.25
C4N NAP G . -0.18 3.45 -27.25
C5N NAP G . 0.79 4.42 -27.08
C6N NAP G . 0.92 5.05 -25.86
P2B NAP G . 4.37 15.78 -18.18
O1X NAP G . 5.33 16.94 -18.37
O2X NAP G . 4.60 14.95 -16.93
O3X NAP G . 2.92 16.11 -18.51
C IMN H . -25.55 4.50 -3.56
C1 IMN H . -25.09 3.31 -4.20
C2 IMN H . -23.71 3.06 -4.16
C3 IMN H . -22.83 3.94 -3.53
C4 IMN H . -23.31 5.09 -2.92
C5 IMN H . -24.68 5.38 -2.93
C6 IMN H . -21.15 2.29 -3.10
C7 IMN H . -26.24 2.63 -4.77
C8 IMN H . -27.38 3.38 -4.47
C9 IMN H . -27.82 5.62 -3.22
C10 IMN H . -29.30 5.65 -3.40
C11 IMN H . -29.85 6.01 -4.63
C12 IMN H . -31.23 6.05 -4.80
C13 IMN H . -32.03 5.73 -3.72
C14 IMN H . -31.52 5.38 -2.49
C15 IMN H . -30.14 5.34 -2.33
C16 IMN H . -28.78 3.03 -4.87
C17 IMN H . -26.31 1.34 -5.52
C18 IMN H . -26.01 0.14 -4.59
N IMN H . -26.96 4.57 -3.71
O IMN H . -21.50 3.59 -3.54
O1 IMN H . -27.29 6.53 -2.61
O2 IMN H . -26.99 -0.47 -4.13
O3 IMN H . -24.80 -0.12 -4.39
CL IMN H . -33.75 5.79 -3.96
PA NAP I . -26.47 -9.25 -0.44
O1A NAP I . -25.44 -9.79 -1.39
O2A NAP I . -27.79 -9.93 -0.25
O5B NAP I . -25.72 -9.07 1.00
C5B NAP I . -24.39 -8.60 1.01
C4B NAP I . -23.50 -9.81 0.83
O4B NAP I . -22.16 -9.43 0.49
C3B NAP I . -23.38 -10.69 2.09
O3B NAP I . -24.36 -11.69 2.16
C2B NAP I . -21.98 -11.29 1.96
O2B NAP I . -22.15 -12.52 1.33
C1B NAP I . -21.24 -10.34 1.00
N9A NAP I . -20.10 -9.67 1.61
C8A NAP I . -20.02 -8.85 2.70
N7A NAP I . -18.82 -8.44 2.95
C5A NAP I . -18.05 -9.01 1.98
C6A NAP I . -16.68 -8.97 1.69
N6A NAP I . -15.82 -8.26 2.43
N1A NAP I . -16.22 -9.67 0.65
C2A NAP I . -17.09 -10.37 -0.08
N3A NAP I . -18.40 -10.49 0.09
C4A NAP I . -18.83 -9.79 1.14
O3 NAP I . -26.83 -7.69 -0.80
PN NAP I . -27.54 -7.15 -2.18
O1N NAP I . -28.66 -6.22 -1.91
O2N NAP I . -27.67 -8.37 -3.03
O5D NAP I . -26.29 -6.23 -2.78
C5D NAP I . -25.18 -6.86 -3.36
C4D NAP I . -24.16 -5.88 -3.90
O4D NAP I . -24.75 -5.21 -5.03
C3D NAP I . -23.71 -4.80 -2.93
O3D NAP I . -22.38 -4.50 -3.23
C2D NAP I . -24.63 -3.62 -3.31
O2D NAP I . -24.12 -2.35 -3.04
C1D NAP I . -24.74 -3.85 -4.82
N1N NAP I . -25.96 -3.24 -5.42
C2N NAP I . -25.85 -2.36 -6.42
C3N NAP I . -26.96 -1.79 -7.00
C7N NAP I . -26.84 -0.79 -8.11
O7N NAP I . -27.81 -0.15 -8.45
N7N NAP I . -25.63 -0.69 -8.68
C4N NAP I . -28.21 -2.13 -6.51
C5N NAP I . -28.31 -3.05 -5.48
C6N NAP I . -27.17 -3.60 -4.94
P2B NAP I . -20.82 -13.65 1.38
O1X NAP I . -19.62 -12.76 1.68
O2X NAP I . -20.91 -14.22 -0.01
O3X NAP I . -21.18 -14.62 2.51
C1 GOL J . 9.25 1.48 15.68
O1 GOL J . 7.91 1.56 16.11
C2 GOL J . 9.31 0.96 14.26
O2 GOL J . 10.30 1.70 13.57
C3 GOL J . 9.61 -0.53 14.20
O3 GOL J . 8.38 -1.22 14.18
C IMN K . 0.15 -11.98 20.95
C1 IMN K . 0.61 -10.65 21.10
C2 IMN K . 0.66 -9.84 19.96
C3 IMN K . 0.28 -10.34 18.70
C4 IMN K . -0.17 -11.66 18.59
C5 IMN K . -0.22 -12.49 19.70
C6 IMN K . -0.21 -8.20 17.74
C7 IMN K . 0.93 -10.44 22.52
C8 IMN K . 0.66 -11.64 23.19
C9 IMN K . -0.21 -13.98 22.50
C10 IMN K . -0.16 -14.64 23.84
C11 IMN K . 0.89 -15.50 24.16
C12 IMN K . 0.93 -16.14 25.38
C13 IMN K . -0.09 -15.91 26.28
C14 IMN K . -1.15 -15.08 25.99
C15 IMN K . -1.19 -14.44 24.75
C16 IMN K . 0.85 -11.89 24.66
C17 IMN K . 1.43 -9.22 23.20
C18 IMN K . 0.42 -8.07 23.00
N IMN K . 0.19 -12.62 22.22
O IMN K . 0.36 -9.48 17.62
O1 IMN K . -0.58 -14.65 21.55
O2 IMN K . -0.58 -8.07 23.74
O3 IMN K . 0.70 -7.22 22.13
CL IMN K . 0.00 -16.73 27.81
PA NAP L . -6.29 -0.84 26.20
O1A NAP L . -5.35 0.27 25.83
O2A NAP L . -6.91 -0.93 27.56
O5B NAP L . -7.46 -0.83 25.06
C5B NAP L . -7.11 -0.59 23.72
C4B NAP L . -7.09 0.92 23.53
O4B NAP L . -6.37 1.27 22.35
C3B NAP L . -8.50 1.54 23.38
O3B NAP L . -9.07 1.92 24.60
C2B NAP L . -8.23 2.74 22.48
O2B NAP L . -8.01 3.83 23.32
C1B NAP L . -6.93 2.39 21.74
N9A NAP L . -7.11 2.21 20.31
C8A NAP L . -7.93 1.36 19.60
N7A NAP L . -7.82 1.49 18.31
C5A NAP L . -6.88 2.47 18.14
C6A NAP L . -6.31 3.07 17.00
N6A NAP L . -6.65 2.73 15.76
N1A NAP L . -5.39 4.02 17.19
C2A NAP L . -5.05 4.37 18.43
N3A NAP L . -5.51 3.88 19.57
C4A NAP L . -6.42 2.93 19.36
O3 NAP L . -5.60 -2.30 25.95
PN NAP L . -4.30 -2.92 26.73
O1N NAP L . -4.55 -4.32 27.19
O2N NAP L . -3.88 -1.83 27.66
O5D NAP L . -3.22 -3.02 25.50
C5D NAP L . -2.57 -1.86 25.05
C4D NAP L . -1.56 -2.13 23.95
O4D NAP L . -0.48 -2.88 24.53
C3D NAP L . -2.09 -2.98 22.81
O3D NAP L . -1.40 -2.60 21.63
C2D NAP L . -1.66 -4.39 23.23
O2D NAP L . -1.48 -5.30 22.18
C1D NAP L . -0.33 -4.08 23.90
N1N NAP L . 0.10 -5.13 24.87
C2N NAP L . 1.29 -5.71 24.74
C3N NAP L . 1.72 -6.68 25.62
C7N NAP L . 3.05 -7.32 25.47
O7N NAP L . 3.42 -8.13 26.31
N7N NAP L . 3.77 -6.96 24.40
C4N NAP L . 0.87 -7.05 26.66
C5N NAP L . -0.36 -6.44 26.78
C6N NAP L . -0.73 -5.47 25.88
P2B NAP L . -8.05 5.42 22.64
O1X NAP L . -9.30 6.06 23.20
O2X NAP L . -8.10 5.06 21.16
O3X NAP L . -6.75 6.05 23.12
C IMN M . 23.41 10.86 6.71
C1 IMN M . 23.29 9.46 6.53
C2 IMN M . 22.09 8.99 5.99
C3 IMN M . 21.06 9.88 5.64
C4 IMN M . 21.22 11.25 5.84
C5 IMN M . 22.39 11.74 6.37
C6 IMN M . 19.88 8.11 4.55
C7 IMN M . 24.54 8.84 7.00
C8 IMN M . 25.39 9.88 7.44
C9 IMN M . 25.14 12.48 7.53
C10 IMN M . 26.38 12.78 8.21
C11 IMN M . 26.49 12.44 9.55
C12 IMN M . 27.61 12.74 10.28
C13 IMN M . 28.62 13.42 9.65
C14 IMN M . 28.56 13.81 8.32
C15 IMN M . 27.39 13.50 7.58
C16 IMN M . 26.77 9.70 8.00
C17 IMN M . 24.96 7.40 7.03
C18 IMN M . 24.85 6.76 5.64
N IMN M . 24.66 11.15 7.26
O IMN M . 19.89 9.38 5.11
O1 IMN M . 24.36 13.39 7.33
O2 IMN M . 25.91 6.61 5.00
O3 IMN M . 23.70 6.43 5.25
CL IMN M . 30.02 13.76 10.62
PA NAP N . 27.93 0.32 -1.49
O1A NAP N . 27.21 -0.84 -0.88
O2A NAP N . 29.36 0.24 -1.89
O5B NAP N . 27.02 0.79 -2.77
C5B NAP N . 25.61 0.81 -2.66
C4B NAP N . 25.12 -0.58 -3.07
O4B NAP N . 23.75 -0.77 -2.72
C3B NAP N . 25.22 -0.83 -4.59
O3B NAP N . 26.46 -1.33 -5.00
C2B NAP N . 24.08 -1.83 -4.82
O2B NAP N . 24.66 -3.10 -4.71
C1B NAP N . 23.12 -1.62 -3.65
N9A NAP N . 21.79 -1.12 -4.01
C8A NAP N . 21.42 -0.03 -4.75
N7A NAP N . 20.14 0.09 -4.88
C5A NAP N . 19.61 -0.97 -4.20
C6A NAP N . 18.30 -1.41 -3.96
N6A NAP N . 17.22 -0.76 -4.42
N1A NAP N . 18.13 -2.52 -3.23
C2A NAP N . 19.20 -3.16 -2.78
N3A NAP N . 20.47 -2.85 -2.93
C4A NAP N . 20.63 -1.74 -3.65
O3 NAP N . 27.82 1.66 -0.52
PN NAP N . 28.35 1.81 1.01
O1N NAP N . 29.13 3.08 1.20
O2N NAP N . 28.88 0.46 1.33
O5D NAP N . 26.93 2.03 1.80
C5D NAP N . 26.00 0.98 1.89
C4D NAP N . 24.78 1.32 2.74
O4D NAP N . 25.23 1.64 4.07
C3D NAP N . 23.98 2.52 2.26
O3D NAP N . 22.64 2.31 2.64
C2D NAP N . 24.59 3.66 3.08
O2D NAP N . 23.77 4.75 3.31
C1D NAP N . 24.85 2.92 4.40
N1N NAP N . 25.88 3.56 5.25
C2N NAP N . 25.58 3.86 6.52
C3N NAP N . 26.51 4.46 7.34
C7N NAP N . 26.16 4.78 8.75
O7N NAP N . 25.04 4.49 9.16
N7N NAP N . 27.09 5.39 9.48
C4N NAP N . 27.77 4.73 6.82
C5N NAP N . 28.06 4.41 5.51
C6N NAP N . 27.10 3.81 4.73
P2B NAP N . 23.76 -4.45 -5.30
O1X NAP N . 22.33 -3.92 -5.35
O2X NAP N . 24.05 -5.47 -4.22
O3X NAP N . 24.35 -4.74 -6.67
#